data_4U1Q
#
_entry.id   4U1Q
#
_cell.length_a   93.304
_cell.length_b   112.783
_cell.length_c   143.139
_cell.angle_alpha   90.00
_cell.angle_beta   90.00
_cell.angle_gamma   90.00
#
_symmetry.space_group_name_H-M   'P 21 21 21'
#
loop_
_entity.id
_entity.type
_entity.pdbx_description
1 polymer SibL
2 non-polymer '(2S)-2-amino-4-(2-amino-3-hydroxyphenyl)-4-oxobutanoic acid'
3 non-polymer S-ADENOSYL-L-HOMOCYSTEINE
4 water water
#
_entity_poly.entity_id   1
_entity_poly.type   'polypeptide(L)'
_entity_poly.pdbx_seq_one_letter_code
;MSSELSALVPVLFGHAAFQQLNAGCQLGLFELLHERGPLSAEEVADALRLPRRSADILLLGTTALGLSTVTDGGYRNGAP
IGAAFRDGLWPVLRDIVQYQDKIAYQPAADYVESLRTGQNAGIRHFPGTTRDLYSRLAAVPGLEELFYRGMHAWSQLSNP
VLLAQPDFTRVHRVLDVGGGDAVNAVALARAHPSLRVTVLDRPGALEVARKTIAEAGLEERVRTHAADIFTDSYPAGHDC
VLFAHQLVIWSPEQNLTLLRKAYDAVEPGGRVLVFNAFTDDDRTGPLYAALDNVYFTTLPFRHSTIHRWADCESWLREAG
FTDVGRTAPPGWTPHGVVSGSRPRAAALEHHHHHH
;
_entity_poly.pdbx_strand_id   A,B,C,D
#
# COMPACT_ATOMS: atom_id res chain seq x y z
N GLU A 4 -23.31 5.78 -28.95
CA GLU A 4 -23.37 4.42 -28.41
C GLU A 4 -22.43 4.25 -27.20
N LEU A 5 -22.90 3.42 -26.28
CA LEU A 5 -22.19 3.06 -25.06
C LEU A 5 -20.86 2.39 -25.33
N SER A 6 -20.62 1.94 -26.55
CA SER A 6 -19.38 1.27 -26.87
C SER A 6 -18.18 2.20 -26.66
N ALA A 7 -18.40 3.50 -26.83
CA ALA A 7 -17.33 4.46 -26.62
C ALA A 7 -16.83 4.48 -25.17
N LEU A 8 -17.63 3.94 -24.25
CA LEU A 8 -17.24 3.94 -22.85
C LEU A 8 -16.10 2.95 -22.52
N VAL A 9 -15.88 1.97 -23.39
CA VAL A 9 -14.96 0.89 -23.05
C VAL A 9 -13.54 1.37 -22.70
N PRO A 10 -12.93 2.27 -23.51
CA PRO A 10 -11.58 2.68 -23.06
C PRO A 10 -11.55 3.62 -21.85
N VAL A 11 -12.72 4.03 -21.36
CA VAL A 11 -12.78 4.93 -20.21
C VAL A 11 -13.19 4.18 -18.95
N LEU A 12 -14.27 3.38 -19.05
CA LEU A 12 -14.73 2.51 -17.98
C LEU A 12 -13.65 1.51 -17.57
N PHE A 13 -12.80 1.14 -18.52
CA PHE A 13 -11.66 0.27 -18.26
C PHE A 13 -10.33 0.98 -18.46
N GLY A 14 -10.34 2.30 -18.37
CA GLY A 14 -9.16 3.10 -18.67
C GLY A 14 -7.99 2.78 -17.76
N HIS A 15 -8.25 2.56 -16.48
CA HIS A 15 -7.18 2.22 -15.54
C HIS A 15 -6.51 0.90 -15.93
N ALA A 16 -7.30 -0.01 -16.48
CA ALA A 16 -6.83 -1.32 -16.95
C ALA A 16 -6.02 -1.18 -18.24
N ALA A 17 -6.44 -0.27 -19.10
CA ALA A 17 -5.67 0.01 -20.31
C ALA A 17 -4.26 0.49 -19.91
N PHE A 18 -4.19 1.41 -18.96
CA PHE A 18 -2.90 1.86 -18.49
C PHE A 18 -2.10 0.68 -17.94
N GLN A 19 -2.75 -0.20 -17.17
CA GLN A 19 -2.03 -1.31 -16.56
C GLN A 19 -1.45 -2.25 -17.60
N GLN A 20 -2.13 -2.39 -18.73
CA GLN A 20 -1.57 -3.21 -19.80
C GLN A 20 -0.30 -2.60 -20.38
N LEU A 21 -0.30 -1.30 -20.64
CA LEU A 21 0.90 -0.59 -21.06
C LEU A 21 1.99 -0.71 -20.01
N ASN A 22 1.60 -0.44 -18.76
CA ASN A 22 2.48 -0.55 -17.59
C ASN A 22 3.19 -1.91 -17.54
N ALA A 23 2.41 -2.99 -17.63
CA ALA A 23 2.94 -4.34 -17.61
C ALA A 23 3.85 -4.66 -18.80
N GLY A 24 3.43 -4.24 -19.99
CA GLY A 24 4.25 -4.42 -21.19
C GLY A 24 5.63 -3.81 -21.01
N CYS A 25 5.67 -2.60 -20.45
CA CYS A 25 6.93 -1.91 -20.18
C CYS A 25 7.77 -2.61 -19.12
N GLN A 26 7.22 -2.73 -17.91
CA GLN A 26 7.97 -3.29 -16.78
C GLN A 26 8.46 -4.71 -17.03
N LEU A 27 7.67 -5.52 -17.71
CA LEU A 27 8.04 -6.92 -17.86
C LEU A 27 8.95 -7.12 -19.08
N GLY A 28 9.23 -6.04 -19.80
CA GLY A 28 10.20 -6.11 -20.89
C GLY A 28 9.64 -6.60 -22.22
N LEU A 29 8.31 -6.61 -22.36
CA LEU A 29 7.70 -7.10 -23.60
C LEU A 29 8.10 -6.28 -24.83
N PHE A 30 8.07 -4.96 -24.69
CA PHE A 30 8.26 -4.09 -25.85
C PHE A 30 9.72 -4.07 -26.30
N GLU A 31 10.65 -4.19 -25.36
CA GLU A 31 12.06 -4.33 -25.74
C GLU A 31 12.31 -5.68 -26.43
N LEU A 32 11.69 -6.72 -25.91
CA LEU A 32 11.79 -8.07 -26.47
C LEU A 32 11.29 -8.14 -27.91
N LEU A 33 10.09 -7.60 -28.14
CA LEU A 33 9.49 -7.63 -29.46
C LEU A 33 10.26 -6.74 -30.46
N HIS A 34 10.77 -5.62 -29.98
CA HIS A 34 11.61 -4.74 -30.80
C HIS A 34 12.83 -5.49 -31.32
N GLU A 35 13.57 -6.14 -30.42
CA GLU A 35 14.80 -6.81 -30.82
C GLU A 35 14.57 -8.15 -31.53
N ARG A 36 13.54 -8.89 -31.13
CA ARG A 36 13.41 -10.30 -31.54
C ARG A 36 12.12 -10.65 -32.28
N GLY A 37 11.25 -9.66 -32.51
CA GLY A 37 10.00 -9.94 -33.21
C GLY A 37 10.23 -10.48 -34.61
N PRO A 38 9.28 -11.30 -35.12
CA PRO A 38 8.08 -11.71 -34.40
C PRO A 38 8.36 -12.91 -33.48
N LEU A 39 7.61 -12.98 -32.38
CA LEU A 39 7.72 -14.10 -31.45
C LEU A 39 6.34 -14.70 -31.20
N SER A 40 6.30 -16.00 -30.96
CA SER A 40 5.05 -16.66 -30.57
C SER A 40 4.79 -16.42 -29.08
N ALA A 41 3.57 -16.69 -28.63
CA ALA A 41 3.22 -16.47 -27.22
C ALA A 41 4.14 -17.30 -26.30
N GLU A 42 4.45 -18.51 -26.73
CA GLU A 42 5.33 -19.39 -25.97
C GLU A 42 6.73 -18.81 -25.82
N GLU A 43 7.27 -18.28 -26.93
CA GLU A 43 8.60 -17.68 -26.89
C GLU A 43 8.62 -16.45 -25.99
N VAL A 44 7.51 -15.70 -25.99
CA VAL A 44 7.37 -14.53 -25.12
C VAL A 44 7.39 -14.95 -23.64
N ALA A 45 6.58 -15.95 -23.30
CA ALA A 45 6.51 -16.46 -21.94
C ALA A 45 7.88 -16.95 -21.45
N ASP A 46 8.58 -17.71 -22.29
CA ASP A 46 9.91 -18.20 -21.92
C ASP A 46 10.87 -17.06 -21.70
N ALA A 47 10.90 -16.12 -22.64
CA ALA A 47 11.84 -15.01 -22.59
C ALA A 47 11.58 -14.08 -21.41
N LEU A 48 10.31 -13.87 -21.07
CA LEU A 48 9.97 -12.91 -20.02
C LEU A 48 9.81 -13.58 -18.65
N ARG A 49 10.01 -14.91 -18.62
CA ARG A 49 9.85 -15.70 -17.42
C ARG A 49 8.46 -15.53 -16.84
N LEU A 50 7.45 -15.63 -17.71
CA LEU A 50 6.06 -15.59 -17.28
C LEU A 50 5.44 -16.97 -17.40
N PRO A 51 4.50 -17.32 -16.49
CA PRO A 51 3.64 -18.47 -16.78
C PRO A 51 2.92 -18.25 -18.11
N ARG A 52 2.63 -19.32 -18.85
CA ARG A 52 1.96 -19.19 -20.14
C ARG A 52 0.65 -18.40 -20.06
N ARG A 53 -0.17 -18.65 -19.04
CA ARG A 53 -1.43 -17.92 -18.86
C ARG A 53 -1.16 -16.43 -18.79
N SER A 54 -0.17 -16.05 -18.00
CA SER A 54 0.18 -14.65 -17.84
C SER A 54 0.60 -14.01 -19.16
N ALA A 55 1.42 -14.71 -19.93
CA ALA A 55 1.88 -14.19 -21.22
C ALA A 55 0.69 -13.99 -22.14
N ASP A 56 -0.25 -14.94 -22.15
CA ASP A 56 -1.45 -14.84 -22.99
C ASP A 56 -2.33 -13.65 -22.58
N ILE A 57 -2.51 -13.45 -21.28
CA ILE A 57 -3.28 -12.32 -20.76
C ILE A 57 -2.63 -10.99 -21.19
N LEU A 58 -1.33 -10.85 -20.95
CA LEU A 58 -0.58 -9.67 -21.33
C LEU A 58 -0.68 -9.43 -22.83
N LEU A 59 -0.44 -10.47 -23.62
CA LEU A 59 -0.39 -10.33 -25.06
C LEU A 59 -1.76 -10.00 -25.63
N LEU A 60 -2.81 -10.54 -25.02
CA LEU A 60 -4.17 -10.22 -25.43
C LEU A 60 -4.46 -8.74 -25.15
N GLY A 61 -4.00 -8.28 -24.00
CA GLY A 61 -4.16 -6.89 -23.59
C GLY A 61 -3.45 -5.92 -24.52
N THR A 62 -2.18 -6.17 -24.79
CA THR A 62 -1.42 -5.23 -25.61
C THR A 62 -1.91 -5.27 -27.07
N THR A 63 -2.33 -6.43 -27.54
CA THR A 63 -2.75 -6.57 -28.92
C THR A 63 -4.09 -5.88 -29.17
N ALA A 64 -5.06 -6.09 -28.28
CA ALA A 64 -6.35 -5.42 -28.39
C ALA A 64 -6.22 -3.90 -28.34
N LEU A 65 -5.23 -3.43 -27.58
CA LEU A 65 -4.97 -1.98 -27.47
C LEU A 65 -4.20 -1.45 -28.67
N GLY A 66 -3.63 -2.34 -29.47
CA GLY A 66 -2.80 -1.94 -30.60
C GLY A 66 -1.37 -1.60 -30.21
N LEU A 67 -0.96 -1.99 -29.00
CA LEU A 67 0.41 -1.77 -28.55
C LEU A 67 1.30 -2.88 -29.10
N SER A 68 0.67 -4.00 -29.42
CA SER A 68 1.35 -5.05 -30.18
C SER A 68 0.39 -5.50 -31.27
N THR A 69 0.92 -6.22 -32.25
CA THR A 69 0.13 -6.77 -33.34
C THR A 69 0.40 -8.26 -33.42
N VAL A 70 -0.56 -9.03 -33.91
CA VAL A 70 -0.35 -10.46 -34.09
C VAL A 70 -0.69 -10.89 -35.52
N THR A 71 0.22 -11.68 -36.11
CA THR A 71 -0.02 -12.26 -37.43
C THR A 71 0.37 -13.72 -37.38
N ASP A 72 -0.60 -14.61 -37.57
CA ASP A 72 -0.34 -16.06 -37.53
C ASP A 72 0.37 -16.46 -36.23
N GLY A 73 -0.12 -15.94 -35.10
CA GLY A 73 0.46 -16.27 -33.80
C GLY A 73 1.79 -15.63 -33.49
N GLY A 74 2.32 -14.84 -34.42
CA GLY A 74 3.59 -14.14 -34.22
C GLY A 74 3.39 -12.68 -33.86
N TYR A 75 4.05 -12.25 -32.79
CA TYR A 75 3.80 -10.93 -32.19
C TYR A 75 4.91 -9.92 -32.49
N ARG A 76 4.50 -8.71 -32.84
CA ARG A 76 5.43 -7.59 -33.00
C ARG A 76 4.88 -6.37 -32.27
N ASN A 77 5.72 -5.36 -32.09
CA ASN A 77 5.26 -4.09 -31.56
C ASN A 77 4.24 -3.47 -32.50
N GLY A 78 3.17 -2.88 -31.96
CA GLY A 78 2.22 -2.14 -32.76
C GLY A 78 2.74 -0.74 -33.05
N ALA A 79 2.01 -0.02 -33.92
CA ALA A 79 2.45 1.30 -34.40
C ALA A 79 2.88 2.31 -33.31
N PRO A 80 2.06 2.51 -32.25
CA PRO A 80 2.44 3.50 -31.24
C PRO A 80 3.74 3.15 -30.51
N ILE A 81 3.98 1.86 -30.25
CA ILE A 81 5.21 1.46 -29.60
C ILE A 81 6.39 1.49 -30.59
N GLY A 82 6.18 0.97 -31.78
CA GLY A 82 7.22 1.04 -32.81
C GLY A 82 7.67 2.46 -33.08
N ALA A 83 6.74 3.39 -33.06
CA ALA A 83 7.03 4.79 -33.35
C ALA A 83 7.92 5.39 -32.28
N ALA A 84 7.69 4.99 -31.03
CA ALA A 84 8.57 5.39 -29.91
C ALA A 84 10.02 4.93 -30.11
N PHE A 85 10.22 3.66 -30.45
CA PHE A 85 11.58 3.18 -30.69
C PHE A 85 12.19 3.91 -31.89
N ARG A 86 11.40 4.05 -32.95
CA ARG A 86 11.83 4.75 -34.15
C ARG A 86 12.41 6.12 -33.84
N ASP A 87 11.71 6.90 -33.02
CA ASP A 87 12.09 8.28 -32.79
C ASP A 87 13.05 8.41 -31.62
N GLY A 88 13.60 7.30 -31.16
CA GLY A 88 14.57 7.37 -30.06
C GLY A 88 13.93 7.68 -28.73
N LEU A 89 12.65 7.38 -28.59
CA LEU A 89 11.89 7.80 -27.41
C LEU A 89 11.54 6.63 -26.49
N TRP A 90 12.01 5.43 -26.80
CA TRP A 90 11.65 4.30 -25.94
C TRP A 90 12.10 4.47 -24.48
N PRO A 91 13.37 4.88 -24.24
CA PRO A 91 13.74 5.06 -22.83
C PRO A 91 12.90 6.13 -22.13
N VAL A 92 12.54 7.16 -22.87
CA VAL A 92 11.69 8.25 -22.38
C VAL A 92 10.29 7.74 -22.00
N LEU A 93 9.68 6.95 -22.89
CA LEU A 93 8.35 6.40 -22.64
C LEU A 93 8.36 5.42 -21.47
N ARG A 94 9.37 4.55 -21.44
CA ARG A 94 9.59 3.63 -20.32
C ARG A 94 9.60 4.36 -18.98
N ASP A 95 10.41 5.40 -18.88
CA ASP A 95 10.57 6.14 -17.64
C ASP A 95 9.32 6.94 -17.28
N ILE A 96 8.59 7.42 -18.29
CA ILE A 96 7.34 8.12 -18.04
C ILE A 96 6.25 7.13 -17.54
N VAL A 97 6.23 5.94 -18.10
CA VAL A 97 5.25 4.94 -17.67
C VAL A 97 5.57 4.54 -16.24
N GLN A 98 6.86 4.46 -15.89
CA GLN A 98 7.25 4.15 -14.51
C GLN A 98 6.83 5.25 -13.52
N TYR A 99 6.89 6.51 -13.97
CA TYR A 99 6.38 7.64 -13.18
C TYR A 99 4.87 7.54 -12.98
N GLN A 100 4.13 7.23 -14.05
CA GLN A 100 2.69 7.00 -13.92
C GLN A 100 2.42 5.93 -12.87
N ASP A 101 3.15 4.82 -12.97
CA ASP A 101 2.95 3.71 -12.06
C ASP A 101 3.28 4.09 -10.61
N LYS A 102 4.46 4.66 -10.39
CA LYS A 102 4.97 4.80 -9.02
C LYS A 102 4.49 6.08 -8.37
N ILE A 103 4.19 7.09 -9.17
CA ILE A 103 3.88 8.38 -8.62
C ILE A 103 2.41 8.76 -8.74
N ALA A 104 1.84 8.52 -9.92
CA ALA A 104 0.53 9.11 -10.26
C ALA A 104 -0.66 8.19 -10.00
N TYR A 105 -0.48 6.88 -10.19
CA TYR A 105 -1.63 6.00 -10.28
C TYR A 105 -2.46 5.97 -8.99
N GLN A 106 -1.83 5.69 -7.86
CA GLN A 106 -2.60 5.56 -6.62
C GLN A 106 -3.17 6.90 -6.12
N PRO A 107 -2.40 8.01 -6.19
CA PRO A 107 -3.00 9.31 -5.86
C PRO A 107 -4.15 9.74 -6.79
N ALA A 108 -4.23 9.17 -8.00
CA ALA A 108 -5.33 9.49 -8.91
C ALA A 108 -6.66 9.09 -8.29
N ALA A 109 -6.66 8.09 -7.40
CA ALA A 109 -7.89 7.68 -6.73
C ALA A 109 -8.43 8.76 -5.78
N ASP A 110 -7.60 9.73 -5.42
CA ASP A 110 -8.03 10.83 -4.56
C ASP A 110 -8.59 12.00 -5.36
N TYR A 111 -8.84 11.79 -6.66
CA TYR A 111 -9.34 12.82 -7.56
C TYR A 111 -10.66 13.45 -7.10
N VAL A 112 -11.65 12.61 -6.77
CA VAL A 112 -12.95 13.12 -6.33
C VAL A 112 -12.82 13.98 -5.06
N GLU A 113 -12.14 13.46 -4.05
CA GLU A 113 -11.86 14.23 -2.82
C GLU A 113 -11.13 15.53 -3.12
N SER A 114 -10.12 15.46 -4.00
CA SER A 114 -9.37 16.65 -4.41
C SER A 114 -10.27 17.71 -5.07
N LEU A 115 -11.17 17.26 -5.92
CA LEU A 115 -12.12 18.18 -6.58
C LEU A 115 -13.08 18.83 -5.58
N ARG A 116 -13.62 18.04 -4.66
CA ARG A 116 -14.59 18.55 -3.68
C ARG A 116 -13.99 19.58 -2.73
N THR A 117 -12.75 19.33 -2.30
CA THR A 117 -12.13 20.12 -1.24
C THR A 117 -11.19 21.19 -1.77
N GLY A 118 -10.84 21.14 -3.06
CA GLY A 118 -9.86 22.06 -3.59
C GLY A 118 -8.50 21.88 -2.94
N GLN A 119 -8.19 20.64 -2.60
CA GLN A 119 -6.89 20.26 -2.05
C GLN A 119 -6.26 19.22 -2.95
N ASN A 120 -4.93 19.14 -2.91
CA ASN A 120 -4.20 18.05 -3.54
C ASN A 120 -4.21 16.83 -2.61
N ALA A 121 -5.37 16.17 -2.50
CA ALA A 121 -5.57 15.13 -1.48
C ALA A 121 -4.73 13.89 -1.70
N GLY A 122 -4.30 13.63 -2.94
CA GLY A 122 -3.42 12.49 -3.21
C GLY A 122 -2.01 12.58 -2.65
N ILE A 123 -1.64 13.75 -2.10
CA ILE A 123 -0.30 13.91 -1.51
C ILE A 123 -0.14 12.99 -0.29
N ARG A 124 -1.25 12.45 0.20
CA ARG A 124 -1.23 11.60 1.38
C ARG A 124 -0.46 10.29 1.16
N HIS A 125 -0.29 9.89 -0.10
CA HIS A 125 0.45 8.66 -0.42
C HIS A 125 1.95 8.84 -0.19
N PHE A 126 2.36 10.06 0.13
CA PHE A 126 3.77 10.35 0.35
C PHE A 126 4.00 10.79 1.80
N PRO A 127 4.95 10.16 2.48
CA PRO A 127 5.29 10.52 3.87
C PRO A 127 5.64 12.01 3.98
N GLY A 128 5.22 12.65 5.07
CA GLY A 128 5.48 14.05 5.28
C GLY A 128 4.23 14.81 5.67
N THR A 129 4.35 16.12 5.84
CA THR A 129 3.26 16.95 6.32
C THR A 129 3.12 18.26 5.56
N THR A 130 4.08 18.55 4.69
CA THR A 130 4.04 19.80 3.94
C THR A 130 3.05 19.69 2.78
N ARG A 131 2.69 20.82 2.20
CA ARG A 131 1.52 20.88 1.31
C ARG A 131 1.86 20.88 -0.19
N ASP A 132 3.10 20.60 -0.51
CA ASP A 132 3.49 20.46 -1.91
C ASP A 132 4.30 19.17 -2.04
N LEU A 133 4.14 18.48 -3.16
CA LEU A 133 4.82 17.22 -3.38
C LEU A 133 6.35 17.31 -3.24
N TYR A 134 6.92 18.36 -3.79
CA TYR A 134 8.37 18.48 -3.95
C TYR A 134 9.10 18.50 -2.59
N SER A 135 8.51 19.17 -1.59
CA SER A 135 9.14 19.19 -0.25
C SER A 135 8.97 17.89 0.53
N ARG A 136 8.17 16.97 -0.01
CA ARG A 136 8.01 15.65 0.61
C ARG A 136 8.94 14.60 0.02
N LEU A 137 9.50 14.91 -1.15
CA LEU A 137 10.31 13.93 -1.89
C LEU A 137 11.49 13.36 -1.10
N ALA A 138 12.09 14.16 -0.22
CA ALA A 138 13.29 13.72 0.51
C ALA A 138 13.00 12.66 1.59
N ALA A 139 11.73 12.46 1.93
CA ALA A 139 11.38 11.61 3.07
C ALA A 139 11.48 10.12 2.77
N VAL A 140 11.63 9.76 1.50
CA VAL A 140 11.78 8.35 1.13
C VAL A 140 13.09 8.19 0.38
N PRO A 141 13.94 7.23 0.80
CA PRO A 141 15.22 6.99 0.12
C PRO A 141 15.02 6.66 -1.36
N GLY A 142 15.67 7.42 -2.24
CA GLY A 142 15.57 7.20 -3.68
C GLY A 142 14.37 7.86 -4.35
N LEU A 143 13.42 8.37 -3.57
CA LEU A 143 12.19 8.91 -4.15
C LEU A 143 12.44 10.19 -4.95
N GLU A 144 13.25 11.09 -4.40
CA GLU A 144 13.52 12.35 -5.10
C GLU A 144 14.26 12.07 -6.42
N GLU A 145 15.19 11.13 -6.40
CA GLU A 145 15.89 10.82 -7.63
C GLU A 145 14.94 10.12 -8.59
N LEU A 146 14.05 9.29 -8.05
CA LEU A 146 13.02 8.64 -8.85
C LEU A 146 12.09 9.67 -9.48
N PHE A 147 11.67 10.67 -8.72
CA PHE A 147 10.81 11.72 -9.25
C PHE A 147 11.46 12.38 -10.46
N TYR A 148 12.72 12.79 -10.31
CA TYR A 148 13.39 13.55 -11.36
C TYR A 148 13.74 12.70 -12.55
N ARG A 149 13.93 11.39 -12.35
CA ARG A 149 14.08 10.51 -13.49
C ARG A 149 12.82 10.61 -14.36
N GLY A 150 11.66 10.61 -13.71
CA GLY A 150 10.41 10.74 -14.40
C GLY A 150 10.25 12.10 -15.05
N MET A 151 10.49 13.16 -14.26
CA MET A 151 10.40 14.54 -14.75
C MET A 151 11.39 14.79 -15.91
N HIS A 152 12.60 14.26 -15.79
CA HIS A 152 13.61 14.38 -16.84
C HIS A 152 13.06 13.84 -18.16
N ALA A 153 12.43 12.67 -18.11
CA ALA A 153 11.81 12.07 -19.29
C ALA A 153 10.61 12.88 -19.82
N TRP A 154 9.75 13.38 -18.92
CA TRP A 154 8.64 14.24 -19.37
C TRP A 154 9.20 15.46 -20.16
N SER A 155 10.26 16.04 -19.62
CA SER A 155 10.91 17.18 -20.27
C SER A 155 11.54 16.80 -21.60
N GLN A 156 12.22 15.66 -21.68
CA GLN A 156 12.76 15.21 -22.96
C GLN A 156 11.66 15.04 -24.02
N LEU A 157 10.54 14.46 -23.60
CA LEU A 157 9.43 14.23 -24.52
C LEU A 157 8.88 15.56 -25.03
N SER A 158 8.79 16.54 -24.13
CA SER A 158 8.03 17.77 -24.39
C SER A 158 8.88 18.99 -24.82
N ASN A 159 10.16 19.00 -24.54
CA ASN A 159 10.91 20.23 -24.79
C ASN A 159 11.38 20.57 -26.24
N PRO A 160 11.12 19.72 -27.25
CA PRO A 160 11.49 20.20 -28.60
C PRO A 160 10.99 21.61 -28.94
N VAL A 161 9.75 21.92 -28.58
CA VAL A 161 9.22 23.26 -28.83
C VAL A 161 10.02 24.32 -28.06
N LEU A 162 10.54 23.97 -26.88
CA LEU A 162 11.37 24.90 -26.12
C LEU A 162 12.71 25.15 -26.82
N LEU A 163 13.38 24.08 -27.18
CA LEU A 163 14.71 24.18 -27.75
C LEU A 163 14.72 24.94 -29.07
N ALA A 164 13.63 24.84 -29.83
CA ALA A 164 13.53 25.45 -31.15
C ALA A 164 13.16 26.93 -31.07
N GLN A 165 12.96 27.42 -29.86
CA GLN A 165 12.59 28.81 -29.64
C GLN A 165 13.67 29.79 -30.13
N PRO A 166 13.29 30.75 -30.98
CA PRO A 166 14.25 31.67 -31.61
C PRO A 166 15.00 32.51 -30.58
N ASP A 167 14.32 32.82 -29.47
CA ASP A 167 14.89 33.65 -28.41
C ASP A 167 16.28 33.21 -27.98
N PHE A 168 16.54 31.91 -28.01
CA PHE A 168 17.80 31.39 -27.46
C PHE A 168 19.00 31.68 -28.35
N THR A 169 18.76 32.24 -29.53
CA THR A 169 19.87 32.72 -30.36
C THR A 169 20.17 34.19 -30.04
N ARG A 170 19.26 34.84 -29.30
CA ARG A 170 19.37 36.28 -29.03
C ARG A 170 19.65 36.62 -27.56
N VAL A 171 19.65 35.63 -26.68
CA VAL A 171 19.89 35.90 -25.26
C VAL A 171 21.20 35.24 -24.84
N HIS A 172 21.73 35.61 -23.68
CA HIS A 172 23.05 35.11 -23.27
C HIS A 172 23.02 34.32 -21.97
N ARG A 173 22.17 34.75 -21.04
CA ARG A 173 22.14 34.19 -19.69
C ARG A 173 20.72 33.85 -19.24
N VAL A 174 20.41 32.56 -19.16
CA VAL A 174 19.08 32.11 -18.81
C VAL A 174 18.96 31.70 -17.34
N LEU A 175 18.02 32.31 -16.62
CA LEU A 175 17.65 31.86 -15.29
C LEU A 175 16.48 30.86 -15.37
N ASP A 176 16.80 29.60 -15.11
CA ASP A 176 15.88 28.46 -15.22
C ASP A 176 15.16 28.29 -13.87
N VAL A 177 14.03 28.97 -13.70
CA VAL A 177 13.37 29.07 -12.39
C VAL A 177 12.58 27.80 -12.06
N GLY A 178 13.01 27.11 -11.01
CA GLY A 178 12.52 25.76 -10.71
C GLY A 178 12.99 24.77 -11.75
N GLY A 179 14.28 24.82 -12.08
CA GLY A 179 14.83 24.05 -13.18
C GLY A 179 15.08 22.59 -12.92
N GLY A 180 14.71 22.12 -11.72
CA GLY A 180 14.74 20.69 -11.44
C GLY A 180 16.12 20.08 -11.57
N ASP A 181 16.20 18.96 -12.28
CA ASP A 181 17.47 18.25 -12.40
C ASP A 181 18.31 18.78 -13.56
N ALA A 182 17.97 19.98 -14.05
CA ALA A 182 18.70 20.70 -15.13
C ALA A 182 18.51 20.08 -16.52
N VAL A 183 17.48 19.23 -16.69
CA VAL A 183 17.26 18.57 -17.97
C VAL A 183 17.14 19.57 -19.13
N ASN A 184 16.39 20.64 -18.92
CA ASN A 184 16.18 21.63 -19.97
C ASN A 184 17.34 22.62 -20.08
N ALA A 185 17.99 22.90 -18.96
CA ALA A 185 19.16 23.76 -18.95
C ALA A 185 20.26 23.11 -19.78
N VAL A 186 20.46 21.82 -19.57
CA VAL A 186 21.46 21.06 -20.31
C VAL A 186 21.10 20.92 -21.79
N ALA A 187 19.87 20.52 -22.10
CA ALA A 187 19.43 20.46 -23.50
C ALA A 187 19.61 21.79 -24.21
N LEU A 188 19.34 22.89 -23.52
CA LEU A 188 19.49 24.22 -24.08
C LEU A 188 20.95 24.56 -24.33
N ALA A 189 21.80 24.24 -23.36
CA ALA A 189 23.22 24.56 -23.44
C ALA A 189 23.92 23.75 -24.54
N ARG A 190 23.53 22.50 -24.71
CA ARG A 190 24.07 21.67 -25.79
C ARG A 190 23.66 22.22 -27.15
N ALA A 191 22.40 22.62 -27.27
CA ALA A 191 21.88 23.15 -28.53
C ALA A 191 22.40 24.56 -28.85
N HIS A 192 22.74 25.31 -27.80
CA HIS A 192 23.26 26.66 -27.96
C HIS A 192 24.60 26.82 -27.24
N PRO A 193 25.70 26.55 -27.96
CA PRO A 193 27.03 26.40 -27.37
C PRO A 193 27.59 27.60 -26.61
N SER A 194 27.00 28.78 -26.74
CA SER A 194 27.52 29.92 -25.99
C SER A 194 26.55 30.37 -24.89
N LEU A 195 25.38 29.75 -24.85
CA LEU A 195 24.38 30.04 -23.84
C LEU A 195 24.88 29.69 -22.43
N ARG A 196 24.64 30.57 -21.48
CA ARG A 196 24.85 30.26 -20.07
C ARG A 196 23.48 30.11 -19.39
N VAL A 197 23.38 29.19 -18.43
CA VAL A 197 22.12 28.96 -17.71
C VAL A 197 22.34 28.78 -16.21
N THR A 198 21.49 29.42 -15.43
CA THR A 198 21.42 29.22 -13.98
C THR A 198 20.18 28.41 -13.58
N VAL A 199 20.41 27.22 -13.05
CA VAL A 199 19.31 26.35 -12.63
C VAL A 199 18.99 26.66 -11.17
N LEU A 200 17.85 27.33 -10.95
CA LEU A 200 17.42 27.68 -9.61
C LEU A 200 16.36 26.69 -9.11
N ASP A 201 16.59 26.08 -7.95
CA ASP A 201 15.63 25.14 -7.36
C ASP A 201 15.94 24.92 -5.89
N ARG A 202 15.26 23.93 -5.29
CA ARG A 202 15.59 23.50 -3.93
C ARG A 202 16.95 22.78 -3.92
N PRO A 203 17.67 22.88 -2.79
CA PRO A 203 18.92 22.12 -2.59
C PRO A 203 18.81 20.65 -3.02
N GLY A 204 17.71 19.97 -2.67
CA GLY A 204 17.55 18.57 -2.99
C GLY A 204 17.47 18.28 -4.49
N ALA A 205 16.79 19.16 -5.22
CA ALA A 205 16.77 19.05 -6.68
C ALA A 205 18.15 19.33 -7.27
N LEU A 206 18.85 20.35 -6.75
CA LEU A 206 20.14 20.74 -7.32
C LEU A 206 21.20 19.66 -7.14
N GLU A 207 21.03 18.86 -6.09
CA GLU A 207 21.87 17.70 -5.86
C GLU A 207 21.71 16.72 -7.04
N VAL A 208 20.49 16.61 -7.58
CA VAL A 208 20.29 15.77 -8.75
C VAL A 208 20.80 16.50 -10.00
N ALA A 209 20.58 17.81 -10.07
CA ALA A 209 20.99 18.60 -11.22
C ALA A 209 22.51 18.54 -11.40
N ARG A 210 23.25 18.51 -10.29
CA ARG A 210 24.70 18.36 -10.33
C ARG A 210 25.14 17.17 -11.18
N LYS A 211 24.46 16.05 -11.06
CA LYS A 211 24.83 14.87 -11.82
C LYS A 211 24.47 14.99 -13.30
N THR A 212 23.32 15.57 -13.59
CA THR A 212 22.93 15.87 -14.95
C THR A 212 24.00 16.76 -15.62
N ILE A 213 24.40 17.79 -14.91
CA ILE A 213 25.35 18.76 -15.41
C ILE A 213 26.73 18.11 -15.61
N ALA A 214 27.15 17.33 -14.61
CA ALA A 214 28.44 16.64 -14.66
C ALA A 214 28.52 15.68 -15.85
N GLU A 215 27.49 14.86 -16.01
CA GLU A 215 27.51 13.85 -17.06
C GLU A 215 27.47 14.53 -18.46
N ALA A 216 27.05 15.80 -18.49
CA ALA A 216 27.03 16.55 -19.74
C ALA A 216 28.32 17.35 -19.94
N GLY A 217 29.15 17.42 -18.90
CA GLY A 217 30.39 18.17 -18.95
C GLY A 217 30.16 19.67 -19.06
N LEU A 218 29.02 20.14 -18.58
CA LEU A 218 28.67 21.55 -18.73
C LEU A 218 28.79 22.37 -17.44
N GLU A 219 29.68 21.95 -16.54
CA GLU A 219 29.96 22.68 -15.30
C GLU A 219 30.17 24.19 -15.50
N GLU A 220 30.83 24.56 -16.59
CA GLU A 220 31.20 25.95 -16.79
C GLU A 220 30.02 26.83 -17.19
N ARG A 221 29.21 26.33 -18.13
CA ARG A 221 28.12 27.15 -18.65
C ARG A 221 26.79 26.94 -17.90
N VAL A 222 26.64 25.81 -17.21
CA VAL A 222 25.39 25.58 -16.50
C VAL A 222 25.60 25.47 -15.00
N ARG A 223 25.05 26.44 -14.26
CA ARG A 223 25.26 26.46 -12.83
C ARG A 223 23.96 26.35 -12.02
N THR A 224 24.10 25.98 -10.76
CA THR A 224 22.95 25.80 -9.87
C THR A 224 22.90 26.92 -8.84
N HIS A 225 21.69 27.25 -8.43
CA HIS A 225 21.47 28.32 -7.48
C HIS A 225 20.33 27.94 -6.55
N ALA A 226 20.65 27.64 -5.29
CA ALA A 226 19.62 27.25 -4.33
C ALA A 226 18.82 28.46 -3.88
N ALA A 227 17.50 28.41 -4.09
CA ALA A 227 16.63 29.52 -3.71
C ALA A 227 15.17 29.06 -3.74
N ASP A 228 14.33 29.73 -2.95
CA ASP A 228 12.89 29.53 -2.99
C ASP A 228 12.35 30.49 -4.05
N ILE A 229 11.52 29.98 -4.96
CA ILE A 229 11.07 30.80 -6.07
C ILE A 229 10.13 31.92 -5.62
N PHE A 230 9.49 31.76 -4.48
CA PHE A 230 8.58 32.80 -4.01
C PHE A 230 9.23 33.77 -3.03
N THR A 231 10.07 33.27 -2.15
CA THR A 231 10.52 34.06 -1.00
C THR A 231 11.94 34.59 -1.12
N ASP A 232 12.72 34.05 -2.05
CA ASP A 232 14.09 34.56 -2.25
C ASP A 232 14.20 35.46 -3.47
N SER A 233 15.22 36.32 -3.46
CA SER A 233 15.58 37.14 -4.60
C SER A 233 16.10 36.27 -5.73
N TYR A 234 15.76 36.61 -6.97
CA TYR A 234 16.38 35.97 -8.12
C TYR A 234 17.72 36.67 -8.37
N PRO A 235 18.78 35.90 -8.68
CA PRO A 235 20.09 36.50 -8.99
C PRO A 235 20.04 37.43 -10.20
N ALA A 236 20.65 38.60 -10.11
CA ALA A 236 20.61 39.55 -11.23
C ALA A 236 21.56 39.17 -12.37
N GLY A 237 21.44 39.89 -13.48
CA GLY A 237 22.38 39.71 -14.58
C GLY A 237 21.88 38.77 -15.65
N HIS A 238 20.68 38.23 -15.48
CA HIS A 238 20.21 37.29 -16.47
C HIS A 238 19.41 37.98 -17.55
N ASP A 239 19.65 37.48 -18.75
CA ASP A 239 19.12 37.97 -19.98
C ASP A 239 17.71 37.44 -20.28
N CYS A 240 17.41 36.28 -19.71
CA CYS A 240 16.22 35.51 -20.06
C CYS A 240 15.73 34.75 -18.83
N VAL A 241 14.44 34.89 -18.50
CA VAL A 241 13.85 34.10 -17.41
C VAL A 241 12.96 33.02 -17.98
N LEU A 242 13.26 31.78 -17.62
CA LEU A 242 12.52 30.63 -18.12
C LEU A 242 11.72 29.94 -17.01
N PHE A 243 10.43 29.73 -17.27
CA PHE A 243 9.60 28.91 -16.40
C PHE A 243 9.23 27.62 -17.13
N ALA A 244 9.94 26.53 -16.87
CA ALA A 244 9.68 25.25 -17.53
C ALA A 244 8.94 24.30 -16.58
N HIS A 245 7.74 23.88 -16.99
CA HIS A 245 6.92 22.98 -16.17
C HIS A 245 6.79 23.50 -14.75
N GLN A 246 6.39 24.75 -14.64
CA GLN A 246 6.48 25.46 -13.38
C GLN A 246 5.18 26.18 -13.07
N LEU A 247 4.69 26.98 -14.01
CA LEU A 247 3.50 27.79 -13.74
C LEU A 247 2.24 26.93 -13.61
N VAL A 248 2.27 25.72 -14.17
CA VAL A 248 1.14 24.78 -14.01
C VAL A 248 0.92 24.35 -12.55
N ILE A 249 1.91 24.56 -11.71
CA ILE A 249 1.83 24.13 -10.31
C ILE A 249 1.02 25.10 -9.47
N TRP A 250 1.01 26.35 -9.89
CA TRP A 250 0.56 27.46 -9.04
C TRP A 250 -0.75 28.10 -9.51
N SER A 251 -1.37 28.84 -8.62
CA SER A 251 -2.58 29.61 -8.93
C SER A 251 -2.25 30.76 -9.89
N PRO A 252 -3.28 31.32 -10.57
CA PRO A 252 -3.07 32.53 -11.39
C PRO A 252 -2.43 33.68 -10.60
N GLU A 253 -2.85 33.83 -9.33
CA GLU A 253 -2.30 34.89 -8.48
C GLU A 253 -0.82 34.66 -8.17
N GLN A 254 -0.46 33.41 -7.87
CA GLN A 254 0.93 33.07 -7.62
C GLN A 254 1.76 33.25 -8.89
N ASN A 255 1.16 32.96 -10.04
CA ASN A 255 1.93 33.06 -11.26
C ASN A 255 2.22 34.53 -11.59
N LEU A 256 1.26 35.40 -11.35
CA LEU A 256 1.49 36.83 -11.53
C LEU A 256 2.62 37.31 -10.62
N THR A 257 2.62 36.84 -9.38
CA THR A 257 3.71 37.11 -8.46
C THR A 257 5.06 36.65 -9.03
N LEU A 258 5.13 35.42 -9.51
CA LEU A 258 6.34 34.90 -10.11
C LEU A 258 6.76 35.68 -11.37
N LEU A 259 5.80 36.07 -12.20
CA LEU A 259 6.13 36.76 -13.44
C LEU A 259 6.60 38.20 -13.19
N ARG A 260 6.10 38.81 -12.11
CA ARG A 260 6.58 40.12 -11.69
C ARG A 260 8.01 40.04 -11.17
N LYS A 261 8.33 38.99 -10.42
CA LYS A 261 9.71 38.78 -9.98
C LYS A 261 10.62 38.62 -11.21
N ALA A 262 10.15 37.84 -12.18
CA ALA A 262 10.88 37.66 -13.44
C ALA A 262 11.12 38.99 -14.14
N TYR A 263 10.10 39.85 -14.15
CA TYR A 263 10.23 41.18 -14.75
C TYR A 263 11.35 41.99 -14.09
N ASP A 264 11.31 42.08 -12.76
CA ASP A 264 12.33 42.85 -12.03
C ASP A 264 13.73 42.29 -12.21
N ALA A 265 13.85 40.96 -12.26
CA ALA A 265 15.16 40.32 -12.27
C ALA A 265 15.80 40.35 -13.66
N VAL A 266 14.98 40.40 -14.69
CA VAL A 266 15.52 40.33 -16.05
C VAL A 266 16.02 41.72 -16.52
N GLU A 267 17.10 41.72 -17.29
CA GLU A 267 17.62 42.94 -17.88
C GLU A 267 16.59 43.56 -18.81
N PRO A 268 16.49 44.90 -18.84
CA PRO A 268 15.64 45.59 -19.83
C PRO A 268 15.94 45.09 -21.24
N GLY A 269 14.91 44.92 -22.06
CA GLY A 269 15.09 44.27 -23.35
C GLY A 269 15.12 42.74 -23.26
N GLY A 270 15.21 42.20 -22.05
CA GLY A 270 15.25 40.76 -21.84
C GLY A 270 13.96 40.05 -22.17
N ARG A 271 13.97 38.72 -22.11
CA ARG A 271 12.80 37.90 -22.46
C ARG A 271 12.33 37.04 -21.29
N VAL A 272 11.05 36.72 -21.27
CA VAL A 272 10.53 35.71 -20.34
C VAL A 272 9.86 34.61 -21.17
N LEU A 273 10.15 33.35 -20.84
CA LEU A 273 9.52 32.22 -21.53
C LEU A 273 8.79 31.32 -20.56
N VAL A 274 7.55 31.00 -20.88
CA VAL A 274 6.79 30.02 -20.10
C VAL A 274 6.56 28.77 -20.95
N PHE A 275 7.23 27.69 -20.55
CA PHE A 275 7.15 26.42 -21.26
C PHE A 275 6.45 25.37 -20.41
N ASN A 276 5.30 24.91 -20.90
CA ASN A 276 4.59 23.79 -20.25
C ASN A 276 3.44 23.29 -21.12
N ALA A 277 2.69 22.32 -20.58
CA ALA A 277 1.45 21.89 -21.22
C ALA A 277 0.49 23.07 -21.17
N PHE A 278 -0.38 23.17 -22.17
CA PHE A 278 -1.38 24.22 -22.19
C PHE A 278 -2.77 23.64 -22.50
N THR A 279 -3.79 24.24 -21.92
CA THR A 279 -5.17 23.89 -22.28
C THR A 279 -5.62 24.81 -23.40
N ASP A 280 -6.36 24.30 -24.38
CA ASP A 280 -6.88 25.17 -25.43
C ASP A 280 -7.81 26.24 -24.87
N ASP A 281 -7.73 27.43 -25.46
CA ASP A 281 -8.51 28.58 -25.03
C ASP A 281 -10.03 28.31 -25.07
N ASP A 282 -10.48 27.43 -25.96
CA ASP A 282 -11.92 27.11 -25.99
C ASP A 282 -12.32 25.99 -25.01
N ARG A 283 -11.38 25.53 -24.19
CA ARG A 283 -11.68 24.57 -23.12
C ARG A 283 -12.26 23.24 -23.59
N THR A 284 -11.85 22.80 -24.79
CA THR A 284 -12.35 21.53 -25.32
C THR A 284 -11.32 20.44 -25.16
N GLY A 285 -10.11 20.83 -24.74
CA GLY A 285 -9.00 19.91 -24.63
C GLY A 285 -7.68 20.66 -24.74
N PRO A 286 -6.63 20.02 -25.27
CA PRO A 286 -6.51 18.67 -25.84
C PRO A 286 -6.74 17.58 -24.79
N LEU A 287 -7.06 16.37 -25.24
CA LEU A 287 -7.26 15.22 -24.38
C LEU A 287 -6.12 15.02 -23.38
N TYR A 288 -4.88 15.09 -23.87
CA TYR A 288 -3.67 14.90 -23.06
C TYR A 288 -3.72 15.80 -21.83
N ALA A 289 -4.00 17.07 -22.04
CA ALA A 289 -4.06 18.04 -20.95
C ALA A 289 -5.23 17.74 -20.03
N ALA A 290 -6.40 17.49 -20.62
CA ALA A 290 -7.61 17.19 -19.88
C ALA A 290 -7.44 16.00 -18.95
N LEU A 291 -6.63 15.03 -19.37
CA LEU A 291 -6.36 13.86 -18.55
C LEU A 291 -5.19 14.06 -17.61
N ASP A 292 -4.14 14.73 -18.08
CA ASP A 292 -2.96 14.97 -17.25
C ASP A 292 -3.34 15.85 -16.07
N ASN A 293 -4.48 16.55 -16.18
CA ASN A 293 -4.99 17.36 -15.07
C ASN A 293 -5.33 16.54 -13.81
N VAL A 294 -5.53 15.23 -13.94
CA VAL A 294 -5.86 14.44 -12.76
C VAL A 294 -4.63 14.39 -11.85
N TYR A 295 -3.45 14.22 -12.44
CA TYR A 295 -2.20 14.36 -11.71
C TYR A 295 -2.10 15.70 -10.98
N PHE A 296 -2.27 16.79 -11.72
CA PHE A 296 -2.11 18.14 -11.13
C PHE A 296 -3.14 18.42 -10.05
N THR A 297 -4.33 17.86 -10.20
CA THR A 297 -5.37 18.07 -9.19
C THR A 297 -5.05 17.30 -7.91
N THR A 298 -4.47 16.12 -8.05
CA THR A 298 -4.34 15.26 -6.88
C THR A 298 -3.03 15.43 -6.09
N LEU A 299 -1.97 15.98 -6.71
CA LEU A 299 -0.66 15.81 -6.11
C LEU A 299 0.23 17.06 -5.84
N PRO A 300 0.60 17.84 -6.88
CA PRO A 300 1.67 18.83 -6.63
C PRO A 300 1.32 19.89 -5.58
N PHE A 301 0.16 20.53 -5.72
CA PHE A 301 -0.21 21.68 -4.90
C PHE A 301 -1.74 21.86 -5.04
N ARG A 302 -2.36 22.58 -4.11
CA ARG A 302 -3.83 22.69 -4.12
C ARG A 302 -4.37 23.56 -5.27
N HIS A 303 -3.51 24.28 -5.95
CA HIS A 303 -3.98 25.11 -7.05
C HIS A 303 -3.55 24.60 -8.43
N SER A 304 -2.75 23.54 -8.49
CA SER A 304 -2.11 23.15 -9.75
C SER A 304 -3.15 22.81 -10.81
N THR A 305 -2.88 23.24 -12.04
CA THR A 305 -3.74 22.92 -13.18
C THR A 305 -3.07 23.37 -14.47
N ILE A 306 -3.46 22.73 -15.56
CA ILE A 306 -2.89 23.10 -16.84
C ILE A 306 -3.70 24.31 -17.34
N HIS A 307 -3.11 25.49 -17.15
CA HIS A 307 -3.75 26.74 -17.52
C HIS A 307 -3.93 26.90 -19.04
N ARG A 308 -4.83 27.81 -19.42
CA ARG A 308 -5.06 28.14 -20.81
C ARG A 308 -3.99 29.07 -21.35
N TRP A 309 -3.69 28.94 -22.65
CA TRP A 309 -2.79 29.86 -23.33
C TRP A 309 -3.12 31.32 -23.01
N ALA A 310 -4.38 31.70 -23.22
CA ALA A 310 -4.78 33.11 -23.10
C ALA A 310 -4.62 33.64 -21.68
N ASP A 311 -4.81 32.78 -20.69
CA ASP A 311 -4.67 33.22 -19.30
C ASP A 311 -3.21 33.50 -18.96
N CYS A 312 -2.35 32.60 -19.41
CA CYS A 312 -0.91 32.80 -19.29
C CYS A 312 -0.45 34.10 -19.96
N GLU A 313 -0.88 34.31 -21.21
CA GLU A 313 -0.56 35.53 -21.94
C GLU A 313 -1.03 36.76 -21.17
N SER A 314 -2.22 36.64 -20.61
CA SER A 314 -2.77 37.70 -19.78
C SER A 314 -1.83 38.07 -18.63
N TRP A 315 -1.26 37.08 -17.96
CA TRP A 315 -0.40 37.31 -16.81
C TRP A 315 0.87 38.05 -17.18
N LEU A 316 1.46 37.68 -18.32
CA LEU A 316 2.68 38.31 -18.80
C LEU A 316 2.48 39.78 -19.06
N ARG A 317 1.30 40.14 -19.57
CA ARG A 317 1.00 41.53 -19.89
C ARG A 317 0.76 42.33 -18.63
N GLU A 318 0.04 41.73 -17.67
CA GLU A 318 -0.22 42.44 -16.43
C GLU A 318 1.08 42.61 -15.64
N ALA A 319 2.02 41.69 -15.85
CA ALA A 319 3.30 41.78 -15.15
C ALA A 319 4.20 42.79 -15.84
N GLY A 320 3.73 43.34 -16.96
CA GLY A 320 4.46 44.38 -17.65
C GLY A 320 5.25 43.95 -18.87
N PHE A 321 5.20 42.67 -19.23
CA PHE A 321 5.88 42.24 -20.43
C PHE A 321 5.09 42.66 -21.68
N THR A 322 5.81 42.94 -22.75
CA THR A 322 5.20 43.34 -24.01
C THR A 322 5.65 42.41 -25.14
N ASP A 323 5.04 42.57 -26.30
CA ASP A 323 5.29 41.69 -27.45
C ASP A 323 4.98 40.24 -27.03
N VAL A 324 3.88 40.08 -26.31
CA VAL A 324 3.53 38.78 -25.76
C VAL A 324 2.85 37.92 -26.82
N GLY A 325 3.29 36.67 -26.95
CA GLY A 325 2.71 35.75 -27.91
C GLY A 325 2.96 34.29 -27.55
N ARG A 326 2.45 33.38 -28.38
CA ARG A 326 2.54 31.94 -28.12
C ARG A 326 3.15 31.20 -29.32
N THR A 327 3.74 30.04 -29.03
CA THR A 327 4.24 29.12 -30.04
C THR A 327 3.46 27.82 -29.92
N ALA A 328 2.76 27.42 -30.99
CA ALA A 328 1.88 26.24 -30.98
C ALA A 328 2.62 24.91 -30.83
N PRO A 329 1.93 23.87 -30.32
CA PRO A 329 2.53 22.52 -30.28
C PRO A 329 2.72 21.99 -31.70
N PRO A 330 3.94 21.60 -32.06
CA PRO A 330 4.24 21.07 -33.38
C PRO A 330 4.01 19.56 -33.51
N GLY A 331 3.15 18.99 -32.67
CA GLY A 331 2.91 17.55 -32.69
C GLY A 331 1.79 17.04 -31.79
N TRP A 332 1.97 15.83 -31.27
CA TRP A 332 0.89 15.14 -30.59
C TRP A 332 0.73 15.51 -29.11
N THR A 333 1.73 16.15 -28.52
CA THR A 333 1.61 16.59 -27.13
C THR A 333 1.18 18.06 -27.08
N PRO A 334 0.59 18.51 -25.95
CA PRO A 334 0.03 19.87 -25.91
C PRO A 334 0.99 20.92 -25.35
N HIS A 335 2.29 20.80 -25.66
CA HIS A 335 3.28 21.67 -25.09
C HIS A 335 3.61 22.83 -26.02
N GLY A 336 3.72 24.02 -25.44
CA GLY A 336 4.11 25.20 -26.18
C GLY A 336 4.88 26.17 -25.32
N VAL A 337 5.08 27.37 -25.85
CA VAL A 337 5.80 28.42 -25.16
C VAL A 337 4.99 29.70 -25.26
N VAL A 338 4.71 30.33 -24.13
CA VAL A 338 4.19 31.69 -24.13
C VAL A 338 5.36 32.60 -23.75
N SER A 339 5.58 33.67 -24.53
CA SER A 339 6.79 34.47 -24.35
C SER A 339 6.51 35.96 -24.40
N GLY A 340 7.45 36.75 -23.91
CA GLY A 340 7.29 38.18 -23.83
C GLY A 340 8.61 38.88 -23.55
N SER A 341 8.63 40.21 -23.69
CA SER A 341 9.83 41.01 -23.48
C SER A 341 9.63 42.06 -22.40
N ARG A 342 10.69 42.35 -21.66
CA ARG A 342 10.73 43.57 -20.87
C ARG A 342 11.21 44.69 -21.78
N PRO A 343 10.45 45.80 -21.86
CA PRO A 343 10.83 46.97 -22.66
C PRO A 343 12.25 47.46 -22.34
N ARG A 344 12.96 47.95 -23.36
CA ARG A 344 14.34 48.40 -23.16
C ARG A 344 14.39 49.84 -22.68
N GLU B 4 1.64 6.39 -35.16
CA GLU B 4 1.50 7.67 -34.49
C GLU B 4 1.43 7.52 -32.97
N LEU B 5 2.19 8.39 -32.32
CA LEU B 5 2.33 8.42 -30.87
C LEU B 5 1.06 8.90 -30.19
N SER B 6 0.18 9.55 -30.93
CA SER B 6 -0.99 10.14 -30.33
C SER B 6 -1.93 9.06 -29.79
N ALA B 7 -1.81 7.84 -30.27
CA ALA B 7 -2.67 6.77 -29.80
C ALA B 7 -2.33 6.40 -28.36
N LEU B 8 -1.15 6.82 -27.89
CA LEU B 8 -0.73 6.52 -26.52
C LEU B 8 -1.55 7.30 -25.49
N VAL B 9 -2.10 8.44 -25.90
CA VAL B 9 -2.78 9.32 -24.94
C VAL B 9 -3.88 8.61 -24.10
N PRO B 10 -4.88 7.94 -24.73
CA PRO B 10 -5.90 7.33 -23.84
C PRO B 10 -5.42 6.13 -23.03
N VAL B 11 -4.21 5.67 -23.28
CA VAL B 11 -3.63 4.52 -22.58
C VAL B 11 -2.64 4.99 -21.49
N LEU B 12 -1.72 5.89 -21.86
CA LEU B 12 -0.76 6.48 -20.93
C LEU B 12 -1.46 7.25 -19.81
N PHE B 13 -2.61 7.83 -20.12
CA PHE B 13 -3.42 8.51 -19.13
C PHE B 13 -4.74 7.77 -18.89
N GLY B 14 -4.75 6.46 -19.11
CA GLY B 14 -6.01 5.70 -19.04
C GLY B 14 -6.67 5.75 -17.67
N HIS B 15 -5.85 5.70 -16.64
CA HIS B 15 -6.33 5.71 -15.27
C HIS B 15 -7.01 7.05 -15.02
N ALA B 16 -6.46 8.11 -15.62
CA ALA B 16 -7.01 9.45 -15.46
C ALA B 16 -8.33 9.56 -16.23
N ALA B 17 -8.37 8.94 -17.39
CA ALA B 17 -9.61 8.91 -18.15
C ALA B 17 -10.74 8.26 -17.32
N PHE B 18 -10.44 7.11 -16.71
CA PHE B 18 -11.42 6.48 -15.82
C PHE B 18 -11.81 7.42 -14.68
N GLN B 19 -10.84 8.11 -14.09
CA GLN B 19 -11.12 9.01 -12.97
C GLN B 19 -12.06 10.16 -13.36
N GLN B 20 -12.00 10.61 -14.61
CA GLN B 20 -12.92 11.65 -15.04
C GLN B 20 -14.36 11.12 -15.07
N LEU B 21 -14.55 9.94 -15.63
CA LEU B 21 -15.87 9.28 -15.60
C LEU B 21 -16.34 9.05 -14.16
N ASN B 22 -15.41 8.52 -13.36
CA ASN B 22 -15.65 8.27 -11.94
C ASN B 22 -16.16 9.50 -11.22
N ALA B 23 -15.45 10.61 -11.44
CA ALA B 23 -15.79 11.89 -10.83
C ALA B 23 -17.10 12.41 -11.41
N GLY B 24 -17.26 12.26 -12.72
CA GLY B 24 -18.50 12.65 -13.37
C GLY B 24 -19.70 12.03 -12.68
N CYS B 25 -19.59 10.74 -12.36
CA CYS B 25 -20.66 9.99 -11.69
C CYS B 25 -20.84 10.40 -10.24
N GLN B 26 -19.78 10.29 -9.45
CA GLN B 26 -19.87 10.52 -8.01
C GLN B 26 -20.35 11.92 -7.68
N LEU B 27 -19.97 12.90 -8.50
CA LEU B 27 -20.29 14.30 -8.21
C LEU B 27 -21.65 14.72 -8.77
N GLY B 28 -22.28 13.82 -9.52
CA GLY B 28 -23.62 14.08 -10.02
C GLY B 28 -23.69 14.91 -11.30
N LEU B 29 -22.55 15.06 -11.97
CA LEU B 29 -22.51 15.85 -13.21
C LEU B 29 -23.47 15.34 -14.31
N PHE B 30 -23.48 14.02 -14.53
CA PHE B 30 -24.19 13.47 -15.68
C PHE B 30 -25.69 13.51 -15.44
N GLU B 31 -26.10 13.26 -14.21
CA GLU B 31 -27.51 13.44 -13.86
C GLU B 31 -27.95 14.90 -14.01
N LEU B 32 -27.09 15.81 -13.58
CA LEU B 32 -27.37 17.24 -13.69
C LEU B 32 -27.52 17.72 -15.14
N LEU B 33 -26.59 17.30 -16.01
CA LEU B 33 -26.64 17.71 -17.41
C LEU B 33 -27.85 17.08 -18.11
N HIS B 34 -28.20 15.86 -17.70
CA HIS B 34 -29.34 15.17 -18.26
C HIS B 34 -30.60 15.98 -18.01
N GLU B 35 -30.79 16.39 -16.76
CA GLU B 35 -32.00 17.10 -16.41
C GLU B 35 -31.98 18.59 -16.81
N ARG B 36 -30.83 19.24 -16.73
CA ARG B 36 -30.87 20.69 -16.84
C ARG B 36 -29.96 21.33 -17.88
N GLY B 37 -29.37 20.53 -18.76
CA GLY B 37 -28.52 21.07 -19.82
C GLY B 37 -29.28 21.78 -20.93
N PRO B 38 -28.60 22.71 -21.66
CA PRO B 38 -27.22 23.14 -21.49
C PRO B 38 -27.02 23.98 -20.25
N LEU B 39 -25.89 23.79 -19.58
CA LEU B 39 -25.51 24.60 -18.42
C LEU B 39 -24.12 25.18 -18.64
N SER B 40 -23.88 26.41 -18.19
CA SER B 40 -22.54 26.98 -18.24
C SER B 40 -21.68 26.37 -17.13
N ALA B 41 -20.39 26.62 -17.18
CA ALA B 41 -19.46 26.12 -16.17
C ALA B 41 -19.83 26.66 -14.78
N GLU B 42 -20.18 27.93 -14.71
CA GLU B 42 -20.58 28.53 -13.43
C GLU B 42 -21.84 27.86 -12.89
N GLU B 43 -22.81 27.63 -13.76
CA GLU B 43 -24.03 26.96 -13.31
C GLU B 43 -23.72 25.55 -12.82
N VAL B 44 -22.78 24.88 -13.47
CA VAL B 44 -22.43 23.53 -13.05
C VAL B 44 -21.75 23.59 -11.67
N ALA B 45 -20.83 24.54 -11.48
CA ALA B 45 -20.17 24.72 -10.20
C ALA B 45 -21.19 25.02 -9.07
N ASP B 46 -22.16 25.88 -9.35
CA ASP B 46 -23.19 26.20 -8.35
C ASP B 46 -24.07 24.98 -8.00
N ALA B 47 -24.56 24.27 -9.02
CA ALA B 47 -25.41 23.11 -8.79
C ALA B 47 -24.66 21.99 -8.08
N LEU B 48 -23.42 21.74 -8.48
CA LEU B 48 -22.67 20.65 -7.89
C LEU B 48 -21.95 21.06 -6.59
N ARG B 49 -22.09 22.33 -6.20
CA ARG B 49 -21.42 22.84 -5.01
C ARG B 49 -19.92 22.54 -5.04
N LEU B 50 -19.30 22.88 -6.17
CA LEU B 50 -17.86 22.70 -6.33
C LEU B 50 -17.22 24.05 -6.50
N PRO B 51 -15.95 24.18 -6.08
CA PRO B 51 -15.20 25.36 -6.47
C PRO B 51 -15.18 25.45 -7.99
N ARG B 52 -15.15 26.67 -8.52
CA ARG B 52 -15.16 26.88 -9.96
C ARG B 52 -13.99 26.17 -10.66
N ARG B 53 -12.79 26.22 -10.07
CA ARG B 53 -11.63 25.53 -10.65
C ARG B 53 -11.93 24.05 -10.77
N SER B 54 -12.54 23.48 -9.73
CA SER B 54 -12.85 22.05 -9.73
C SER B 54 -13.84 21.73 -10.86
N ALA B 55 -14.89 22.53 -10.98
CA ALA B 55 -15.86 22.34 -12.03
C ALA B 55 -15.20 22.43 -13.40
N ASP B 56 -14.29 23.39 -13.55
CA ASP B 56 -13.64 23.59 -14.85
C ASP B 56 -12.76 22.41 -15.21
N ILE B 57 -12.04 21.88 -14.21
CA ILE B 57 -11.19 20.71 -14.41
C ILE B 57 -12.05 19.50 -14.83
N LEU B 58 -13.15 19.26 -14.12
CA LEU B 58 -14.03 18.12 -14.40
C LEU B 58 -14.61 18.22 -15.81
N LEU B 59 -15.16 19.39 -16.12
CA LEU B 59 -15.82 19.64 -17.39
C LEU B 59 -14.84 19.54 -18.54
N LEU B 60 -13.61 20.00 -18.34
CA LEU B 60 -12.57 19.85 -19.35
C LEU B 60 -12.30 18.36 -19.60
N GLY B 61 -12.14 17.60 -18.53
CA GLY B 61 -11.94 16.15 -18.62
C GLY B 61 -13.06 15.42 -19.35
N THR B 62 -14.30 15.64 -18.93
CA THR B 62 -15.44 14.91 -19.52
C THR B 62 -15.72 15.34 -20.96
N THR B 63 -15.49 16.62 -21.27
CA THR B 63 -15.73 17.15 -22.61
C THR B 63 -14.70 16.63 -23.60
N ALA B 64 -13.44 16.66 -23.22
CA ALA B 64 -12.39 16.16 -24.08
C ALA B 64 -12.53 14.67 -24.34
N LEU B 65 -13.10 13.97 -23.36
CA LEU B 65 -13.34 12.53 -23.48
C LEU B 65 -14.59 12.23 -24.31
N GLY B 66 -15.42 13.26 -24.53
CA GLY B 66 -16.66 13.08 -25.25
C GLY B 66 -17.81 12.60 -24.39
N LEU B 67 -17.63 12.63 -23.07
CA LEU B 67 -18.70 12.24 -22.15
C LEU B 67 -19.66 13.40 -21.97
N SER B 68 -19.16 14.61 -22.18
CA SER B 68 -20.02 15.77 -22.30
C SER B 68 -19.66 16.52 -23.56
N THR B 69 -20.55 17.41 -23.99
CA THR B 69 -20.24 18.32 -25.10
C THR B 69 -20.39 19.76 -24.63
N VAL B 70 -19.68 20.66 -25.30
CA VAL B 70 -19.82 22.08 -25.02
C VAL B 70 -20.15 22.82 -26.31
N THR B 71 -21.12 23.72 -26.21
CA THR B 71 -21.58 24.49 -27.37
C THR B 71 -21.86 25.90 -26.92
N ASP B 72 -21.04 26.84 -27.38
CA ASP B 72 -21.13 28.24 -26.95
C ASP B 72 -21.19 28.33 -25.43
N GLY B 73 -20.26 27.66 -24.76
CA GLY B 73 -20.13 27.72 -23.32
C GLY B 73 -21.16 26.91 -22.55
N GLY B 74 -22.05 26.21 -23.27
CA GLY B 74 -23.09 25.42 -22.63
C GLY B 74 -22.81 23.93 -22.71
N TYR B 75 -22.88 23.25 -21.56
CA TYR B 75 -22.51 21.84 -21.46
C TYR B 75 -23.71 20.90 -21.49
N ARG B 76 -23.56 19.79 -22.22
CA ARG B 76 -24.58 18.72 -22.27
C ARG B 76 -23.90 17.37 -22.16
N ASN B 77 -24.66 16.34 -21.83
CA ASN B 77 -24.15 14.98 -21.94
C ASN B 77 -23.79 14.59 -23.37
N GLY B 78 -22.64 13.96 -23.54
CA GLY B 78 -22.29 13.39 -24.83
C GLY B 78 -23.16 12.17 -25.10
N ALA B 79 -23.22 11.72 -26.34
CA ALA B 79 -24.09 10.60 -26.70
C ALA B 79 -23.73 9.28 -26.01
N PRO B 80 -22.43 9.03 -25.70
CA PRO B 80 -22.20 7.79 -24.95
C PRO B 80 -22.87 7.81 -23.58
N ILE B 81 -23.03 8.98 -22.98
CA ILE B 81 -23.72 9.10 -21.70
C ILE B 81 -25.23 9.16 -21.91
N GLY B 82 -25.66 9.96 -22.89
CA GLY B 82 -27.06 10.05 -23.24
C GLY B 82 -27.67 8.69 -23.55
N ALA B 83 -26.89 7.84 -24.20
CA ALA B 83 -27.32 6.48 -24.53
C ALA B 83 -27.72 5.70 -23.27
N ALA B 84 -26.93 5.81 -22.21
CA ALA B 84 -27.24 5.12 -20.96
C ALA B 84 -28.61 5.57 -20.42
N PHE B 85 -28.85 6.87 -20.37
CA PHE B 85 -30.14 7.39 -19.93
C PHE B 85 -31.29 6.94 -20.84
N ARG B 86 -31.04 6.96 -22.14
CA ARG B 86 -32.04 6.56 -23.12
C ARG B 86 -32.51 5.12 -22.89
N ASP B 87 -31.57 4.21 -22.63
CA ASP B 87 -31.87 2.79 -22.52
C ASP B 87 -32.19 2.36 -21.09
N GLY B 88 -32.47 3.31 -20.21
CA GLY B 88 -32.77 2.99 -18.84
C GLY B 88 -31.59 2.39 -18.07
N LEU B 89 -30.37 2.68 -18.53
CA LEU B 89 -29.18 2.04 -17.99
C LEU B 89 -28.31 2.94 -17.10
N TRP B 90 -28.78 4.15 -16.82
CA TRP B 90 -27.95 5.05 -16.02
C TRP B 90 -27.65 4.49 -14.61
N PRO B 91 -28.67 3.99 -13.88
CA PRO B 91 -28.30 3.40 -12.59
C PRO B 91 -27.37 2.19 -12.72
N VAL B 92 -27.50 1.45 -13.80
CA VAL B 92 -26.62 0.32 -14.04
C VAL B 92 -25.18 0.79 -14.26
N LEU B 93 -25.00 1.77 -15.14
CA LEU B 93 -23.66 2.31 -15.40
C LEU B 93 -23.09 2.96 -14.15
N ARG B 94 -23.91 3.75 -13.47
CA ARG B 94 -23.50 4.36 -12.21
C ARG B 94 -22.96 3.33 -11.20
N ASP B 95 -23.67 2.22 -11.04
CA ASP B 95 -23.27 1.22 -10.05
C ASP B 95 -22.03 0.45 -10.47
N ILE B 96 -21.83 0.31 -11.78
CA ILE B 96 -20.67 -0.39 -12.30
C ILE B 96 -19.42 0.49 -12.15
N VAL B 97 -19.57 1.79 -12.35
CA VAL B 97 -18.46 2.73 -12.13
C VAL B 97 -18.07 2.73 -10.64
N GLN B 98 -19.05 2.62 -9.75
CA GLN B 98 -18.79 2.55 -8.32
C GLN B 98 -18.02 1.26 -7.97
N TYR B 99 -18.40 0.17 -8.61
CA TYR B 99 -17.64 -1.07 -8.50
C TYR B 99 -16.19 -0.86 -8.92
N GLN B 100 -15.98 -0.24 -10.08
CA GLN B 100 -14.61 0.04 -10.55
C GLN B 100 -13.86 0.85 -9.52
N ASP B 101 -14.53 1.85 -8.95
CA ASP B 101 -13.89 2.76 -8.02
C ASP B 101 -13.54 2.07 -6.69
N LYS B 102 -14.53 1.37 -6.12
CA LYS B 102 -14.41 0.77 -4.80
C LYS B 102 -13.77 -0.61 -4.78
N ILE B 103 -13.93 -1.37 -5.84
CA ILE B 103 -13.40 -2.75 -5.85
C ILE B 103 -12.17 -2.94 -6.73
N ALA B 104 -12.19 -2.37 -7.93
CA ALA B 104 -11.24 -2.76 -8.96
C ALA B 104 -9.98 -1.90 -9.03
N TYR B 105 -10.14 -0.58 -8.84
CA TYR B 105 -9.08 0.36 -9.20
C TYR B 105 -7.77 0.13 -8.44
N GLN B 106 -7.85 0.05 -7.11
CA GLN B 106 -6.62 -0.06 -6.33
C GLN B 106 -5.96 -1.44 -6.47
N PRO B 107 -6.75 -2.52 -6.44
CA PRO B 107 -6.07 -3.79 -6.69
C PRO B 107 -5.51 -3.92 -8.10
N ALA B 108 -6.01 -3.15 -9.05
CA ALA B 108 -5.46 -3.14 -10.40
C ALA B 108 -3.97 -2.71 -10.44
N ALA B 109 -3.55 -1.94 -9.44
CA ALA B 109 -2.14 -1.56 -9.31
C ALA B 109 -1.22 -2.76 -9.12
N ASP B 110 -1.79 -3.91 -8.74
CA ASP B 110 -1.01 -5.11 -8.52
C ASP B 110 -1.00 -6.02 -9.74
N TYR B 111 -1.38 -5.48 -10.89
CA TYR B 111 -1.43 -6.27 -12.12
C TYR B 111 -0.07 -6.84 -12.55
N VAL B 112 0.97 -6.02 -12.59
CA VAL B 112 2.30 -6.53 -13.00
C VAL B 112 2.75 -7.69 -12.12
N GLU B 113 2.69 -7.51 -10.80
CA GLU B 113 3.03 -8.58 -9.87
C GLU B 113 2.19 -9.85 -10.08
N SER B 114 0.87 -9.68 -10.28
CA SER B 114 -0.03 -10.81 -10.47
C SER B 114 0.31 -11.67 -11.69
N LEU B 115 0.71 -11.01 -12.78
CA LEU B 115 1.17 -11.68 -13.99
C LEU B 115 2.45 -12.46 -13.74
N ARG B 116 3.41 -11.77 -13.13
CA ARG B 116 4.74 -12.30 -12.90
C ARG B 116 4.74 -13.46 -11.88
N THR B 117 3.92 -13.36 -10.85
CA THR B 117 3.89 -14.42 -9.83
C THR B 117 2.76 -15.47 -10.03
N GLY B 118 1.82 -15.19 -10.92
CA GLY B 118 0.75 -16.14 -11.13
C GLY B 118 -0.21 -16.18 -9.95
N GLN B 119 -0.24 -15.09 -9.19
CA GLN B 119 -1.16 -14.97 -8.06
C GLN B 119 -2.21 -13.89 -8.32
N ASN B 120 -3.33 -13.96 -7.61
CA ASN B 120 -4.25 -12.83 -7.55
C ASN B 120 -3.80 -11.89 -6.45
N ALA B 121 -2.73 -11.15 -6.71
CA ALA B 121 -2.05 -10.38 -5.66
C ALA B 121 -2.89 -9.23 -5.11
N GLY B 122 -3.69 -8.60 -5.96
CA GLY B 122 -4.54 -7.51 -5.50
C GLY B 122 -5.58 -7.85 -4.44
N ILE B 123 -5.76 -9.14 -4.16
CA ILE B 123 -6.71 -9.55 -3.12
C ILE B 123 -6.28 -9.05 -1.73
N ARG B 124 -5.01 -8.64 -1.60
CA ARG B 124 -4.47 -8.19 -0.31
C ARG B 124 -5.11 -6.91 0.21
N HIS B 125 -5.80 -6.18 -0.66
CA HIS B 125 -6.46 -4.95 -0.25
C HIS B 125 -7.75 -5.26 0.51
N PHE B 126 -8.12 -6.54 0.53
CA PHE B 126 -9.30 -6.99 1.26
C PHE B 126 -8.89 -7.85 2.45
N PRO B 127 -9.28 -7.44 3.67
CA PRO B 127 -8.97 -8.17 4.89
C PRO B 127 -9.33 -9.64 4.78
N GLY B 128 -8.53 -10.50 5.39
CA GLY B 128 -8.78 -11.93 5.28
C GLY B 128 -7.54 -12.67 4.86
N THR B 129 -7.71 -13.98 4.71
CA THR B 129 -6.61 -14.92 4.63
C THR B 129 -6.84 -15.98 3.55
N THR B 130 -8.11 -16.21 3.19
CA THR B 130 -8.44 -17.16 2.12
C THR B 130 -7.99 -16.61 0.77
N ARG B 131 -7.96 -17.46 -0.26
CA ARG B 131 -7.31 -17.09 -1.51
C ARG B 131 -8.28 -16.76 -2.65
N ASP B 132 -9.56 -16.64 -2.35
CA ASP B 132 -10.53 -16.12 -3.34
C ASP B 132 -11.27 -14.93 -2.75
N LEU B 133 -11.65 -13.99 -3.60
CA LEU B 133 -12.30 -12.75 -3.12
C LEU B 133 -13.59 -13.03 -2.34
N TYR B 134 -14.38 -13.99 -2.81
CA TYR B 134 -15.76 -14.13 -2.33
C TYR B 134 -15.81 -14.52 -0.86
N SER B 135 -14.91 -15.41 -0.45
CA SER B 135 -14.85 -15.83 0.94
C SER B 135 -14.24 -14.75 1.85
N ARG B 136 -13.73 -13.68 1.27
CA ARG B 136 -13.22 -12.55 2.08
C ARG B 136 -14.27 -11.44 2.29
N LEU B 137 -15.35 -11.47 1.51
CA LEU B 137 -16.34 -10.39 1.54
C LEU B 137 -16.95 -10.19 2.92
N ALA B 138 -17.13 -11.27 3.66
CA ALA B 138 -17.75 -11.19 4.99
C ALA B 138 -16.86 -10.50 6.03
N ALA B 139 -15.57 -10.35 5.74
CA ALA B 139 -14.66 -9.77 6.73
C ALA B 139 -14.94 -8.28 6.95
N VAL B 140 -15.52 -7.63 5.95
CA VAL B 140 -15.75 -6.18 6.01
C VAL B 140 -17.25 -5.89 5.98
N PRO B 141 -17.77 -5.26 7.05
CA PRO B 141 -19.19 -4.91 7.12
C PRO B 141 -19.65 -4.13 5.89
N GLY B 142 -20.74 -4.57 5.29
CA GLY B 142 -21.27 -3.90 4.11
C GLY B 142 -20.59 -4.28 2.81
N LEU B 143 -19.44 -4.93 2.88
CA LEU B 143 -18.67 -5.25 1.67
C LEU B 143 -19.38 -6.26 0.77
N GLU B 144 -20.00 -7.27 1.37
CA GLU B 144 -20.70 -8.26 0.57
C GLU B 144 -21.85 -7.59 -0.20
N GLU B 145 -22.55 -6.66 0.45
CA GLU B 145 -23.65 -5.97 -0.21
C GLU B 145 -23.16 -5.04 -1.32
N LEU B 146 -22.11 -4.27 -1.02
CA LEU B 146 -21.45 -3.44 -2.01
C LEU B 146 -21.00 -4.29 -3.21
N PHE B 147 -20.41 -5.44 -2.93
CA PHE B 147 -19.98 -6.29 -4.04
C PHE B 147 -21.15 -6.72 -4.93
N TYR B 148 -22.24 -7.20 -4.32
CA TYR B 148 -23.35 -7.74 -5.12
C TYR B 148 -24.15 -6.62 -5.78
N ARG B 149 -24.11 -5.41 -5.23
CA ARG B 149 -24.66 -4.24 -5.93
C ARG B 149 -23.96 -4.04 -7.29
N GLY B 150 -22.63 -4.07 -7.27
CA GLY B 150 -21.88 -3.98 -8.51
C GLY B 150 -22.13 -5.18 -9.40
N MET B 151 -22.05 -6.38 -8.83
CA MET B 151 -22.21 -7.61 -9.61
C MET B 151 -23.61 -7.69 -10.23
N HIS B 152 -24.60 -7.25 -9.47
CA HIS B 152 -25.98 -7.12 -9.96
C HIS B 152 -26.03 -6.24 -11.21
N ALA B 153 -25.42 -5.05 -11.11
CA ALA B 153 -25.42 -4.11 -12.21
C ALA B 153 -24.67 -4.68 -13.42
N TRP B 154 -23.53 -5.32 -13.17
CA TRP B 154 -22.79 -5.98 -14.24
C TRP B 154 -23.66 -7.00 -15.00
N SER B 155 -24.42 -7.80 -14.26
CA SER B 155 -25.31 -8.77 -14.87
C SER B 155 -26.47 -8.14 -15.65
N GLN B 156 -27.06 -7.07 -15.12
CA GLN B 156 -28.09 -6.33 -15.85
C GLN B 156 -27.59 -5.85 -17.20
N LEU B 157 -26.34 -5.42 -17.23
CA LEU B 157 -25.73 -4.92 -18.44
C LEU B 157 -25.57 -6.05 -19.45
N SER B 158 -25.09 -7.18 -18.96
CA SER B 158 -24.60 -8.25 -19.82
C SER B 158 -25.61 -9.34 -20.15
N ASN B 159 -26.66 -9.51 -19.34
CA ASN B 159 -27.52 -10.69 -19.53
C ASN B 159 -28.61 -10.67 -20.63
N PRO B 160 -28.76 -9.57 -21.42
CA PRO B 160 -29.75 -9.74 -22.47
C PRO B 160 -29.51 -10.94 -23.40
N VAL B 161 -28.26 -11.28 -23.66
CA VAL B 161 -27.94 -12.41 -24.52
C VAL B 161 -28.34 -13.71 -23.83
N LEU B 162 -28.30 -13.72 -22.51
CA LEU B 162 -28.73 -14.86 -21.71
C LEU B 162 -30.23 -15.07 -21.80
N LEU B 163 -30.97 -13.99 -21.54
CA LEU B 163 -32.42 -14.05 -21.48
C LEU B 163 -33.02 -14.43 -22.83
N ALA B 164 -32.33 -14.11 -23.92
CA ALA B 164 -32.84 -14.37 -25.26
C ALA B 164 -32.48 -15.78 -25.77
N GLN B 165 -31.75 -16.53 -24.95
CA GLN B 165 -31.30 -17.88 -25.33
C GLN B 165 -32.49 -18.82 -25.59
N PRO B 166 -32.53 -19.45 -26.79
CA PRO B 166 -33.66 -20.27 -27.22
C PRO B 166 -33.98 -21.42 -26.27
N ASP B 167 -32.96 -21.96 -25.59
CA ASP B 167 -33.14 -23.08 -24.66
C ASP B 167 -34.17 -22.77 -23.58
N PHE B 168 -34.28 -21.50 -23.22
CA PHE B 168 -35.17 -21.13 -22.12
C PHE B 168 -36.64 -21.17 -22.50
N THR B 169 -36.94 -21.46 -23.76
CA THR B 169 -38.33 -21.74 -24.18
C THR B 169 -38.56 -23.25 -24.29
N ARG B 170 -37.56 -24.03 -23.88
CA ARG B 170 -37.67 -25.48 -23.91
C ARG B 170 -37.48 -26.06 -22.50
N VAL B 171 -36.46 -25.58 -21.78
CA VAL B 171 -36.17 -26.10 -20.43
C VAL B 171 -37.20 -25.63 -19.39
N HIS B 172 -37.19 -26.25 -18.22
CA HIS B 172 -38.20 -25.96 -17.20
C HIS B 172 -37.59 -25.66 -15.84
N ARG B 173 -36.53 -26.38 -15.49
CA ARG B 173 -35.97 -26.29 -14.15
C ARG B 173 -34.48 -25.98 -14.20
N VAL B 174 -34.10 -24.78 -13.77
CA VAL B 174 -32.72 -24.29 -13.95
C VAL B 174 -31.92 -24.25 -12.65
N LEU B 175 -30.76 -24.89 -12.66
CA LEU B 175 -29.81 -24.77 -11.54
C LEU B 175 -28.76 -23.71 -11.85
N ASP B 176 -28.83 -22.63 -11.09
CA ASP B 176 -28.02 -21.43 -11.28
C ASP B 176 -26.77 -21.51 -10.40
N VAL B 177 -25.69 -22.06 -10.95
CA VAL B 177 -24.51 -22.42 -10.16
C VAL B 177 -23.58 -21.22 -9.88
N GLY B 178 -23.50 -20.84 -8.61
CA GLY B 178 -22.79 -19.62 -8.23
C GLY B 178 -23.61 -18.43 -8.67
N GLY B 179 -24.92 -18.53 -8.44
CA GLY B 179 -25.87 -17.56 -8.97
C GLY B 179 -25.93 -16.25 -8.21
N GLY B 180 -24.99 -16.07 -7.28
CA GLY B 180 -24.85 -14.81 -6.56
C GLY B 180 -26.13 -14.30 -5.91
N ASP B 181 -26.48 -13.05 -6.23
CA ASP B 181 -27.62 -12.42 -5.56
C ASP B 181 -28.95 -12.68 -6.32
N ALA B 182 -28.93 -13.72 -7.15
CA ALA B 182 -30.10 -14.14 -7.96
C ALA B 182 -30.52 -13.15 -9.05
N VAL B 183 -29.66 -12.18 -9.40
CA VAL B 183 -30.02 -11.21 -10.42
C VAL B 183 -30.47 -11.90 -11.72
N ASN B 184 -29.74 -12.94 -12.13
CA ASN B 184 -30.05 -13.56 -13.40
C ASN B 184 -31.21 -14.56 -13.28
N ALA B 185 -31.28 -15.25 -12.14
CA ALA B 185 -32.39 -16.13 -11.81
C ALA B 185 -33.74 -15.40 -11.90
N VAL B 186 -33.82 -14.23 -11.27
CA VAL B 186 -35.02 -13.40 -11.29
C VAL B 186 -35.34 -12.85 -12.67
N ALA B 187 -34.32 -12.37 -13.38
CA ALA B 187 -34.48 -11.93 -14.76
C ALA B 187 -35.03 -13.05 -15.66
N LEU B 188 -34.48 -14.26 -15.51
CA LEU B 188 -34.95 -15.41 -16.28
C LEU B 188 -36.39 -15.78 -15.93
N ALA B 189 -36.68 -15.79 -14.63
CA ALA B 189 -38.01 -16.11 -14.11
C ALA B 189 -39.06 -15.14 -14.65
N ARG B 190 -38.69 -13.86 -14.75
CA ARG B 190 -39.60 -12.83 -15.26
C ARG B 190 -39.78 -12.94 -16.77
N ALA B 191 -38.71 -13.35 -17.47
CA ALA B 191 -38.74 -13.46 -18.93
C ALA B 191 -39.48 -14.69 -19.42
N HIS B 192 -39.39 -15.77 -18.65
CA HIS B 192 -40.04 -17.03 -18.98
C HIS B 192 -40.75 -17.56 -17.73
N PRO B 193 -42.01 -17.14 -17.53
CA PRO B 193 -42.82 -17.39 -16.32
C PRO B 193 -43.04 -18.87 -15.94
N SER B 194 -42.74 -19.82 -16.82
CA SER B 194 -42.91 -21.22 -16.48
C SER B 194 -41.66 -21.82 -15.82
N LEU B 195 -40.54 -21.12 -15.93
CA LEU B 195 -39.29 -21.57 -15.30
C LEU B 195 -39.35 -21.52 -13.78
N ARG B 196 -38.83 -22.57 -13.16
CA ARG B 196 -38.41 -22.53 -11.77
C ARG B 196 -36.88 -22.45 -11.76
N VAL B 197 -36.30 -21.75 -10.79
CA VAL B 197 -34.83 -21.61 -10.73
C VAL B 197 -34.30 -21.81 -9.30
N THR B 198 -33.22 -22.59 -9.19
CA THR B 198 -32.53 -22.79 -7.93
C THR B 198 -31.20 -22.02 -7.97
N VAL B 199 -31.06 -21.07 -7.06
CA VAL B 199 -29.84 -20.27 -6.96
C VAL B 199 -28.87 -20.89 -5.94
N LEU B 200 -27.78 -21.44 -6.46
CA LEU B 200 -26.82 -22.14 -5.60
C LEU B 200 -25.59 -21.26 -5.38
N ASP B 201 -25.27 -21.02 -4.11
CA ASP B 201 -24.12 -20.18 -3.78
C ASP B 201 -23.77 -20.33 -2.30
N ARG B 202 -22.78 -19.57 -1.86
CA ARG B 202 -22.41 -19.47 -0.44
C ARG B 202 -23.54 -18.83 0.35
N PRO B 203 -23.67 -19.20 1.65
CA PRO B 203 -24.67 -18.60 2.52
C PRO B 203 -24.64 -17.08 2.52
N GLY B 204 -23.45 -16.47 2.58
CA GLY B 204 -23.33 -15.03 2.54
C GLY B 204 -24.02 -14.41 1.33
N ALA B 205 -23.81 -15.00 0.17
CA ALA B 205 -24.42 -14.50 -1.05
C ALA B 205 -25.95 -14.74 -1.06
N LEU B 206 -26.40 -15.89 -0.55
CA LEU B 206 -27.82 -16.24 -0.56
C LEU B 206 -28.63 -15.34 0.36
N GLU B 207 -27.98 -14.82 1.38
CA GLU B 207 -28.55 -13.77 2.22
C GLU B 207 -28.95 -12.56 1.37
N VAL B 208 -28.11 -12.19 0.40
CA VAL B 208 -28.47 -11.10 -0.50
C VAL B 208 -29.51 -11.58 -1.53
N ALA B 209 -29.33 -12.78 -2.05
CA ALA B 209 -30.24 -13.33 -3.05
C ALA B 209 -31.68 -13.37 -2.55
N ARG B 210 -31.84 -13.65 -1.27
CA ARG B 210 -33.17 -13.70 -0.70
C ARG B 210 -33.86 -12.35 -0.78
N LYS B 211 -33.13 -11.27 -0.54
CA LYS B 211 -33.69 -9.93 -0.70
C LYS B 211 -34.06 -9.62 -2.15
N THR B 212 -33.23 -10.03 -3.10
CA THR B 212 -33.55 -9.84 -4.52
C THR B 212 -34.82 -10.60 -4.93
N ILE B 213 -34.95 -11.83 -4.45
CA ILE B 213 -36.09 -12.67 -4.75
C ILE B 213 -37.38 -12.12 -4.12
N ALA B 214 -37.28 -11.72 -2.86
CA ALA B 214 -38.42 -11.15 -2.15
C ALA B 214 -38.91 -9.86 -2.80
N GLU B 215 -37.98 -8.98 -3.14
CA GLU B 215 -38.31 -7.72 -3.82
C GLU B 215 -38.99 -7.94 -5.16
N ALA B 216 -38.58 -8.99 -5.86
CA ALA B 216 -39.20 -9.35 -7.12
C ALA B 216 -40.50 -10.11 -6.89
N GLY B 217 -40.71 -10.55 -5.64
CA GLY B 217 -41.88 -11.30 -5.24
C GLY B 217 -41.93 -12.67 -5.89
N LEU B 218 -40.77 -13.32 -5.99
CA LEU B 218 -40.68 -14.56 -6.75
C LEU B 218 -40.29 -15.76 -5.88
N GLU B 219 -40.60 -15.67 -4.58
CA GLU B 219 -40.30 -16.76 -3.63
C GLU B 219 -40.80 -18.13 -4.10
N GLU B 220 -41.91 -18.17 -4.80
CA GLU B 220 -42.46 -19.46 -5.23
C GLU B 220 -41.80 -20.01 -6.49
N ARG B 221 -41.13 -19.17 -7.26
CA ARG B 221 -40.52 -19.64 -8.50
C ARG B 221 -39.00 -19.65 -8.47
N VAL B 222 -38.41 -18.93 -7.52
CA VAL B 222 -36.95 -18.90 -7.38
C VAL B 222 -36.51 -19.21 -5.95
N ARG B 223 -35.74 -20.28 -5.77
CA ARG B 223 -35.29 -20.67 -4.44
C ARG B 223 -33.76 -20.74 -4.32
N THR B 224 -33.28 -20.60 -3.09
CA THR B 224 -31.85 -20.59 -2.81
C THR B 224 -31.40 -21.94 -2.28
N HIS B 225 -30.11 -22.22 -2.44
CA HIS B 225 -29.54 -23.49 -2.03
C HIS B 225 -28.06 -23.31 -1.66
N ALA B 226 -27.75 -23.42 -0.36
CA ALA B 226 -26.38 -23.27 0.13
C ALA B 226 -25.55 -24.48 -0.26
N ALA B 227 -24.43 -24.23 -0.95
CA ALA B 227 -23.51 -25.29 -1.36
C ALA B 227 -22.21 -24.70 -1.88
N ASP B 228 -21.12 -25.44 -1.67
CA ASP B 228 -19.85 -25.16 -2.32
C ASP B 228 -19.87 -25.82 -3.69
N ILE B 229 -19.61 -25.03 -4.73
CA ILE B 229 -19.71 -25.49 -6.11
C ILE B 229 -18.76 -26.64 -6.45
N PHE B 230 -17.70 -26.80 -5.66
CA PHE B 230 -16.77 -27.89 -5.89
C PHE B 230 -17.01 -29.09 -4.96
N THR B 231 -17.20 -28.84 -3.67
CA THR B 231 -17.17 -29.92 -2.68
C THR B 231 -18.54 -30.48 -2.30
N ASP B 232 -19.61 -29.86 -2.76
CA ASP B 232 -20.95 -30.31 -2.39
C ASP B 232 -21.72 -30.84 -3.59
N SER B 233 -22.72 -31.66 -3.32
CA SER B 233 -23.54 -32.24 -4.36
C SER B 233 -24.55 -31.22 -4.86
N TYR B 234 -24.78 -31.20 -6.16
CA TYR B 234 -25.81 -30.35 -6.75
C TYR B 234 -27.19 -31.00 -6.60
N PRO B 235 -28.23 -30.21 -6.31
CA PRO B 235 -29.60 -30.72 -6.20
C PRO B 235 -30.04 -31.40 -7.49
N ALA B 236 -30.64 -32.58 -7.36
CA ALA B 236 -31.17 -33.30 -8.53
C ALA B 236 -32.48 -32.68 -9.00
N GLY B 237 -32.96 -33.12 -10.16
CA GLY B 237 -34.26 -32.71 -10.64
C GLY B 237 -34.25 -31.47 -11.50
N HIS B 238 -33.07 -31.03 -11.91
CA HIS B 238 -32.97 -29.85 -12.75
C HIS B 238 -32.72 -30.20 -14.22
N ASP B 239 -33.41 -29.44 -15.05
CA ASP B 239 -33.51 -29.62 -16.49
C ASP B 239 -32.35 -28.93 -17.23
N CYS B 240 -31.76 -27.94 -16.55
CA CYS B 240 -30.79 -27.04 -17.16
C CYS B 240 -29.83 -26.52 -16.11
N VAL B 241 -28.54 -26.59 -16.42
CA VAL B 241 -27.52 -26.07 -15.53
C VAL B 241 -26.93 -24.79 -16.12
N LEU B 242 -27.01 -23.71 -15.35
CA LEU B 242 -26.50 -22.40 -15.75
C LEU B 242 -25.24 -22.01 -14.98
N PHE B 243 -24.16 -21.74 -15.72
CA PHE B 243 -22.97 -21.11 -15.16
C PHE B 243 -22.91 -19.67 -15.64
N ALA B 244 -23.30 -18.74 -14.80
CA ALA B 244 -23.31 -17.33 -15.18
C ALA B 244 -22.20 -16.57 -14.45
N HIS B 245 -21.33 -15.93 -15.23
CA HIS B 245 -20.20 -15.18 -14.69
C HIS B 245 -19.44 -16.00 -13.65
N GLN B 246 -19.02 -17.20 -14.04
CA GLN B 246 -18.56 -18.20 -13.08
C GLN B 246 -17.30 -18.93 -13.55
N LEU B 247 -17.34 -19.50 -14.75
CA LEU B 247 -16.22 -20.25 -15.28
C LEU B 247 -15.00 -19.33 -15.55
N VAL B 248 -15.24 -18.02 -15.73
CA VAL B 248 -14.16 -17.03 -15.84
C VAL B 248 -13.31 -16.93 -14.57
N ILE B 249 -13.84 -17.42 -13.44
CA ILE B 249 -13.11 -17.38 -12.17
C ILE B 249 -12.04 -18.48 -12.04
N TRP B 250 -12.26 -19.60 -12.71
CA TRP B 250 -11.50 -20.82 -12.46
C TRP B 250 -10.58 -21.24 -13.60
N SER B 251 -9.67 -22.16 -13.29
CA SER B 251 -8.80 -22.74 -14.29
C SER B 251 -9.57 -23.65 -15.25
N PRO B 252 -9.00 -23.92 -16.43
CA PRO B 252 -9.62 -24.91 -17.33
C PRO B 252 -9.83 -26.25 -16.62
N GLU B 253 -8.84 -26.68 -15.83
CA GLU B 253 -8.96 -27.93 -15.08
C GLU B 253 -10.17 -27.89 -14.14
N GLN B 254 -10.30 -26.80 -13.39
CA GLN B 254 -11.43 -26.62 -12.49
C GLN B 254 -12.76 -26.56 -13.22
N ASN B 255 -12.77 -25.94 -14.40
CA ASN B 255 -14.01 -25.80 -15.14
C ASN B 255 -14.49 -27.15 -15.67
N LEU B 256 -13.55 -28.00 -16.09
CA LEU B 256 -13.90 -29.34 -16.55
C LEU B 256 -14.53 -30.14 -15.39
N THR B 257 -13.97 -29.99 -14.20
CA THR B 257 -14.53 -30.58 -13.00
C THR B 257 -15.96 -30.12 -12.76
N LEU B 258 -16.20 -28.82 -12.87
CA LEU B 258 -17.53 -28.25 -12.68
C LEU B 258 -18.52 -28.69 -13.76
N LEU B 259 -18.04 -28.83 -14.99
CA LEU B 259 -18.92 -29.21 -16.09
C LEU B 259 -19.30 -30.69 -16.02
N ARG B 260 -18.42 -31.49 -15.43
CA ARG B 260 -18.71 -32.90 -15.15
C ARG B 260 -19.74 -33.03 -14.05
N LYS B 261 -19.65 -32.19 -13.03
CA LYS B 261 -20.68 -32.18 -11.99
C LYS B 261 -21.99 -31.77 -12.62
N ALA B 262 -21.92 -30.85 -13.57
CA ALA B 262 -23.12 -30.37 -14.24
C ALA B 262 -23.76 -31.49 -15.05
N TYR B 263 -22.92 -32.27 -15.74
CA TYR B 263 -23.39 -33.39 -16.54
C TYR B 263 -24.11 -34.42 -15.68
N ASP B 264 -23.50 -34.76 -14.55
CA ASP B 264 -24.08 -35.71 -13.60
C ASP B 264 -25.41 -35.24 -13.02
N ALA B 265 -25.51 -33.94 -12.78
CA ALA B 265 -26.68 -33.39 -12.08
C ALA B 265 -27.85 -33.08 -13.02
N VAL B 266 -27.54 -32.79 -14.28
CA VAL B 266 -28.59 -32.41 -15.22
C VAL B 266 -29.32 -33.68 -15.72
N GLU B 267 -30.63 -33.57 -15.89
CA GLU B 267 -31.40 -34.72 -16.36
C GLU B 267 -31.07 -35.00 -17.80
N PRO B 268 -31.12 -36.29 -18.19
CA PRO B 268 -30.87 -36.66 -19.59
C PRO B 268 -31.76 -35.87 -20.54
N GLY B 269 -31.17 -35.36 -21.61
CA GLY B 269 -31.87 -34.45 -22.50
C GLY B 269 -31.79 -32.99 -22.10
N GLY B 270 -31.17 -32.73 -20.96
CA GLY B 270 -31.06 -31.37 -20.43
C GLY B 270 -30.01 -30.50 -21.12
N ARG B 271 -29.93 -29.24 -20.70
CA ARG B 271 -29.01 -28.29 -21.29
C ARG B 271 -28.01 -27.76 -20.28
N VAL B 272 -26.78 -27.53 -20.72
CA VAL B 272 -25.85 -26.76 -19.91
C VAL B 272 -25.62 -25.44 -20.65
N LEU B 273 -25.59 -24.35 -19.90
CA LEU B 273 -25.36 -23.03 -20.49
C LEU B 273 -24.24 -22.31 -19.76
N VAL B 274 -23.27 -21.82 -20.50
CA VAL B 274 -22.19 -21.03 -19.91
C VAL B 274 -22.33 -19.58 -20.40
N PHE B 275 -22.68 -18.70 -19.47
CA PHE B 275 -22.89 -17.29 -19.79
C PHE B 275 -21.84 -16.41 -19.12
N ASN B 276 -21.03 -15.74 -19.92
CA ASN B 276 -20.03 -14.79 -19.44
C ASN B 276 -19.35 -14.03 -20.58
N ALA B 277 -18.40 -13.17 -20.24
CA ALA B 277 -17.60 -12.55 -21.26
C ALA B 277 -16.72 -13.63 -21.90
N PHE B 278 -16.42 -13.45 -23.18
CA PHE B 278 -15.54 -14.37 -23.89
C PHE B 278 -14.44 -13.64 -24.66
N THR B 279 -13.30 -14.31 -24.76
CA THR B 279 -12.20 -13.83 -25.59
C THR B 279 -12.33 -14.44 -26.99
N ASP B 280 -12.15 -13.63 -28.03
CA ASP B 280 -12.20 -14.17 -29.39
C ASP B 280 -11.13 -15.25 -29.60
N ASP B 281 -11.50 -16.28 -30.35
CA ASP B 281 -10.60 -17.39 -30.60
C ASP B 281 -9.29 -16.94 -31.23
N ASP B 282 -9.30 -15.86 -32.01
CA ASP B 282 -8.05 -15.40 -32.64
C ASP B 282 -7.18 -14.57 -31.69
N ARG B 283 -7.63 -14.42 -30.44
CA ARG B 283 -6.84 -13.76 -29.38
C ARG B 283 -6.45 -12.31 -29.70
N THR B 284 -7.31 -11.63 -30.46
CA THR B 284 -7.11 -10.23 -30.80
C THR B 284 -7.95 -9.29 -29.94
N GLY B 285 -8.87 -9.86 -29.17
CA GLY B 285 -9.78 -9.07 -28.37
C GLY B 285 -10.97 -9.92 -27.96
N PRO B 286 -12.14 -9.30 -27.74
CA PRO B 286 -12.41 -7.86 -27.91
C PRO B 286 -11.72 -7.00 -26.84
N LEU B 287 -11.61 -5.70 -27.09
CA LEU B 287 -10.96 -4.78 -26.18
C LEU B 287 -11.51 -4.87 -24.74
N TYR B 288 -12.83 -4.85 -24.59
CA TYR B 288 -13.50 -4.99 -23.29
C TYR B 288 -12.96 -6.19 -22.52
N ALA B 289 -12.92 -7.35 -23.16
CA ALA B 289 -12.43 -8.56 -22.47
C ALA B 289 -10.94 -8.42 -22.13
N ALA B 290 -10.16 -7.94 -23.09
CA ALA B 290 -8.72 -7.76 -22.88
C ALA B 290 -8.42 -6.85 -21.70
N LEU B 291 -9.24 -5.83 -21.51
CA LEU B 291 -9.04 -4.92 -20.39
C LEU B 291 -9.67 -5.45 -19.09
N ASP B 292 -10.86 -6.06 -19.18
CA ASP B 292 -11.52 -6.54 -17.98
C ASP B 292 -10.67 -7.66 -17.34
N ASN B 293 -9.80 -8.26 -18.16
CA ASN B 293 -8.84 -9.25 -17.64
C ASN B 293 -7.94 -8.72 -16.50
N VAL B 294 -7.73 -7.41 -16.43
CA VAL B 294 -6.90 -6.87 -15.35
C VAL B 294 -7.59 -7.16 -14.01
N TYR B 295 -8.92 -7.01 -13.96
CA TYR B 295 -9.67 -7.36 -12.76
C TYR B 295 -9.50 -8.84 -12.42
N PHE B 296 -9.72 -9.70 -13.40
CA PHE B 296 -9.67 -11.14 -13.12
C PHE B 296 -8.28 -11.61 -12.75
N THR B 297 -7.26 -11.01 -13.36
CA THR B 297 -5.88 -11.33 -13.05
C THR B 297 -5.52 -10.92 -11.60
N THR B 298 -6.06 -9.80 -11.13
CA THR B 298 -5.64 -9.27 -9.84
C THR B 298 -6.47 -9.68 -8.63
N LEU B 299 -7.74 -10.01 -8.83
CA LEU B 299 -8.61 -10.12 -7.66
C LEU B 299 -9.25 -11.48 -7.36
N PRO B 300 -10.13 -12.03 -8.25
CA PRO B 300 -10.99 -13.12 -7.75
C PRO B 300 -10.25 -14.37 -7.27
N PHE B 301 -9.32 -14.86 -8.07
CA PHE B 301 -8.67 -16.14 -7.81
C PHE B 301 -7.44 -16.23 -8.68
N ARG B 302 -6.45 -17.02 -8.28
CA ARG B 302 -5.16 -17.00 -8.99
C ARG B 302 -5.23 -17.57 -10.43
N HIS B 303 -6.35 -18.18 -10.80
CA HIS B 303 -6.47 -18.71 -12.16
C HIS B 303 -7.43 -17.93 -13.05
N SER B 304 -8.17 -16.97 -12.47
CA SER B 304 -9.28 -16.30 -13.15
C SER B 304 -8.84 -15.65 -14.46
N THR B 305 -9.65 -15.82 -15.52
CA THR B 305 -9.36 -15.18 -16.80
C THR B 305 -10.55 -15.35 -17.75
N ILE B 306 -10.71 -14.43 -18.68
CA ILE B 306 -11.81 -14.52 -19.63
C ILE B 306 -11.42 -15.49 -20.75
N HIS B 307 -11.93 -16.71 -20.68
CA HIS B 307 -11.52 -17.81 -21.58
C HIS B 307 -12.04 -17.63 -23.01
N ARG B 308 -11.36 -18.25 -23.96
CA ARG B 308 -11.80 -18.24 -25.35
C ARG B 308 -13.07 -19.09 -25.53
N TRP B 309 -13.90 -18.70 -26.49
CA TRP B 309 -15.07 -19.48 -26.87
C TRP B 309 -14.71 -20.94 -27.10
N ALA B 310 -13.71 -21.17 -27.94
CA ALA B 310 -13.37 -22.53 -28.38
C ALA B 310 -12.89 -23.39 -27.23
N ASP B 311 -12.14 -22.81 -26.31
CA ASP B 311 -11.68 -23.58 -25.16
C ASP B 311 -12.88 -24.00 -24.30
N CYS B 312 -13.85 -23.11 -24.16
CA CYS B 312 -15.04 -23.41 -23.36
C CYS B 312 -15.87 -24.53 -24.01
N GLU B 313 -16.03 -24.46 -25.33
CA GLU B 313 -16.74 -25.51 -26.07
C GLU B 313 -15.99 -26.83 -25.94
N SER B 314 -14.66 -26.76 -25.92
CA SER B 314 -13.85 -27.96 -25.76
C SER B 314 -14.14 -28.66 -24.42
N TRP B 315 -14.21 -27.87 -23.35
CA TRP B 315 -14.54 -28.43 -22.03
C TRP B 315 -15.91 -29.11 -22.02
N LEU B 316 -16.89 -28.52 -22.72
CA LEU B 316 -18.23 -29.09 -22.74
C LEU B 316 -18.26 -30.48 -23.37
N ARG B 317 -17.48 -30.65 -24.43
CA ARG B 317 -17.41 -31.95 -25.10
C ARG B 317 -16.70 -32.96 -24.23
N GLU B 318 -15.61 -32.52 -23.60
CA GLU B 318 -14.85 -33.40 -22.71
C GLU B 318 -15.68 -33.85 -21.51
N ALA B 319 -16.60 -33.00 -21.07
CA ALA B 319 -17.52 -33.34 -19.97
C ALA B 319 -18.62 -34.27 -20.46
N GLY B 320 -18.71 -34.46 -21.78
CA GLY B 320 -19.67 -35.39 -22.35
C GLY B 320 -20.89 -34.76 -23.01
N PHE B 321 -20.95 -33.43 -23.06
CA PHE B 321 -22.09 -32.78 -23.71
C PHE B 321 -21.96 -32.87 -25.22
N THR B 322 -23.11 -32.88 -25.90
CA THR B 322 -23.14 -32.99 -27.35
C THR B 322 -23.92 -31.79 -27.89
N ASP B 323 -23.89 -31.62 -29.21
CA ASP B 323 -24.56 -30.47 -29.82
C ASP B 323 -24.02 -29.16 -29.20
N VAL B 324 -22.71 -29.08 -29.05
CA VAL B 324 -22.07 -27.94 -28.40
C VAL B 324 -21.90 -26.76 -29.38
N GLY B 325 -22.30 -25.58 -28.94
CA GLY B 325 -22.19 -24.39 -29.77
C GLY B 325 -22.18 -23.08 -29.00
N ARG B 326 -22.23 -21.97 -29.73
CA ARG B 326 -22.11 -20.65 -29.13
C ARG B 326 -23.14 -19.70 -29.71
N THR B 327 -23.47 -18.68 -28.92
CA THR B 327 -24.29 -17.57 -29.36
C THR B 327 -23.48 -16.29 -29.20
N ALA B 328 -23.27 -15.57 -30.30
CA ALA B 328 -22.40 -14.40 -30.34
C ALA B 328 -23.05 -13.17 -29.70
N PRO B 329 -22.21 -12.23 -29.20
CA PRO B 329 -22.74 -10.99 -28.62
C PRO B 329 -23.63 -10.22 -29.60
N PRO B 330 -24.84 -9.84 -29.17
CA PRO B 330 -25.74 -9.01 -29.98
C PRO B 330 -25.38 -7.53 -29.97
N GLY B 331 -24.35 -7.15 -29.22
CA GLY B 331 -24.03 -5.74 -29.06
C GLY B 331 -22.59 -5.42 -28.77
N TRP B 332 -22.38 -4.38 -27.95
CA TRP B 332 -21.05 -3.81 -27.75
C TRP B 332 -20.25 -4.45 -26.61
N THR B 333 -20.89 -5.26 -25.78
CA THR B 333 -20.18 -6.03 -24.78
C THR B 333 -19.82 -7.41 -25.35
N PRO B 334 -18.76 -8.05 -24.81
CA PRO B 334 -18.33 -9.35 -25.34
C PRO B 334 -19.02 -10.56 -24.72
N HIS B 335 -20.22 -10.37 -24.21
CA HIS B 335 -20.90 -11.48 -23.53
C HIS B 335 -21.63 -12.37 -24.52
N GLY B 336 -21.54 -13.68 -24.30
CA GLY B 336 -22.23 -14.65 -25.13
C GLY B 336 -22.57 -15.88 -24.32
N VAL B 337 -23.05 -16.92 -25.01
CA VAL B 337 -23.41 -18.17 -24.35
C VAL B 337 -22.79 -19.37 -25.08
N VAL B 338 -22.13 -20.24 -24.35
CA VAL B 338 -21.73 -21.53 -24.89
C VAL B 338 -22.68 -22.57 -24.30
N SER B 339 -23.28 -23.38 -25.18
CA SER B 339 -24.29 -24.32 -24.71
C SER B 339 -24.08 -25.72 -25.28
N GLY B 340 -24.58 -26.70 -24.54
CA GLY B 340 -24.50 -28.10 -24.95
C GLY B 340 -25.62 -28.91 -24.34
N SER B 341 -25.79 -30.13 -24.85
CA SER B 341 -26.85 -31.03 -24.37
C SER B 341 -26.30 -32.29 -23.72
N ARG B 342 -27.00 -32.75 -22.69
CA ARG B 342 -26.79 -34.11 -22.21
C ARG B 342 -27.68 -35.03 -23.05
N PRO B 343 -27.10 -36.09 -23.63
CA PRO B 343 -27.81 -37.04 -24.49
C PRO B 343 -28.96 -37.74 -23.77
N ARG B 344 -30.10 -37.89 -24.44
CA ARG B 344 -31.24 -38.63 -23.89
C ARG B 344 -30.84 -40.05 -23.50
N GLU C 4 -0.62 -15.05 32.69
CA GLU C 4 -0.77 -13.61 32.86
C GLU C 4 -0.69 -12.84 31.53
N LEU C 5 -1.69 -11.99 31.31
CA LEU C 5 -1.82 -11.30 30.03
C LEU C 5 -0.81 -10.17 29.87
N SER C 6 -0.16 -9.77 30.96
CA SER C 6 0.78 -8.65 30.91
C SER C 6 2.00 -9.01 30.05
N ALA C 7 2.17 -10.30 29.77
CA ALA C 7 3.21 -10.75 28.86
C ALA C 7 2.91 -10.31 27.42
N LEU C 8 1.65 -9.99 27.14
CA LEU C 8 1.25 -9.59 25.79
C LEU C 8 1.70 -8.19 25.42
N VAL C 9 2.02 -7.38 26.43
CA VAL C 9 2.30 -5.96 26.20
C VAL C 9 3.45 -5.67 25.22
N PRO C 10 4.64 -6.29 25.39
CA PRO C 10 5.68 -5.97 24.40
C PRO C 10 5.46 -6.63 23.02
N VAL C 11 4.38 -7.39 22.88
CA VAL C 11 4.08 -8.07 21.63
C VAL C 11 2.89 -7.42 20.90
N LEU C 12 1.82 -7.16 21.64
CA LEU C 12 0.66 -6.44 21.15
C LEU C 12 1.04 -5.02 20.73
N PHE C 13 2.06 -4.46 21.38
CA PHE C 13 2.61 -3.15 21.04
C PHE C 13 4.06 -3.25 20.54
N GLY C 14 4.43 -4.41 20.01
CA GLY C 14 5.81 -4.64 19.58
C GLY C 14 6.29 -3.66 18.53
N HIS C 15 5.43 -3.37 17.55
CA HIS C 15 5.78 -2.48 16.47
C HIS C 15 6.05 -1.09 17.01
N ALA C 16 5.31 -0.72 18.06
CA ALA C 16 5.48 0.57 18.70
C ALA C 16 6.75 0.60 19.55
N ALA C 17 7.11 -0.53 20.16
CA ALA C 17 8.40 -0.62 20.84
C ALA C 17 9.52 -0.38 19.85
N PHE C 18 9.41 -1.00 18.67
CA PHE C 18 10.42 -0.73 17.65
C PHE C 18 10.48 0.75 17.30
N GLN C 19 9.32 1.38 17.15
CA GLN C 19 9.29 2.79 16.73
C GLN C 19 9.92 3.75 17.75
N GLN C 20 9.88 3.39 19.02
CA GLN C 20 10.52 4.21 20.04
C GLN C 20 12.06 4.15 19.91
N LEU C 21 12.60 2.94 19.75
CA LEU C 21 14.02 2.74 19.43
C LEU C 21 14.36 3.49 18.14
N ASN C 22 13.55 3.26 17.12
CA ASN C 22 13.68 3.95 15.85
C ASN C 22 13.79 5.47 16.02
N ALA C 23 12.86 6.05 16.76
CA ALA C 23 12.84 7.51 16.94
C ALA C 23 14.05 8.01 17.74
N GLY C 24 14.39 7.30 18.81
CA GLY C 24 15.54 7.69 19.62
C GLY C 24 16.79 7.73 18.77
N CYS C 25 16.94 6.74 17.89
CA CYS C 25 18.07 6.73 16.97
C CYS C 25 18.00 7.88 15.98
N GLN C 26 16.91 7.97 15.21
CA GLN C 26 16.80 8.97 14.15
C GLN C 26 16.86 10.39 14.67
N LEU C 27 16.31 10.62 15.86
CA LEU C 27 16.25 11.98 16.36
C LEU C 27 17.55 12.39 17.08
N GLY C 28 18.50 11.45 17.20
CA GLY C 28 19.76 11.73 17.86
C GLY C 28 19.70 11.75 19.39
N LEU C 29 18.72 11.07 19.97
CA LEU C 29 18.60 11.07 21.43
C LEU C 29 19.76 10.34 22.12
N PHE C 30 20.12 9.17 21.64
CA PHE C 30 21.09 8.36 22.35
C PHE C 30 22.51 8.94 22.24
N GLU C 31 22.85 9.56 21.11
CA GLU C 31 24.14 10.26 20.97
C GLU C 31 24.17 11.49 21.87
N LEU C 32 23.05 12.19 21.96
CA LEU C 32 22.93 13.35 22.84
C LEU C 32 23.12 12.99 24.32
N LEU C 33 22.40 11.97 24.78
CA LEU C 33 22.53 11.50 26.16
C LEU C 33 23.94 10.98 26.44
N HIS C 34 24.54 10.33 25.46
CA HIS C 34 25.89 9.80 25.66
C HIS C 34 26.88 10.95 25.86
N GLU C 35 26.87 11.93 24.96
CA GLU C 35 27.78 13.07 25.02
C GLU C 35 27.50 14.00 26.20
N ARG C 36 26.24 14.20 26.55
CA ARG C 36 25.87 15.29 27.46
C ARG C 36 24.96 14.90 28.63
N GLY C 37 24.62 13.62 28.76
CA GLY C 37 23.75 13.19 29.84
C GLY C 37 24.37 13.36 31.21
N PRO C 38 23.54 13.54 32.25
CA PRO C 38 22.08 13.59 32.21
C PRO C 38 21.53 14.93 31.73
N LEU C 39 20.38 14.89 31.07
CA LEU C 39 19.71 16.09 30.60
C LEU C 39 18.25 16.05 30.99
N SER C 40 17.66 17.22 31.17
CA SER C 40 16.24 17.31 31.47
C SER C 40 15.46 17.20 30.17
N ALA C 41 14.17 16.94 30.29
CA ALA C 41 13.27 16.85 29.15
C ALA C 41 13.28 18.16 28.35
N GLU C 42 13.36 19.28 29.05
CA GLU C 42 13.45 20.57 28.39
C GLU C 42 14.74 20.67 27.56
N GLU C 43 15.85 20.23 28.17
CA GLU C 43 17.14 20.26 27.51
C GLU C 43 17.18 19.33 26.28
N VAL C 44 16.51 18.18 26.37
CA VAL C 44 16.42 17.27 25.22
C VAL C 44 15.62 17.90 24.10
N ALA C 45 14.47 18.48 24.45
CA ALA C 45 13.62 19.17 23.49
C ALA C 45 14.37 20.29 22.79
N ASP C 46 15.12 21.07 23.56
CA ASP C 46 15.92 22.16 22.99
C ASP C 46 17.02 21.63 22.08
N ALA C 47 17.79 20.68 22.58
CA ALA C 47 18.89 20.10 21.82
C ALA C 47 18.41 19.44 20.53
N LEU C 48 17.38 18.60 20.64
CA LEU C 48 16.92 17.86 19.49
C LEU C 48 15.95 18.67 18.60
N ARG C 49 15.67 19.91 18.99
CA ARG C 49 14.68 20.74 18.30
C ARG C 49 13.30 20.05 18.18
N LEU C 50 12.78 19.58 19.31
CA LEU C 50 11.49 18.92 19.34
C LEU C 50 10.51 19.77 20.12
N PRO C 51 9.24 19.82 19.68
CA PRO C 51 8.20 20.32 20.59
C PRO C 51 8.29 19.59 21.92
N ARG C 52 8.09 20.30 23.03
CA ARG C 52 8.16 19.68 24.35
C ARG C 52 7.31 18.42 24.46
N ARG C 53 6.08 18.48 23.91
CA ARG C 53 5.18 17.34 23.91
C ARG C 53 5.87 16.14 23.26
N SER C 54 6.46 16.38 22.09
CA SER C 54 7.14 15.31 21.35
C SER C 54 8.28 14.71 22.15
N ALA C 55 9.11 15.56 22.74
CA ALA C 55 10.21 15.10 23.60
C ALA C 55 9.70 14.23 24.76
N ASP C 56 8.59 14.63 25.38
CA ASP C 56 8.05 13.89 26.51
C ASP C 56 7.50 12.53 26.10
N ILE C 57 6.83 12.49 24.96
CA ILE C 57 6.39 11.23 24.40
C ILE C 57 7.58 10.31 24.11
N LEU C 58 8.60 10.83 23.43
CA LEU C 58 9.78 10.02 23.10
C LEU C 58 10.45 9.46 24.36
N LEU C 59 10.72 10.36 25.30
CA LEU C 59 11.42 10.00 26.53
C LEU C 59 10.62 9.03 27.38
N LEU C 60 9.29 9.17 27.38
CA LEU C 60 8.45 8.22 28.10
C LEU C 60 8.55 6.84 27.46
N GLY C 61 8.54 6.82 26.13
CA GLY C 61 8.74 5.57 25.40
C GLY C 61 10.10 4.93 25.70
N THR C 62 11.18 5.70 25.57
CA THR C 62 12.50 5.08 25.76
C THR C 62 12.73 4.69 27.23
N THR C 63 12.23 5.48 28.16
CA THR C 63 12.43 5.19 29.59
C THR C 63 11.67 3.95 30.04
N ALA C 64 10.40 3.86 29.65
CA ALA C 64 9.61 2.69 30.00
C ALA C 64 10.17 1.42 29.38
N LEU C 65 10.87 1.55 28.25
CA LEU C 65 11.47 0.39 27.59
C LEU C 65 12.83 0.02 28.19
N GLY C 66 13.42 0.94 28.96
CA GLY C 66 14.71 0.72 29.56
C GLY C 66 15.84 1.17 28.66
N LEU C 67 15.49 1.80 27.55
CA LEU C 67 16.46 2.35 26.60
C LEU C 67 17.09 3.61 27.16
N SER C 68 16.32 4.30 28.00
CA SER C 68 16.84 5.40 28.79
C SER C 68 16.40 5.20 30.25
N THR C 69 17.04 5.94 31.15
CA THR C 69 16.68 5.93 32.57
C THR C 69 16.41 7.37 33.00
N VAL C 70 15.46 7.56 33.91
CA VAL C 70 15.23 8.89 34.47
C VAL C 70 15.54 8.87 35.96
N THR C 71 16.28 9.88 36.39
CA THR C 71 16.59 10.06 37.80
C THR C 71 16.37 11.52 38.17
N ASP C 72 15.38 11.75 39.02
CA ASP C 72 14.94 13.09 39.41
C ASP C 72 14.94 14.07 38.23
N GLY C 73 14.22 13.68 37.18
CA GLY C 73 14.06 14.52 36.00
C GLY C 73 15.24 14.45 35.06
N GLY C 74 16.27 13.71 35.44
CA GLY C 74 17.50 13.60 34.65
C GLY C 74 17.60 12.32 33.86
N TYR C 75 17.78 12.46 32.54
CA TYR C 75 17.78 11.32 31.62
C TYR C 75 19.18 10.89 31.18
N ARG C 76 19.45 9.58 31.31
CA ARG C 76 20.65 8.98 30.74
C ARG C 76 20.28 7.73 29.94
N ASN C 77 21.21 7.28 29.10
CA ASN C 77 21.01 6.04 28.36
C ASN C 77 20.84 4.88 29.30
N GLY C 78 19.94 3.96 28.95
CA GLY C 78 19.72 2.76 29.74
C GLY C 78 20.78 1.73 29.42
N ALA C 79 20.80 0.64 30.20
CA ALA C 79 21.85 -0.36 30.12
C ALA C 79 22.15 -0.90 28.70
N PRO C 80 21.11 -1.28 27.94
CA PRO C 80 21.40 -1.86 26.62
C PRO C 80 22.08 -0.86 25.68
N ILE C 81 21.59 0.37 25.69
CA ILE C 81 22.17 1.41 24.88
C ILE C 81 23.59 1.72 25.36
N GLY C 82 23.77 1.77 26.68
CA GLY C 82 25.08 2.05 27.25
C GLY C 82 26.11 1.00 26.86
N ALA C 83 25.70 -0.26 26.95
CA ALA C 83 26.54 -1.38 26.55
C ALA C 83 27.00 -1.24 25.09
N ALA C 84 26.12 -0.76 24.22
CA ALA C 84 26.44 -0.62 22.80
C ALA C 84 27.51 0.42 22.60
N PHE C 85 27.36 1.56 23.27
CA PHE C 85 28.35 2.62 23.16
C PHE C 85 29.69 2.11 23.66
N ARG C 86 29.66 1.40 24.79
CA ARG C 86 30.89 0.95 25.44
C ARG C 86 31.62 -0.11 24.62
N ASP C 87 30.86 -0.99 23.96
CA ASP C 87 31.42 -2.07 23.17
C ASP C 87 31.83 -1.63 21.76
N GLY C 88 31.75 -0.33 21.50
CA GLY C 88 32.03 0.21 20.18
C GLY C 88 30.97 -0.11 19.12
N LEU C 89 29.77 -0.48 19.55
CA LEU C 89 28.75 -0.96 18.63
C LEU C 89 27.64 0.06 18.31
N TRP C 90 27.81 1.30 18.72
CA TRP C 90 26.72 2.25 18.48
C TRP C 90 26.49 2.57 17.00
N PRO C 91 27.55 2.93 16.23
CA PRO C 91 27.30 3.16 14.80
C PRO C 91 26.72 1.92 14.10
N VAL C 92 27.15 0.75 14.53
CA VAL C 92 26.61 -0.49 14.02
C VAL C 92 25.11 -0.59 14.34
N LEU C 93 24.75 -0.42 15.61
CA LEU C 93 23.34 -0.56 16.02
C LEU C 93 22.46 0.47 15.32
N ARG C 94 22.96 1.70 15.25
CA ARG C 94 22.30 2.80 14.56
C ARG C 94 22.00 2.48 13.09
N ASP C 95 22.98 1.94 12.35
CA ASP C 95 22.73 1.58 10.96
C ASP C 95 21.78 0.39 10.83
N ILE C 96 21.82 -0.53 11.78
CA ILE C 96 20.89 -1.65 11.77
C ILE C 96 19.44 -1.19 12.04
N VAL C 97 19.28 -0.22 12.93
CA VAL C 97 17.95 0.32 13.21
C VAL C 97 17.44 1.03 11.95
N GLN C 98 18.34 1.73 11.25
CA GLN C 98 17.98 2.38 9.99
C GLN C 98 17.53 1.37 8.93
N TYR C 99 18.22 0.23 8.86
CA TYR C 99 17.79 -0.86 7.99
C TYR C 99 16.36 -1.31 8.33
N GLN C 100 16.10 -1.55 9.61
CA GLN C 100 14.75 -1.97 10.04
C GLN C 100 13.71 -0.96 9.60
N ASP C 101 14.03 0.32 9.78
CA ASP C 101 13.12 1.40 9.44
C ASP C 101 12.88 1.49 7.93
N LYS C 102 13.96 1.52 7.16
CA LYS C 102 13.86 1.78 5.71
C LYS C 102 13.59 0.53 4.87
N ILE C 103 14.02 -0.64 5.36
CA ILE C 103 13.93 -1.84 4.55
C ILE C 103 12.90 -2.85 5.09
N ALA C 104 12.96 -3.10 6.39
CA ALA C 104 12.20 -4.21 6.96
C ALA C 104 10.76 -3.88 7.39
N TYR C 105 10.56 -2.73 8.03
CA TYR C 105 9.29 -2.48 8.71
C TYR C 105 8.02 -2.59 7.84
N GLN C 106 8.00 -1.90 6.71
CA GLN C 106 6.78 -1.90 5.90
C GLN C 106 6.53 -3.24 5.23
N PRO C 107 7.58 -3.89 4.68
CA PRO C 107 7.31 -5.23 4.14
C PRO C 107 6.85 -6.26 5.17
N ALA C 108 7.23 -6.07 6.43
CA ALA C 108 6.82 -7.00 7.47
C ALA C 108 5.29 -7.04 7.65
N ALA C 109 4.58 -6.01 7.17
CA ALA C 109 3.11 -5.98 7.18
C ALA C 109 2.52 -7.05 6.26
N ASP C 110 3.32 -7.54 5.33
CA ASP C 110 2.85 -8.58 4.44
C ASP C 110 3.22 -9.97 4.94
N TYR C 111 3.48 -10.08 6.23
CA TYR C 111 3.90 -11.35 6.82
C TYR C 111 2.83 -12.45 6.75
N VAL C 112 1.61 -12.14 7.15
CA VAL C 112 0.52 -13.12 7.12
C VAL C 112 0.28 -13.63 5.69
N GLU C 113 0.17 -12.71 4.73
CA GLU C 113 0.07 -13.10 3.33
C GLU C 113 1.26 -13.97 2.90
N SER C 114 2.47 -13.57 3.29
CA SER C 114 3.67 -14.29 2.86
C SER C 114 3.63 -15.75 3.34
N LEU C 115 3.26 -15.96 4.61
CA LEU C 115 3.08 -17.31 5.14
C LEU C 115 2.03 -18.10 4.37
N ARG C 116 0.87 -17.46 4.18
CA ARG C 116 -0.29 -18.16 3.61
C ARG C 116 -0.08 -18.49 2.13
N THR C 117 0.59 -17.63 1.37
CA THR C 117 0.75 -17.87 -0.08
C THR C 117 2.10 -18.48 -0.46
N GLY C 118 3.03 -18.55 0.49
CA GLY C 118 4.35 -19.09 0.22
C GLY C 118 5.16 -18.19 -0.70
N GLN C 119 4.88 -16.90 -0.64
CA GLN C 119 5.59 -15.90 -1.42
C GLN C 119 6.32 -14.90 -0.52
N ASN C 120 7.37 -14.26 -1.06
CA ASN C 120 7.95 -13.11 -0.39
C ASN C 120 7.15 -11.88 -0.81
N ALA C 121 5.94 -11.77 -0.25
CA ALA C 121 4.98 -10.77 -0.72
C ALA C 121 5.45 -9.33 -0.46
N GLY C 122 6.20 -9.11 0.62
CA GLY C 122 6.67 -7.79 0.96
C GLY C 122 7.63 -7.13 -0.03
N ILE C 123 8.10 -7.88 -1.01
CA ILE C 123 9.00 -7.33 -2.02
C ILE C 123 8.28 -6.32 -2.94
N ARG C 124 6.95 -6.34 -2.91
CA ARG C 124 6.13 -5.42 -3.71
C ARG C 124 6.42 -3.95 -3.39
N HIS C 125 7.04 -3.69 -2.23
CA HIS C 125 7.31 -2.32 -1.81
C HIS C 125 8.53 -1.74 -2.53
N PHE C 126 9.25 -2.59 -3.25
CA PHE C 126 10.43 -2.18 -4.02
C PHE C 126 10.15 -2.25 -5.52
N PRO C 127 10.43 -1.17 -6.25
CA PRO C 127 10.22 -1.16 -7.70
C PRO C 127 11.00 -2.29 -8.39
N GLY C 128 10.43 -2.86 -9.45
CA GLY C 128 11.08 -3.97 -10.14
C GLY C 128 10.15 -5.16 -10.28
N THR C 129 10.54 -6.13 -11.09
CA THR C 129 9.66 -7.25 -11.37
C THR C 129 10.25 -8.62 -11.02
N THR C 130 11.55 -8.68 -10.75
CA THR C 130 12.21 -9.94 -10.42
C THR C 130 11.78 -10.43 -9.03
N ARG C 131 12.03 -11.70 -8.72
CA ARG C 131 11.46 -12.34 -7.54
C ARG C 131 12.38 -12.38 -6.32
N ASP C 132 13.54 -11.72 -6.39
CA ASP C 132 14.43 -11.63 -5.25
C ASP C 132 14.79 -10.17 -5.01
N LEU C 133 15.03 -9.82 -3.75
CA LEU C 133 15.26 -8.41 -3.40
C LEU C 133 16.50 -7.81 -4.10
N TYR C 134 17.57 -8.59 -4.18
CA TYR C 134 18.88 -8.06 -4.57
C TYR C 134 18.87 -7.59 -6.02
N SER C 135 18.15 -8.30 -6.89
CA SER C 135 18.10 -7.90 -8.29
C SER C 135 17.14 -6.73 -8.49
N ARG C 136 16.46 -6.32 -7.43
CA ARG C 136 15.61 -5.13 -7.49
C ARG C 136 16.31 -3.89 -6.98
N LEU C 137 17.41 -4.06 -6.25
CA LEU C 137 18.10 -2.93 -5.60
C LEU C 137 18.50 -1.83 -6.59
N ALA C 138 18.90 -2.24 -7.79
CA ALA C 138 19.40 -1.31 -8.79
C ALA C 138 18.30 -0.42 -9.40
N ALA C 139 17.03 -0.79 -9.20
CA ALA C 139 15.92 -0.03 -9.80
C ALA C 139 15.78 1.37 -9.24
N VAL C 140 16.26 1.58 -8.02
CA VAL C 140 16.06 2.83 -7.30
C VAL C 140 17.41 3.45 -6.97
N PRO C 141 17.62 4.71 -7.39
CA PRO C 141 18.92 5.34 -7.14
C PRO C 141 19.21 5.46 -5.65
N GLY C 142 20.41 5.04 -5.26
CA GLY C 142 20.82 5.12 -3.87
C GLY C 142 20.40 3.92 -3.03
N LEU C 143 19.54 3.06 -3.57
CA LEU C 143 19.01 1.94 -2.80
C LEU C 143 20.03 0.84 -2.55
N GLU C 144 20.89 0.56 -3.53
CA GLU C 144 21.94 -0.41 -3.30
C GLU C 144 22.87 0.05 -2.18
N GLU C 145 23.25 1.33 -2.20
CA GLU C 145 24.09 1.87 -1.13
C GLU C 145 23.41 1.74 0.24
N LEU C 146 22.10 1.98 0.29
CA LEU C 146 21.38 1.90 1.55
C LEU C 146 21.32 0.47 2.08
N PHE C 147 20.96 -0.47 1.22
CA PHE C 147 20.97 -1.87 1.59
C PHE C 147 22.32 -2.25 2.19
N TYR C 148 23.41 -1.96 1.47
CA TYR C 148 24.72 -2.43 1.92
C TYR C 148 25.20 -1.65 3.14
N ARG C 149 24.75 -0.41 3.36
CA ARG C 149 25.04 0.24 4.65
C ARG C 149 24.48 -0.62 5.78
N GLY C 150 23.23 -1.05 5.65
CA GLY C 150 22.61 -1.93 6.63
C GLY C 150 23.24 -3.31 6.72
N MET C 151 23.45 -3.95 5.58
CA MET C 151 24.06 -5.28 5.55
C MET C 151 25.49 -5.25 6.12
N HIS C 152 26.24 -4.19 5.83
CA HIS C 152 27.58 -3.98 6.38
C HIS C 152 27.55 -4.05 7.90
N ALA C 153 26.63 -3.30 8.50
CA ALA C 153 26.48 -3.24 9.94
C ALA C 153 25.98 -4.56 10.54
N TRP C 154 25.04 -5.23 9.87
CA TRP C 154 24.59 -6.56 10.32
C TRP C 154 25.79 -7.53 10.40
N SER C 155 26.62 -7.49 9.37
CA SER C 155 27.82 -8.33 9.31
C SER C 155 28.83 -7.93 10.40
N GLN C 156 29.01 -6.62 10.62
CA GLN C 156 29.86 -6.14 11.71
C GLN C 156 29.38 -6.65 13.07
N LEU C 157 28.07 -6.69 13.25
CA LEU C 157 27.53 -7.17 14.52
C LEU C 157 27.73 -8.67 14.66
N SER C 158 27.58 -9.39 13.56
CA SER C 158 27.47 -10.85 13.65
C SER C 158 28.76 -11.60 13.36
N ASN C 159 29.74 -10.97 12.71
CA ASN C 159 30.90 -11.72 12.21
C ASN C 159 32.07 -12.03 13.16
N PRO C 160 32.04 -11.57 14.44
CA PRO C 160 33.14 -12.05 15.29
C PRO C 160 33.33 -13.56 15.31
N VAL C 161 32.25 -14.34 15.32
CA VAL C 161 32.39 -15.79 15.30
C VAL C 161 33.07 -16.23 14.00
N LEU C 162 32.87 -15.48 12.92
CA LEU C 162 33.50 -15.84 11.65
C LEU C 162 34.99 -15.58 11.68
N LEU C 163 35.37 -14.40 12.14
CA LEU C 163 36.76 -13.98 12.19
C LEU C 163 37.57 -14.86 13.16
N ALA C 164 36.92 -15.36 14.20
CA ALA C 164 37.58 -16.19 15.21
C ALA C 164 37.73 -17.65 14.77
N GLN C 165 37.24 -17.97 13.58
CA GLN C 165 37.30 -19.33 13.06
C GLN C 165 38.76 -19.74 12.77
N PRO C 166 39.18 -20.90 13.30
CA PRO C 166 40.57 -21.38 13.23
C PRO C 166 41.05 -21.58 11.81
N ASP C 167 40.14 -21.96 10.92
CA ASP C 167 40.45 -22.26 9.52
C ASP C 167 41.22 -21.14 8.80
N PHE C 168 40.98 -19.90 9.20
CA PHE C 168 41.54 -18.76 8.48
C PHE C 168 43.03 -18.56 8.73
N THR C 169 43.59 -19.33 9.64
CA THR C 169 45.05 -19.33 9.81
C THR C 169 45.67 -20.36 8.87
N ARG C 170 44.85 -21.31 8.42
CA ARG C 170 45.31 -22.40 7.58
C ARG C 170 45.04 -22.18 6.07
N VAL C 171 43.99 -21.44 5.72
CA VAL C 171 43.64 -21.26 4.32
C VAL C 171 44.33 -20.04 3.71
N HIS C 172 44.45 -20.03 2.38
CA HIS C 172 45.16 -18.96 1.70
C HIS C 172 44.29 -18.10 0.77
N ARG C 173 43.40 -18.73 0.01
CA ARG C 173 42.50 -17.99 -0.88
C ARG C 173 41.03 -18.28 -0.60
N VAL C 174 40.26 -17.26 -0.23
CA VAL C 174 38.84 -17.42 0.11
C VAL C 174 37.92 -16.89 -0.99
N LEU C 175 37.00 -17.74 -1.43
CA LEU C 175 35.96 -17.31 -2.35
C LEU C 175 34.72 -16.92 -1.54
N ASP C 176 34.48 -15.62 -1.45
CA ASP C 176 33.41 -15.02 -0.68
C ASP C 176 32.17 -14.98 -1.58
N VAL C 177 31.34 -16.03 -1.51
CA VAL C 177 30.24 -16.22 -2.47
C VAL C 177 29.02 -15.36 -2.11
N GLY C 178 28.68 -14.42 -2.99
CA GLY C 178 27.70 -13.38 -2.68
C GLY C 178 28.19 -12.52 -1.52
N GLY C 179 29.44 -12.07 -1.61
CA GLY C 179 30.09 -11.37 -0.50
C GLY C 179 29.74 -9.89 -0.40
N GLY C 180 28.75 -9.46 -1.18
CA GLY C 180 28.19 -8.13 -1.02
C GLY C 180 29.16 -6.97 -1.17
N ASP C 181 29.22 -6.13 -0.14
CA ASP C 181 30.07 -4.94 -0.18
C ASP C 181 31.47 -5.24 0.39
N ALA C 182 31.83 -6.52 0.46
CA ALA C 182 33.16 -6.94 0.92
C ALA C 182 33.40 -6.71 2.42
N VAL C 183 32.35 -6.42 3.19
CA VAL C 183 32.51 -6.18 4.63
C VAL C 183 33.29 -7.29 5.32
N ASN C 184 32.93 -8.54 5.05
CA ASN C 184 33.57 -9.67 5.71
C ASN C 184 34.93 -10.03 5.08
N ALA C 185 35.04 -9.80 3.78
CA ALA C 185 36.29 -10.00 3.06
C ALA C 185 37.38 -9.11 3.66
N VAL C 186 37.07 -7.83 3.80
CA VAL C 186 37.99 -6.86 4.38
C VAL C 186 38.30 -7.15 5.86
N ALA C 187 37.28 -7.57 6.61
CA ALA C 187 37.49 -7.92 8.02
C ALA C 187 38.44 -9.12 8.16
N LEU C 188 38.23 -10.14 7.33
CA LEU C 188 39.07 -11.31 7.32
C LEU C 188 40.50 -10.93 6.94
N ALA C 189 40.64 -10.09 5.92
CA ALA C 189 41.94 -9.72 5.37
C ALA C 189 42.76 -8.92 6.36
N ARG C 190 42.09 -8.09 7.16
CA ARG C 190 42.74 -7.32 8.21
C ARG C 190 43.21 -8.23 9.34
N ALA C 191 42.36 -9.16 9.75
CA ALA C 191 42.68 -10.04 10.87
C ALA C 191 43.70 -11.09 10.45
N HIS C 192 43.83 -11.32 9.15
CA HIS C 192 44.78 -12.31 8.64
C HIS C 192 45.59 -11.75 7.47
N PRO C 193 46.72 -11.10 7.78
CA PRO C 193 47.55 -10.31 6.85
C PRO C 193 47.99 -11.04 5.57
N SER C 194 47.99 -12.36 5.56
CA SER C 194 48.45 -13.09 4.38
C SER C 194 47.29 -13.60 3.53
N LEU C 195 46.09 -13.60 4.10
CA LEU C 195 44.90 -14.10 3.42
C LEU C 195 44.56 -13.30 2.14
N ARG C 196 44.15 -14.02 1.10
CA ARG C 196 43.56 -13.45 -0.11
C ARG C 196 42.06 -13.75 -0.15
N VAL C 197 41.25 -12.79 -0.59
CA VAL C 197 39.82 -13.05 -0.73
C VAL C 197 39.32 -12.59 -2.11
N THR C 198 38.44 -13.40 -2.70
CA THR C 198 37.72 -13.04 -3.91
C THR C 198 36.25 -12.80 -3.58
N VAL C 199 35.79 -11.56 -3.74
CA VAL C 199 34.39 -11.22 -3.46
C VAL C 199 33.54 -11.42 -4.71
N LEU C 200 32.69 -12.43 -4.69
CA LEU C 200 31.86 -12.76 -5.83
C LEU C 200 30.44 -12.27 -5.60
N ASP C 201 29.90 -11.47 -6.52
CA ASP C 201 28.55 -10.94 -6.34
C ASP C 201 28.04 -10.36 -7.66
N ARG C 202 26.90 -9.66 -7.60
CA ARG C 202 26.35 -8.97 -8.76
C ARG C 202 27.19 -7.72 -9.02
N PRO C 203 27.24 -7.25 -10.29
CA PRO C 203 27.98 -6.02 -10.59
C PRO C 203 27.59 -4.85 -9.70
N GLY C 204 26.28 -4.70 -9.44
CA GLY C 204 25.78 -3.63 -8.61
C GLY C 204 26.40 -3.62 -7.21
N ALA C 205 26.53 -4.81 -6.62
CA ALA C 205 27.11 -4.93 -5.28
C ALA C 205 28.62 -4.65 -5.31
N LEU C 206 29.28 -5.11 -6.36
CA LEU C 206 30.73 -5.00 -6.46
C LEU C 206 31.17 -3.55 -6.64
N GLU C 207 30.27 -2.75 -7.17
CA GLU C 207 30.49 -1.32 -7.25
C GLU C 207 30.65 -0.74 -5.84
N VAL C 208 29.87 -1.26 -4.90
CA VAL C 208 29.97 -0.82 -3.51
C VAL C 208 31.19 -1.47 -2.84
N ALA C 209 31.38 -2.76 -3.11
CA ALA C 209 32.52 -3.49 -2.57
C ALA C 209 33.84 -2.82 -2.92
N ARG C 210 33.94 -2.29 -4.13
CA ARG C 210 35.19 -1.67 -4.58
C ARG C 210 35.50 -0.44 -3.73
N LYS C 211 34.47 0.30 -3.36
CA LYS C 211 34.63 1.42 -2.45
C LYS C 211 35.08 0.92 -1.07
N THR C 212 34.52 -0.20 -0.63
CA THR C 212 34.87 -0.74 0.69
C THR C 212 36.33 -1.18 0.74
N ILE C 213 36.76 -1.86 -0.31
CA ILE C 213 38.13 -2.36 -0.39
C ILE C 213 39.11 -1.18 -0.49
N ALA C 214 38.77 -0.20 -1.31
CA ALA C 214 39.61 1.00 -1.48
C ALA C 214 39.84 1.73 -0.16
N GLU C 215 38.76 1.90 0.62
CA GLU C 215 38.86 2.55 1.93
C GLU C 215 39.83 1.80 2.84
N ALA C 216 39.89 0.49 2.70
CA ALA C 216 40.73 -0.33 3.56
C ALA C 216 42.15 -0.43 3.01
N GLY C 217 42.34 -0.05 1.75
CA GLY C 217 43.62 -0.15 1.10
C GLY C 217 44.02 -1.58 0.79
N LEU C 218 43.03 -2.42 0.48
CA LEU C 218 43.29 -3.85 0.33
C LEU C 218 43.09 -4.33 -1.11
N GLU C 219 43.23 -3.41 -2.06
CA GLU C 219 43.07 -3.71 -3.49
C GLU C 219 43.95 -4.87 -3.95
N GLU C 220 45.08 -5.04 -3.29
CA GLU C 220 46.01 -6.10 -3.65
C GLU C 220 45.49 -7.48 -3.25
N ARG C 221 45.01 -7.61 -2.01
CA ARG C 221 44.64 -8.92 -1.49
C ARG C 221 43.15 -9.24 -1.61
N VAL C 222 42.32 -8.22 -1.79
CA VAL C 222 40.87 -8.45 -1.85
C VAL C 222 40.38 -8.03 -3.22
N ARG C 223 39.98 -9.00 -4.04
CA ARG C 223 39.53 -8.74 -5.40
C ARG C 223 38.04 -9.02 -5.57
N THR C 224 37.43 -8.36 -6.55
CA THR C 224 36.03 -8.57 -6.87
C THR C 224 35.89 -9.43 -8.13
N HIS C 225 34.81 -10.20 -8.20
CA HIS C 225 34.54 -11.05 -9.36
C HIS C 225 33.02 -11.11 -9.61
N ALA C 226 32.60 -10.61 -10.77
CA ALA C 226 31.19 -10.54 -11.11
C ALA C 226 30.69 -11.89 -11.59
N ALA C 227 29.67 -12.39 -10.90
CA ALA C 227 29.11 -13.70 -11.25
C ALA C 227 27.73 -13.89 -10.64
N ASP C 228 26.92 -14.71 -11.29
CA ASP C 228 25.69 -15.21 -10.70
C ASP C 228 26.01 -16.45 -9.88
N ILE C 229 25.57 -16.49 -8.63
CA ILE C 229 25.94 -17.61 -7.75
C ILE C 229 25.36 -18.95 -8.19
N PHE C 230 24.32 -18.93 -9.01
CA PHE C 230 23.75 -20.19 -9.49
C PHE C 230 24.22 -20.58 -10.90
N THR C 231 24.19 -19.63 -11.84
CA THR C 231 24.36 -19.97 -13.25
C THR C 231 25.78 -19.76 -13.76
N ASP C 232 26.61 -19.10 -12.98
CA ASP C 232 27.99 -18.87 -13.39
C ASP C 232 28.92 -19.77 -12.60
N SER C 233 30.11 -20.00 -13.13
CA SER C 233 31.06 -20.90 -12.49
C SER C 233 31.79 -20.16 -11.37
N TYR C 234 32.11 -20.88 -10.30
CA TYR C 234 32.98 -20.32 -9.27
C TYR C 234 34.43 -20.45 -9.69
N PRO C 235 35.20 -19.34 -9.61
CA PRO C 235 36.60 -19.38 -10.05
C PRO C 235 37.36 -20.48 -9.32
N ALA C 236 38.21 -21.20 -10.04
CA ALA C 236 39.04 -22.25 -9.44
C ALA C 236 40.13 -21.65 -8.56
N GLY C 237 40.89 -22.51 -7.91
CA GLY C 237 42.13 -22.07 -7.27
C GLY C 237 41.97 -21.54 -5.86
N HIS C 238 40.75 -21.65 -5.32
CA HIS C 238 40.52 -21.17 -3.97
C HIS C 238 40.53 -22.32 -2.97
N ASP C 239 41.10 -21.96 -1.83
CA ASP C 239 41.43 -22.81 -0.71
C ASP C 239 40.23 -22.98 0.23
N CYS C 240 39.34 -21.99 0.16
CA CYS C 240 38.24 -21.89 1.10
C CYS C 240 37.07 -21.22 0.38
N VAL C 241 35.89 -21.79 0.57
CA VAL C 241 34.68 -21.20 0.02
C VAL C 241 33.79 -20.76 1.15
N LEU C 242 33.52 -19.46 1.22
CA LEU C 242 32.72 -18.89 2.29
C LEU C 242 31.32 -18.48 1.82
N PHE C 243 30.29 -18.96 2.53
CA PHE C 243 28.92 -18.51 2.33
C PHE C 243 28.52 -17.68 3.54
N ALA C 244 28.60 -16.35 3.42
CA ALA C 244 28.27 -15.46 4.53
C ALA C 244 26.91 -14.79 4.30
N HIS C 245 25.99 -15.00 5.23
CA HIS C 245 24.63 -14.46 5.14
C HIS C 245 24.03 -14.73 3.77
N GLN C 246 24.07 -16.00 3.38
CA GLN C 246 23.77 -16.38 2.01
C GLN C 246 22.76 -17.52 1.94
N LEU C 247 23.05 -18.63 2.62
CA LEU C 247 22.20 -19.81 2.51
C LEU C 247 20.84 -19.61 3.18
N VAL C 248 20.74 -18.60 4.04
CA VAL C 248 19.45 -18.25 4.64
C VAL C 248 18.47 -17.72 3.60
N ILE C 249 18.97 -17.30 2.44
CA ILE C 249 18.12 -16.76 1.38
C ILE C 249 17.37 -17.85 0.61
N TRP C 250 17.96 -19.04 0.58
CA TRP C 250 17.54 -20.05 -0.38
C TRP C 250 16.92 -21.28 0.25
N SER C 251 16.25 -22.08 -0.58
CA SER C 251 15.66 -23.33 -0.14
C SER C 251 16.75 -24.34 0.15
N PRO C 252 16.45 -25.38 0.97
CA PRO C 252 17.37 -26.49 1.16
C PRO C 252 17.90 -27.07 -0.16
N GLU C 253 17.03 -27.22 -1.15
CA GLU C 253 17.42 -27.75 -2.46
C GLU C 253 18.41 -26.83 -3.20
N GLN C 254 18.16 -25.52 -3.16
CA GLN C 254 19.09 -24.54 -3.74
C GLN C 254 20.41 -24.56 -3.00
N ASN C 255 20.36 -24.74 -1.69
CA ASN C 255 21.58 -24.73 -0.89
C ASN C 255 22.45 -25.95 -1.16
N LEU C 256 21.80 -27.10 -1.38
CA LEU C 256 22.54 -28.29 -1.79
C LEU C 256 23.25 -28.03 -3.13
N THR C 257 22.56 -27.35 -4.04
CA THR C 257 23.13 -26.99 -5.34
C THR C 257 24.36 -26.07 -5.19
N LEU C 258 24.21 -25.04 -4.36
CA LEU C 258 25.31 -24.12 -4.07
C LEU C 258 26.49 -24.83 -3.43
N LEU C 259 26.20 -25.70 -2.45
CA LEU C 259 27.26 -26.39 -1.74
C LEU C 259 27.97 -27.41 -2.63
N ARG C 260 27.24 -28.02 -3.57
CA ARG C 260 27.88 -28.92 -4.53
C ARG C 260 28.79 -28.14 -5.49
N LYS C 261 28.41 -26.92 -5.83
CA LYS C 261 29.28 -26.04 -6.66
C LYS C 261 30.52 -25.68 -5.87
N ALA C 262 30.32 -25.42 -4.57
CA ALA C 262 31.44 -25.09 -3.70
C ALA C 262 32.43 -26.26 -3.66
N TYR C 263 31.88 -27.47 -3.51
CA TYR C 263 32.68 -28.69 -3.49
C TYR C 263 33.54 -28.85 -4.77
N ASP C 264 32.92 -28.74 -5.94
CA ASP C 264 33.65 -28.85 -7.20
C ASP C 264 34.76 -27.79 -7.35
N ALA C 265 34.51 -26.58 -6.85
CA ALA C 265 35.41 -25.46 -7.09
C ALA C 265 36.54 -25.37 -6.07
N VAL C 266 36.30 -25.86 -4.86
CA VAL C 266 37.31 -25.73 -3.81
C VAL C 266 38.45 -26.76 -4.03
N GLU C 267 39.68 -26.31 -3.83
CA GLU C 267 40.82 -27.23 -3.93
C GLU C 267 40.66 -28.34 -2.90
N PRO C 268 40.90 -29.59 -3.32
CA PRO C 268 40.88 -30.74 -2.40
C PRO C 268 41.73 -30.47 -1.16
N GLY C 269 41.22 -30.87 0.01
CA GLY C 269 41.85 -30.51 1.27
C GLY C 269 41.40 -29.15 1.79
N GLY C 270 40.59 -28.46 0.98
CA GLY C 270 40.12 -27.13 1.35
C GLY C 270 38.91 -27.20 2.27
N ARG C 271 38.40 -26.03 2.64
CA ARG C 271 37.27 -25.93 3.57
C ARG C 271 36.09 -25.16 2.98
N VAL C 272 34.88 -25.53 3.38
CA VAL C 272 33.70 -24.72 3.11
C VAL C 272 33.15 -24.20 4.44
N LEU C 273 32.83 -22.90 4.50
CA LEU C 273 32.29 -22.31 5.71
C LEU C 273 30.93 -21.68 5.43
N VAL C 274 29.95 -21.98 6.27
CA VAL C 274 28.63 -21.36 6.18
C VAL C 274 28.40 -20.53 7.43
N PHE C 275 28.38 -19.21 7.25
CA PHE C 275 28.24 -18.29 8.37
C PHE C 275 26.95 -17.51 8.23
N ASN C 276 26.06 -17.67 9.21
CA ASN C 276 24.79 -16.91 9.25
C ASN C 276 24.08 -17.13 10.57
N ALA C 277 22.88 -16.56 10.71
CA ALA C 277 22.03 -16.92 11.85
C ALA C 277 21.61 -18.37 11.72
N PHE C 278 21.39 -19.03 12.87
CA PHE C 278 20.87 -20.39 12.89
C PHE C 278 19.72 -20.54 13.88
N THR C 279 18.78 -21.42 13.54
CA THR C 279 17.71 -21.81 14.41
C THR C 279 18.17 -23.04 15.22
N ASP C 280 17.91 -23.05 16.53
CA ASP C 280 18.25 -24.21 17.35
C ASP C 280 17.57 -25.44 16.77
N ASP C 281 18.23 -26.57 16.85
CA ASP C 281 17.71 -27.81 16.31
C ASP C 281 16.37 -28.22 16.94
N ASP C 282 16.16 -27.89 18.22
CA ASP C 282 14.89 -28.24 18.86
C ASP C 282 13.74 -27.28 18.50
N ARG C 283 13.98 -26.35 17.58
CA ARG C 283 12.92 -25.45 17.09
C ARG C 283 12.22 -24.63 18.19
N THR C 284 12.96 -24.24 19.23
CA THR C 284 12.40 -23.42 20.32
C THR C 284 12.80 -21.97 20.19
N GLY C 285 13.73 -21.70 19.28
CA GLY C 285 14.30 -20.38 19.15
C GLY C 285 15.64 -20.46 18.45
N PRO C 286 16.55 -19.53 18.78
CA PRO C 286 16.31 -18.48 19.77
C PRO C 286 15.41 -17.35 19.27
N LEU C 287 15.03 -16.44 20.17
CA LEU C 287 14.10 -15.35 19.87
C LEU C 287 14.51 -14.53 18.65
N TYR C 288 15.77 -14.09 18.67
CA TYR C 288 16.37 -13.32 17.59
C TYR C 288 16.00 -13.95 16.23
N ALA C 289 16.32 -15.25 16.08
CA ALA C 289 16.06 -15.96 14.85
C ALA C 289 14.57 -16.05 14.54
N ALA C 290 13.78 -16.39 15.55
CA ALA C 290 12.34 -16.58 15.37
C ALA C 290 11.66 -15.31 14.90
N LEU C 291 12.19 -14.17 15.34
CA LEU C 291 11.68 -12.87 14.94
C LEU C 291 12.32 -12.36 13.64
N ASP C 292 13.61 -12.61 13.46
CA ASP C 292 14.26 -12.14 12.24
C ASP C 292 13.68 -12.88 11.02
N ASN C 293 13.07 -14.03 11.25
CA ASN C 293 12.37 -14.76 10.20
C ASN C 293 11.21 -13.97 9.53
N VAL C 294 10.70 -12.93 10.18
CA VAL C 294 9.64 -12.15 9.55
C VAL C 294 10.23 -11.42 8.33
N TYR C 295 11.43 -10.88 8.48
CA TYR C 295 12.17 -10.31 7.36
C TYR C 295 12.36 -11.33 6.23
N PHE C 296 12.92 -12.49 6.58
CA PHE C 296 13.25 -13.48 5.56
C PHE C 296 12.00 -14.00 4.85
N THR C 297 10.90 -14.09 5.61
CA THR C 297 9.65 -14.58 5.07
C THR C 297 9.05 -13.56 4.10
N THR C 298 9.22 -12.28 4.41
CA THR C 298 8.51 -11.26 3.66
C THR C 298 9.29 -10.65 2.47
N LEU C 299 10.62 -10.72 2.49
CA LEU C 299 11.35 -9.88 1.52
C LEU C 299 12.31 -10.57 0.53
N PRO C 300 13.39 -11.23 1.01
CA PRO C 300 14.46 -11.51 0.02
C PRO C 300 14.09 -12.51 -1.07
N PHE C 301 13.41 -13.59 -0.72
CA PHE C 301 13.08 -14.64 -1.69
C PHE C 301 11.97 -15.50 -1.10
N ARG C 302 11.21 -16.21 -1.94
CA ARG C 302 10.04 -16.97 -1.45
C ARG C 302 10.42 -18.21 -0.64
N HIS C 303 11.70 -18.55 -0.61
CA HIS C 303 12.12 -19.68 0.22
C HIS C 303 12.96 -19.29 1.43
N SER C 304 13.34 -18.02 1.54
CA SER C 304 14.29 -17.59 2.59
C SER C 304 13.79 -17.95 3.99
N THR C 305 14.71 -18.39 4.86
CA THR C 305 14.38 -18.69 6.25
C THR C 305 15.67 -19.01 7.00
N ILE C 306 15.68 -18.77 8.30
CA ILE C 306 16.85 -19.11 9.10
C ILE C 306 16.82 -20.62 9.42
N HIS C 307 17.65 -21.36 8.68
CA HIS C 307 17.67 -22.82 8.71
C HIS C 307 18.27 -23.33 10.03
N ARG C 308 17.94 -24.55 10.41
CA ARG C 308 18.51 -25.16 11.61
C ARG C 308 19.94 -25.61 11.37
N TRP C 309 20.77 -25.51 12.40
CA TRP C 309 22.13 -26.06 12.39
C TRP C 309 22.23 -27.43 11.72
N ALA C 310 21.42 -28.37 12.18
CA ALA C 310 21.50 -29.77 11.74
C ALA C 310 21.15 -29.94 10.28
N ASP C 311 20.19 -29.14 9.80
CA ASP C 311 19.81 -29.24 8.40
C ASP C 311 20.96 -28.74 7.52
N CYS C 312 21.60 -27.66 7.94
CA CYS C 312 22.77 -27.14 7.24
C CYS C 312 23.88 -28.19 7.20
N GLU C 313 24.21 -28.76 8.36
CA GLU C 313 25.24 -29.79 8.44
C GLU C 313 24.93 -30.94 7.51
N SER C 314 23.65 -31.30 7.42
CA SER C 314 23.21 -32.37 6.54
C SER C 314 23.49 -32.07 5.06
N TRP C 315 23.27 -30.82 4.63
CA TRP C 315 23.56 -30.44 3.24
C TRP C 315 25.04 -30.55 2.92
N LEU C 316 25.89 -30.13 3.85
CA LEU C 316 27.34 -30.22 3.64
C LEU C 316 27.76 -31.66 3.38
N ARG C 317 27.26 -32.57 4.22
CA ARG C 317 27.54 -33.99 4.09
C ARG C 317 27.01 -34.53 2.78
N GLU C 318 25.76 -34.20 2.45
CA GLU C 318 25.16 -34.66 1.20
C GLU C 318 25.94 -34.16 -0.01
N ALA C 319 26.60 -33.00 0.13
CA ALA C 319 27.38 -32.42 -0.96
C ALA C 319 28.77 -33.07 -1.03
N GLY C 320 29.08 -33.89 -0.03
CA GLY C 320 30.32 -34.67 -0.04
C GLY C 320 31.40 -34.15 0.89
N PHE C 321 31.11 -33.11 1.65
CA PHE C 321 32.11 -32.62 2.60
C PHE C 321 32.21 -33.57 3.78
N THR C 322 33.38 -33.60 4.40
CA THR C 322 33.62 -34.49 5.54
C THR C 322 34.08 -33.66 6.71
N ASP C 323 34.16 -34.27 7.89
CA ASP C 323 34.61 -33.55 9.08
C ASP C 323 33.68 -32.35 9.30
N VAL C 324 32.40 -32.60 9.10
CA VAL C 324 31.37 -31.58 9.18
C VAL C 324 31.00 -31.29 10.63
N GLY C 325 31.08 -30.03 11.02
CA GLY C 325 30.69 -29.64 12.38
C GLY C 325 30.22 -28.19 12.49
N ARG C 326 29.97 -27.76 13.72
CA ARG C 326 29.46 -26.41 13.97
C ARG C 326 30.24 -25.71 15.08
N THR C 327 30.24 -24.38 15.03
CA THR C 327 30.77 -23.50 16.08
C THR C 327 29.63 -22.69 16.71
N ALA C 328 29.42 -22.85 18.01
CA ALA C 328 28.30 -22.21 18.74
C ALA C 328 28.41 -20.68 18.86
N PRO C 329 27.26 -19.99 19.04
CA PRO C 329 27.27 -18.55 19.30
C PRO C 329 28.01 -18.22 20.60
N PRO C 330 29.00 -17.34 20.53
CA PRO C 330 29.68 -16.82 21.72
C PRO C 330 29.01 -15.58 22.32
N GLY C 331 27.67 -15.51 22.27
CA GLY C 331 26.97 -14.35 22.79
C GLY C 331 25.46 -14.28 22.61
N TRP C 332 24.96 -13.05 22.46
CA TRP C 332 23.53 -12.81 22.49
C TRP C 332 22.86 -12.95 21.11
N THR C 333 23.67 -13.06 20.05
CA THR C 333 23.14 -13.22 18.69
C THR C 333 23.29 -14.70 18.25
N PRO C 334 22.36 -15.20 17.43
CA PRO C 334 22.30 -16.63 17.06
C PRO C 334 23.22 -17.00 15.88
N HIS C 335 24.40 -16.41 15.84
CA HIS C 335 25.29 -16.59 14.70
C HIS C 335 26.38 -17.62 14.95
N GLY C 336 26.65 -18.42 13.93
CA GLY C 336 27.69 -19.42 14.03
C GLY C 336 28.23 -19.79 12.68
N VAL C 337 29.03 -20.85 12.68
CA VAL C 337 29.68 -21.33 11.47
C VAL C 337 29.52 -22.84 11.39
N VAL C 338 28.95 -23.32 10.29
CA VAL C 338 28.96 -24.74 10.00
C VAL C 338 30.06 -24.94 8.95
N SER C 339 30.93 -25.92 9.18
CA SER C 339 32.13 -26.07 8.35
C SER C 339 32.37 -27.50 7.95
N GLY C 340 33.13 -27.70 6.88
CA GLY C 340 33.43 -29.03 6.37
C GLY C 340 34.68 -29.01 5.53
N SER C 341 35.23 -30.19 5.22
CA SER C 341 36.43 -30.29 4.38
C SER C 341 36.13 -31.05 3.11
N ARG C 342 36.79 -30.67 2.02
CA ARG C 342 36.81 -31.53 0.84
C ARG C 342 37.99 -32.48 0.95
N PRO C 343 37.71 -33.79 1.02
CA PRO C 343 38.69 -34.87 1.16
C PRO C 343 39.65 -34.97 -0.03
N ARG C 344 40.94 -35.07 0.24
CA ARG C 344 41.95 -35.22 -0.83
C ARG C 344 41.83 -36.55 -1.57
N GLU D 4 23.42 -5.12 28.99
CA GLU D 4 23.49 -6.27 28.09
C GLU D 4 22.57 -6.13 26.87
N LEU D 5 23.07 -6.57 25.73
CA LEU D 5 22.46 -6.27 24.46
C LEU D 5 21.25 -7.14 24.14
N SER D 6 21.10 -8.26 24.85
CA SER D 6 19.99 -9.16 24.58
C SER D 6 18.64 -8.51 24.86
N ALA D 7 18.63 -7.49 25.73
CA ALA D 7 17.43 -6.71 26.00
C ALA D 7 16.93 -6.02 24.73
N LEU D 8 17.83 -5.80 23.77
CA LEU D 8 17.46 -5.13 22.53
C LEU D 8 16.57 -6.00 21.65
N VAL D 9 16.67 -7.31 21.82
CA VAL D 9 16.05 -8.24 20.86
C VAL D 9 14.54 -8.02 20.73
N PRO D 10 13.77 -8.01 21.85
CA PRO D 10 12.32 -7.83 21.62
C PRO D 10 11.94 -6.41 21.16
N VAL D 11 12.92 -5.51 21.06
CA VAL D 11 12.69 -4.14 20.62
C VAL D 11 13.17 -3.91 19.17
N LEU D 12 14.40 -4.31 18.90
CA LEU D 12 14.99 -4.27 17.56
C LEU D 12 14.13 -5.03 16.57
N PHE D 13 13.49 -6.09 17.06
CA PHE D 13 12.58 -6.89 16.27
C PHE D 13 11.15 -6.81 16.79
N GLY D 14 10.83 -5.71 17.47
CA GLY D 14 9.49 -5.51 18.02
C GLY D 14 8.34 -5.64 17.03
N HIS D 15 8.49 -5.05 15.84
CA HIS D 15 7.48 -5.12 14.80
C HIS D 15 7.22 -6.55 14.38
N ALA D 16 8.29 -7.35 14.37
CA ALA D 16 8.23 -8.77 13.99
C ALA D 16 7.52 -9.62 15.05
N ALA D 17 7.77 -9.31 16.32
CA ALA D 17 7.06 -9.96 17.43
C ALA D 17 5.57 -9.71 17.28
N PHE D 18 5.20 -8.47 16.96
CA PHE D 18 3.78 -8.17 16.71
C PHE D 18 3.23 -9.03 15.56
N GLN D 19 3.99 -9.12 14.48
CA GLN D 19 3.52 -9.85 13.30
C GLN D 19 3.32 -11.34 13.59
N GLN D 20 4.09 -11.89 14.52
CA GLN D 20 3.90 -13.29 14.87
C GLN D 20 2.56 -13.46 15.60
N LEU D 21 2.28 -12.57 16.53
CA LEU D 21 0.96 -12.56 17.19
C LEU D 21 -0.14 -12.36 16.14
N ASN D 22 0.06 -11.37 15.28
CA ASN D 22 -0.86 -11.08 14.18
C ASN D 22 -1.16 -12.33 13.32
N ALA D 23 -0.10 -13.05 12.95
CA ALA D 23 -0.27 -14.23 12.11
C ALA D 23 -0.94 -15.39 12.85
N GLY D 24 -0.56 -15.59 14.10
CA GLY D 24 -1.21 -16.61 14.92
C GLY D 24 -2.71 -16.38 15.04
N CYS D 25 -3.11 -15.13 15.17
CA CYS D 25 -4.53 -14.79 15.25
C CYS D 25 -5.23 -14.96 13.91
N GLN D 26 -4.73 -14.28 12.89
CA GLN D 26 -5.40 -14.28 11.58
C GLN D 26 -5.48 -15.65 10.95
N LEU D 27 -4.45 -16.47 11.12
CA LEU D 27 -4.45 -17.77 10.44
C LEU D 27 -5.15 -18.88 11.25
N GLY D 28 -5.67 -18.55 12.43
CA GLY D 28 -6.44 -19.52 13.21
C GLY D 28 -5.65 -20.43 14.15
N LEU D 29 -4.36 -20.17 14.32
CA LEU D 29 -3.52 -21.03 15.14
C LEU D 29 -3.99 -21.17 16.58
N PHE D 30 -4.29 -20.04 17.22
CA PHE D 30 -4.58 -20.08 18.64
C PHE D 30 -5.96 -20.72 18.92
N GLU D 31 -6.91 -20.51 18.02
CA GLU D 31 -8.19 -21.21 18.10
C GLU D 31 -8.00 -22.72 17.85
N LEU D 32 -7.20 -23.06 16.85
CA LEU D 32 -6.89 -24.46 16.53
C LEU D 32 -6.30 -25.19 17.73
N LEU D 33 -5.26 -24.62 18.32
CA LEU D 33 -4.62 -25.24 19.47
C LEU D 33 -5.55 -25.28 20.69
N HIS D 34 -6.45 -24.31 20.80
CA HIS D 34 -7.35 -24.28 21.94
C HIS D 34 -8.35 -25.43 21.83
N GLU D 35 -8.83 -25.67 20.62
CA GLU D 35 -9.83 -26.70 20.38
C GLU D 35 -9.23 -28.09 20.21
N ARG D 36 -8.00 -28.17 19.69
CA ARG D 36 -7.46 -29.47 19.32
C ARG D 36 -6.06 -29.79 19.83
N GLY D 37 -5.43 -28.87 20.54
CA GLY D 37 -4.05 -29.06 20.99
C GLY D 37 -3.98 -30.21 21.98
N PRO D 38 -2.82 -30.89 22.07
CA PRO D 38 -1.60 -30.68 21.28
C PRO D 38 -1.66 -31.23 19.84
N LEU D 39 -1.05 -30.49 18.91
CA LEU D 39 -0.94 -30.93 17.53
C LEU D 39 0.51 -30.86 17.08
N SER D 40 0.88 -31.70 16.13
CA SER D 40 2.20 -31.63 15.52
C SER D 40 2.25 -30.45 14.54
N ALA D 41 3.45 -30.05 14.15
CA ALA D 41 3.61 -29.01 13.13
C ALA D 41 2.90 -29.41 11.84
N GLU D 42 2.99 -30.70 11.48
CA GLU D 42 2.35 -31.17 10.27
C GLU D 42 0.82 -31.08 10.33
N GLU D 43 0.26 -31.45 11.48
CA GLU D 43 -1.18 -31.34 11.70
C GLU D 43 -1.63 -29.87 11.66
N VAL D 44 -0.78 -28.98 12.20
CA VAL D 44 -1.06 -27.55 12.14
C VAL D 44 -1.06 -27.05 10.71
N ALA D 45 -0.03 -27.42 9.95
CA ALA D 45 0.05 -27.07 8.53
C ALA D 45 -1.21 -27.52 7.80
N ASP D 46 -1.62 -28.77 8.05
CA ASP D 46 -2.81 -29.33 7.41
C ASP D 46 -4.06 -28.55 7.77
N ALA D 47 -4.26 -28.29 9.06
CA ALA D 47 -5.49 -27.64 9.49
C ALA D 47 -5.57 -26.19 9.02
N LEU D 48 -4.44 -25.49 9.01
CA LEU D 48 -4.44 -24.06 8.68
C LEU D 48 -4.24 -23.79 7.18
N ARG D 49 -4.16 -24.86 6.39
CA ARG D 49 -3.85 -24.74 4.96
C ARG D 49 -2.58 -23.92 4.75
N LEU D 50 -1.55 -24.25 5.51
CA LEU D 50 -0.24 -23.64 5.33
C LEU D 50 0.74 -24.61 4.70
N PRO D 51 1.63 -24.10 3.83
CA PRO D 51 2.85 -24.85 3.48
C PRO D 51 3.57 -25.27 4.75
N ARG D 52 4.14 -26.47 4.75
CA ARG D 52 4.88 -26.91 5.92
C ARG D 52 5.92 -25.88 6.41
N ARG D 53 6.66 -25.26 5.48
CA ARG D 53 7.64 -24.24 5.85
C ARG D 53 6.99 -23.07 6.59
N SER D 54 5.86 -22.63 6.07
CA SER D 54 5.14 -21.49 6.66
C SER D 54 4.65 -21.86 8.08
N ALA D 55 4.16 -23.08 8.23
CA ALA D 55 3.72 -23.56 9.54
C ALA D 55 4.89 -23.58 10.53
N ASP D 56 6.06 -24.02 10.06
CA ASP D 56 7.24 -24.09 10.93
C ASP D 56 7.74 -22.72 11.32
N ILE D 57 7.74 -21.78 10.38
CA ILE D 57 8.17 -20.41 10.69
C ILE D 57 7.23 -19.80 11.74
N LEU D 58 5.93 -20.02 11.55
CA LEU D 58 4.93 -19.47 12.46
C LEU D 58 5.07 -20.05 13.86
N LEU D 59 5.18 -21.38 13.93
CA LEU D 59 5.28 -22.08 15.21
C LEU D 59 6.56 -21.71 15.95
N LEU D 60 7.65 -21.53 15.20
CA LEU D 60 8.90 -21.06 15.79
C LEU D 60 8.72 -19.67 16.41
N GLY D 61 8.03 -18.80 15.69
CA GLY D 61 7.82 -17.45 16.18
C GLY D 61 7.00 -17.47 17.46
N THR D 62 5.85 -18.13 17.42
CA THR D 62 4.94 -18.13 18.57
C THR D 62 5.53 -18.90 19.75
N THR D 63 6.26 -19.99 19.48
CA THR D 63 6.86 -20.76 20.57
C THR D 63 7.96 -19.98 21.25
N ALA D 64 8.83 -19.34 20.46
CA ALA D 64 9.90 -18.53 21.04
C ALA D 64 9.35 -17.33 21.80
N LEU D 65 8.18 -16.83 21.43
CA LEU D 65 7.58 -15.70 22.13
C LEU D 65 6.83 -16.16 23.38
N GLY D 66 6.56 -17.46 23.46
CA GLY D 66 5.79 -18.01 24.55
C GLY D 66 4.29 -17.97 24.30
N LEU D 67 3.91 -17.59 23.07
CA LEU D 67 2.50 -17.55 22.69
C LEU D 67 2.00 -18.98 22.53
N SER D 68 2.93 -19.88 22.23
CA SER D 68 2.63 -21.30 22.25
C SER D 68 3.78 -22.01 22.95
N THR D 69 3.56 -23.27 23.31
CA THR D 69 4.60 -24.11 23.90
C THR D 69 4.76 -25.35 23.04
N VAL D 70 5.94 -25.98 23.11
CA VAL D 70 6.15 -27.23 22.39
C VAL D 70 6.69 -28.27 23.37
N THR D 71 6.11 -29.46 23.31
CA THR D 71 6.57 -30.56 24.16
C THR D 71 6.58 -31.84 23.35
N ASP D 72 7.78 -32.40 23.18
CA ASP D 72 7.99 -33.56 22.31
C ASP D 72 7.29 -33.41 20.97
N GLY D 73 7.47 -32.25 20.34
CA GLY D 73 6.96 -32.03 19.00
C GLY D 73 5.48 -31.69 18.95
N GLY D 74 4.85 -31.60 20.13
CA GLY D 74 3.43 -31.27 20.23
C GLY D 74 3.19 -29.85 20.74
N TYR D 75 2.37 -29.11 20.01
CA TYR D 75 2.15 -27.69 20.29
C TYR D 75 0.85 -27.40 21.04
N ARG D 76 0.94 -26.50 22.02
CA ARG D 76 -0.22 -26.02 22.76
C ARG D 76 -0.15 -24.50 22.87
N ASN D 77 -1.28 -23.86 23.18
CA ASN D 77 -1.26 -22.43 23.48
C ASN D 77 -0.43 -22.14 24.72
N GLY D 78 0.29 -21.03 24.70
CA GLY D 78 1.11 -20.62 25.82
C GLY D 78 0.28 -19.88 26.84
N ALA D 79 0.90 -19.55 27.97
CA ALA D 79 0.17 -18.98 29.11
C ALA D 79 -0.64 -17.72 28.81
N PRO D 80 -0.05 -16.71 28.13
CA PRO D 80 -0.85 -15.50 27.88
C PRO D 80 -2.06 -15.78 27.01
N ILE D 81 -1.88 -16.64 26.00
CA ILE D 81 -2.98 -16.98 25.11
C ILE D 81 -4.02 -17.82 25.86
N GLY D 82 -3.53 -18.74 26.70
CA GLY D 82 -4.41 -19.63 27.45
C GLY D 82 -5.24 -18.85 28.44
N ALA D 83 -4.60 -17.90 29.11
CA ALA D 83 -5.27 -16.97 30.02
C ALA D 83 -6.38 -16.22 29.30
N ALA D 84 -6.07 -15.74 28.09
CA ALA D 84 -7.04 -15.00 27.29
C ALA D 84 -8.31 -15.82 27.06
N PHE D 85 -8.15 -17.08 26.65
CA PHE D 85 -9.27 -17.97 26.41
C PHE D 85 -10.06 -18.24 27.69
N ARG D 86 -9.34 -18.53 28.77
CA ARG D 86 -9.97 -18.85 30.05
C ARG D 86 -10.78 -17.69 30.60
N ASP D 87 -10.21 -16.47 30.52
CA ASP D 87 -10.86 -15.27 31.04
C ASP D 87 -11.98 -14.75 30.15
N GLY D 88 -12.30 -15.48 29.09
CA GLY D 88 -13.32 -15.10 28.15
C GLY D 88 -12.93 -13.91 27.27
N LEU D 89 -11.63 -13.73 27.08
CA LEU D 89 -11.14 -12.54 26.38
C LEU D 89 -10.58 -12.83 24.99
N TRP D 90 -10.81 -14.03 24.45
CA TRP D 90 -10.23 -14.33 23.15
C TRP D 90 -10.83 -13.49 22.03
N PRO D 91 -12.17 -13.43 21.90
CA PRO D 91 -12.70 -12.62 20.81
C PRO D 91 -12.26 -11.17 20.91
N VAL D 92 -12.08 -10.71 22.14
CA VAL D 92 -11.57 -9.36 22.41
C VAL D 92 -10.12 -9.19 21.95
N LEU D 93 -9.25 -10.10 22.38
CA LEU D 93 -7.83 -10.08 22.00
C LEU D 93 -7.72 -10.14 20.48
N ARG D 94 -8.47 -11.07 19.89
CA ARG D 94 -8.52 -11.23 18.45
C ARG D 94 -8.86 -9.91 17.77
N ASP D 95 -9.93 -9.26 18.21
CA ASP D 95 -10.38 -8.03 17.55
C ASP D 95 -9.40 -6.86 17.74
N ILE D 96 -8.76 -6.81 18.90
CA ILE D 96 -7.76 -5.77 19.16
C ILE D 96 -6.51 -5.95 18.27
N VAL D 97 -6.04 -7.18 18.13
CA VAL D 97 -4.93 -7.49 17.22
C VAL D 97 -5.31 -7.09 15.78
N GLN D 98 -6.55 -7.36 15.39
CA GLN D 98 -7.03 -6.96 14.08
C GLN D 98 -6.98 -5.45 13.94
N TYR D 99 -7.33 -4.74 15.00
CA TYR D 99 -7.23 -3.28 14.99
C TYR D 99 -5.76 -2.83 14.81
N GLN D 100 -4.84 -3.44 15.55
CA GLN D 100 -3.42 -3.13 15.41
C GLN D 100 -2.95 -3.36 13.98
N ASP D 101 -3.37 -4.47 13.38
CA ASP D 101 -3.01 -4.80 12.00
C ASP D 101 -3.55 -3.77 10.99
N LYS D 102 -4.85 -3.54 11.02
CA LYS D 102 -5.51 -2.73 10.00
C LYS D 102 -5.43 -1.22 10.24
N ILE D 103 -5.28 -0.81 11.49
CA ILE D 103 -5.37 0.61 11.80
C ILE D 103 -4.03 1.20 12.24
N ALA D 104 -3.33 0.48 13.12
CA ALA D 104 -2.20 1.06 13.81
C ALA D 104 -0.85 0.84 13.12
N TYR D 105 -0.65 -0.33 12.54
CA TYR D 105 0.72 -0.75 12.21
C TYR D 105 1.39 0.15 11.16
N GLN D 106 0.73 0.35 10.03
CA GLN D 106 1.37 1.13 8.97
C GLN D 106 1.51 2.62 9.34
N PRO D 107 0.48 3.24 9.97
CA PRO D 107 0.70 4.64 10.41
C PRO D 107 1.79 4.85 11.48
N ALA D 108 2.14 3.81 12.24
CA ALA D 108 3.20 3.93 13.25
C ALA D 108 4.56 4.21 12.62
N ALA D 109 4.72 3.89 11.33
CA ALA D 109 5.94 4.23 10.60
C ALA D 109 6.07 5.74 10.45
N ASP D 110 4.97 6.46 10.63
CA ASP D 110 5.02 7.94 10.56
C ASP D 110 5.34 8.56 11.92
N TYR D 111 5.74 7.74 12.88
CA TYR D 111 6.01 8.23 14.24
C TYR D 111 7.12 9.31 14.32
N VAL D 112 8.26 9.09 13.68
CA VAL D 112 9.33 10.10 13.71
C VAL D 112 8.89 11.45 13.10
N GLU D 113 8.24 11.41 11.93
CA GLU D 113 7.71 12.64 11.33
C GLU D 113 6.68 13.32 12.23
N SER D 114 5.82 12.52 12.85
CA SER D 114 4.81 13.04 13.77
C SER D 114 5.44 13.76 14.96
N LEU D 115 6.53 13.21 15.49
CA LEU D 115 7.23 13.84 16.61
C LEU D 115 7.88 15.17 16.20
N ARG D 116 8.56 15.17 15.06
CA ARG D 116 9.24 16.38 14.58
C ARG D 116 8.28 17.54 14.35
N THR D 117 7.11 17.22 13.79
CA THR D 117 6.21 18.22 13.26
C THR D 117 5.07 18.58 14.23
N GLY D 118 4.84 17.73 15.21
CA GLY D 118 3.71 17.92 16.11
C GLY D 118 2.40 17.73 15.37
N GLN D 119 2.41 16.87 14.35
CA GLN D 119 1.22 16.55 13.57
C GLN D 119 0.97 15.05 13.68
N ASN D 120 -0.30 14.65 13.51
CA ASN D 120 -0.64 13.25 13.35
C ASN D 120 -0.44 12.81 11.89
N ALA D 121 0.83 12.70 11.50
CA ALA D 121 1.23 12.50 10.10
C ALA D 121 0.72 11.16 9.54
N GLY D 122 0.52 10.19 10.41
CA GLY D 122 0.03 8.88 10.00
C GLY D 122 -1.42 8.87 9.54
N ILE D 123 -2.13 9.98 9.69
CA ILE D 123 -3.51 10.00 9.21
C ILE D 123 -3.55 9.92 7.68
N ARG D 124 -2.38 10.12 7.04
CA ARG D 124 -2.28 10.10 5.58
C ARG D 124 -2.68 8.76 4.97
N HIS D 125 -2.63 7.70 5.78
CA HIS D 125 -2.99 6.37 5.29
C HIS D 125 -4.51 6.21 5.12
N PHE D 126 -5.27 7.22 5.53
CA PHE D 126 -6.73 7.19 5.36
C PHE D 126 -7.18 8.30 4.41
N PRO D 127 -7.97 7.94 3.38
CA PRO D 127 -8.49 8.91 2.40
C PRO D 127 -9.23 10.05 3.09
N GLY D 128 -9.06 11.26 2.58
CA GLY D 128 -9.67 12.42 3.19
C GLY D 128 -8.68 13.55 3.35
N THR D 129 -9.18 14.69 3.86
CA THR D 129 -8.40 15.91 4.02
C THR D 129 -8.57 16.49 5.42
N THR D 130 -9.50 15.95 6.20
CA THR D 130 -9.76 16.49 7.54
C THR D 130 -8.68 16.04 8.52
N ARG D 131 -8.57 16.75 9.63
CA ARG D 131 -7.39 16.65 10.49
C ARG D 131 -7.56 15.70 11.66
N ASP D 132 -8.72 15.07 11.79
CA ASP D 132 -8.93 14.05 12.82
C ASP D 132 -9.28 12.72 12.17
N LEU D 133 -8.95 11.61 12.82
CA LEU D 133 -9.17 10.29 12.22
C LEU D 133 -10.66 9.96 12.03
N TYR D 134 -11.47 10.40 12.99
CA TYR D 134 -12.87 9.95 13.04
C TYR D 134 -13.68 10.48 11.87
N SER D 135 -13.37 11.69 11.41
CA SER D 135 -14.12 12.24 10.28
C SER D 135 -13.62 11.68 8.94
N ARG D 136 -12.60 10.82 8.97
CA ARG D 136 -12.14 10.16 7.77
C ARG D 136 -12.67 8.73 7.63
N LEU D 137 -13.21 8.19 8.72
CA LEU D 137 -13.64 6.79 8.71
C LEU D 137 -14.71 6.46 7.64
N ALA D 138 -15.60 7.42 7.35
CA ALA D 138 -16.70 7.17 6.42
C ALA D 138 -16.24 7.01 4.96
N ALA D 139 -15.02 7.46 4.65
CA ALA D 139 -14.56 7.49 3.25
C ALA D 139 -14.28 6.10 2.67
N VAL D 140 -14.15 5.10 3.53
CA VAL D 140 -13.87 3.75 3.03
C VAL D 140 -14.98 2.80 3.47
N PRO D 141 -15.60 2.07 2.52
CA PRO D 141 -16.67 1.12 2.86
C PRO D 141 -16.25 0.15 3.95
N GLY D 142 -17.02 0.14 5.03
CA GLY D 142 -16.82 -0.79 6.13
C GLY D 142 -15.81 -0.35 7.17
N LEU D 143 -15.05 0.73 6.89
CA LEU D 143 -13.96 1.16 7.76
C LEU D 143 -14.46 1.68 9.11
N GLU D 144 -15.54 2.45 9.07
CA GLU D 144 -16.06 3.00 10.31
C GLU D 144 -16.50 1.85 11.24
N GLU D 145 -17.18 0.87 10.66
CA GLU D 145 -17.64 -0.30 11.40
C GLU D 145 -16.48 -1.14 11.92
N LEU D 146 -15.43 -1.24 11.10
CA LEU D 146 -14.24 -1.96 11.53
C LEU D 146 -13.54 -1.21 12.67
N PHE D 147 -13.48 0.11 12.57
CA PHE D 147 -12.90 0.91 13.65
C PHE D 147 -13.60 0.61 14.97
N TYR D 148 -14.93 0.66 14.95
CA TYR D 148 -15.68 0.52 16.18
C TYR D 148 -15.66 -0.91 16.68
N ARG D 149 -15.43 -1.87 15.78
CA ARG D 149 -15.23 -3.25 16.23
C ARG D 149 -13.99 -3.32 17.12
N GLY D 150 -12.89 -2.70 16.67
CA GLY D 150 -11.69 -2.63 17.48
C GLY D 150 -11.88 -1.80 18.74
N MET D 151 -12.53 -0.65 18.59
CA MET D 151 -12.73 0.26 19.72
C MET D 151 -13.60 -0.40 20.79
N HIS D 152 -14.64 -1.10 20.32
CA HIS D 152 -15.47 -1.92 21.18
C HIS D 152 -14.63 -2.93 21.99
N ALA D 153 -13.75 -3.66 21.32
CA ALA D 153 -12.92 -4.63 22.03
C ALA D 153 -11.96 -3.95 23.00
N TRP D 154 -11.32 -2.86 22.57
CA TRP D 154 -10.44 -2.10 23.48
C TRP D 154 -11.20 -1.75 24.79
N SER D 155 -12.42 -1.24 24.63
CA SER D 155 -13.24 -0.87 25.80
C SER D 155 -13.62 -2.09 26.64
N GLN D 156 -13.96 -3.20 25.98
CA GLN D 156 -14.24 -4.43 26.71
C GLN D 156 -13.07 -4.84 27.58
N LEU D 157 -11.87 -4.71 27.04
CA LEU D 157 -10.65 -5.05 27.78
C LEU D 157 -10.43 -4.11 28.95
N SER D 158 -10.71 -2.83 28.74
CA SER D 158 -10.28 -1.80 29.67
C SER D 158 -11.33 -1.32 30.67
N ASN D 159 -12.61 -1.53 30.39
CA ASN D 159 -13.63 -0.91 31.23
C ASN D 159 -14.06 -1.59 32.55
N PRO D 160 -13.46 -2.73 32.95
CA PRO D 160 -13.84 -3.18 34.31
C PRO D 160 -13.69 -2.11 35.40
N VAL D 161 -12.64 -1.29 35.35
CA VAL D 161 -12.46 -0.27 36.37
C VAL D 161 -13.53 0.81 36.24
N LEU D 162 -14.05 1.01 35.02
CA LEU D 162 -15.16 1.94 34.84
C LEU D 162 -16.45 1.35 35.44
N LEU D 163 -16.74 0.10 35.09
CA LEU D 163 -17.99 -0.55 35.48
C LEU D 163 -18.11 -0.71 37.00
N ALA D 164 -16.97 -0.87 37.66
CA ALA D 164 -16.93 -1.11 39.10
C ALA D 164 -16.92 0.19 39.90
N GLN D 165 -16.95 1.32 39.19
CA GLN D 165 -16.86 2.63 39.83
C GLN D 165 -18.09 2.90 40.70
N PRO D 166 -17.88 3.33 41.95
CA PRO D 166 -18.92 3.52 42.97
C PRO D 166 -20.05 4.45 42.51
N ASP D 167 -19.66 5.53 41.83
CA ASP D 167 -20.59 6.57 41.39
C ASP D 167 -21.85 6.05 40.72
N PHE D 168 -21.73 4.95 39.98
CA PHE D 168 -22.83 4.47 39.15
C PHE D 168 -23.96 3.79 39.94
N THR D 169 -23.78 3.58 41.24
CA THR D 169 -24.91 3.08 42.04
C THR D 169 -25.76 4.25 42.51
N ARG D 170 -25.24 5.47 42.33
CA ARG D 170 -25.93 6.67 42.80
C ARG D 170 -26.63 7.43 41.66
N VAL D 171 -25.88 7.73 40.61
CA VAL D 171 -26.36 8.56 39.52
C VAL D 171 -27.52 7.90 38.77
N HIS D 172 -28.33 8.72 38.10
CA HIS D 172 -29.48 8.21 37.36
C HIS D 172 -29.29 8.35 35.85
N ARG D 173 -28.64 9.43 35.43
CA ARG D 173 -28.53 9.73 34.02
C ARG D 173 -27.11 10.13 33.61
N VAL D 174 -26.49 9.30 32.78
CA VAL D 174 -25.12 9.50 32.36
C VAL D 174 -25.07 9.98 30.92
N LEU D 175 -24.42 11.13 30.70
CA LEU D 175 -24.07 11.59 29.36
C LEU D 175 -22.69 11.03 28.95
N ASP D 176 -22.72 10.07 28.02
CA ASP D 176 -21.53 9.41 27.49
C ASP D 176 -20.99 10.23 26.30
N VAL D 177 -20.07 11.16 26.58
CA VAL D 177 -19.60 12.13 25.59
C VAL D 177 -18.53 11.53 24.66
N GLY D 178 -18.86 11.49 23.36
CA GLY D 178 -18.06 10.76 22.40
C GLY D 178 -18.10 9.28 22.71
N GLY D 179 -19.30 8.79 22.97
CA GLY D 179 -19.49 7.42 23.44
C GLY D 179 -19.41 6.35 22.37
N GLY D 180 -19.12 6.74 21.13
CA GLY D 180 -18.81 5.79 20.07
C GLY D 180 -19.95 4.85 19.71
N ASP D 181 -19.67 3.55 19.74
CA ASP D 181 -20.68 2.55 19.39
C ASP D 181 -21.50 2.08 20.60
N ALA D 182 -21.42 2.85 21.69
CA ALA D 182 -22.22 2.64 22.90
C ALA D 182 -21.77 1.44 23.74
N VAL D 183 -20.58 0.91 23.47
CA VAL D 183 -20.04 -0.22 24.22
C VAL D 183 -20.04 0.01 25.75
N ASN D 184 -19.57 1.17 26.20
CA ASN D 184 -19.53 1.41 27.63
C ASN D 184 -20.91 1.78 28.20
N ALA D 185 -21.74 2.42 27.37
CA ALA D 185 -23.11 2.73 27.77
C ALA D 185 -23.91 1.46 28.00
N VAL D 186 -23.75 0.50 27.08
CA VAL D 186 -24.44 -0.77 27.17
C VAL D 186 -23.91 -1.58 28.35
N ALA D 187 -22.59 -1.56 28.56
CA ALA D 187 -22.00 -2.28 29.68
C ALA D 187 -22.48 -1.72 31.02
N LEU D 188 -22.55 -0.39 31.11
CA LEU D 188 -22.99 0.27 32.34
C LEU D 188 -24.47 -0.02 32.62
N ALA D 189 -25.31 0.12 31.59
CA ALA D 189 -26.74 -0.11 31.76
C ALA D 189 -27.05 -1.57 32.12
N ARG D 190 -26.20 -2.49 31.66
CA ARG D 190 -26.36 -3.91 31.98
C ARG D 190 -25.99 -4.17 33.43
N ALA D 191 -25.01 -3.43 33.93
CA ALA D 191 -24.49 -3.62 35.29
C ALA D 191 -25.31 -2.86 36.33
N HIS D 192 -26.16 -1.96 35.85
CA HIS D 192 -26.94 -1.08 36.71
C HIS D 192 -28.33 -0.89 36.10
N PRO D 193 -29.26 -1.79 36.44
CA PRO D 193 -30.59 -1.97 35.84
C PRO D 193 -31.50 -0.73 35.79
N SER D 194 -31.27 0.25 36.64
CA SER D 194 -32.11 1.45 36.62
C SER D 194 -31.39 2.65 35.97
N LEU D 195 -30.15 2.43 35.56
CA LEU D 195 -29.35 3.53 35.02
C LEU D 195 -29.76 3.88 33.60
N ARG D 196 -29.77 5.17 33.29
CA ARG D 196 -30.01 5.63 31.93
C ARG D 196 -28.76 6.26 31.34
N VAL D 197 -28.52 6.04 30.04
CA VAL D 197 -27.34 6.60 29.41
C VAL D 197 -27.70 7.30 28.11
N THR D 198 -27.07 8.43 27.84
CA THR D 198 -27.21 9.13 26.56
C THR D 198 -25.87 9.07 25.84
N VAL D 199 -25.86 8.45 24.67
CA VAL D 199 -24.63 8.29 23.89
C VAL D 199 -24.53 9.38 22.84
N LEU D 200 -23.59 10.29 23.09
CA LEU D 200 -23.43 11.47 22.27
C LEU D 200 -22.23 11.25 21.37
N ASP D 201 -22.43 11.36 20.06
CA ASP D 201 -21.31 11.18 19.12
C ASP D 201 -21.71 11.70 17.76
N ARG D 202 -20.85 11.44 16.77
CA ARG D 202 -21.13 11.78 15.37
C ARG D 202 -22.22 10.83 14.82
N PRO D 203 -23.06 11.30 13.87
CA PRO D 203 -24.07 10.46 13.25
C PRO D 203 -23.51 9.13 12.71
N GLY D 204 -22.33 9.18 12.11
CA GLY D 204 -21.69 7.99 11.59
C GLY D 204 -21.46 6.96 12.67
N ALA D 205 -20.93 7.41 13.81
CA ALA D 205 -20.72 6.52 14.96
C ALA D 205 -22.04 5.98 15.53
N LEU D 206 -23.04 6.84 15.61
CA LEU D 206 -24.29 6.49 16.29
C LEU D 206 -25.05 5.44 15.50
N GLU D 207 -24.83 5.39 14.20
CA GLU D 207 -25.43 4.34 13.40
C GLU D 207 -24.90 2.98 13.87
N VAL D 208 -23.63 2.92 14.29
CA VAL D 208 -23.11 1.68 14.88
C VAL D 208 -23.63 1.47 16.31
N ALA D 209 -23.68 2.56 17.07
CA ALA D 209 -24.20 2.54 18.43
C ALA D 209 -25.63 1.96 18.50
N ARG D 210 -26.45 2.28 17.52
CA ARG D 210 -27.82 1.79 17.53
C ARG D 210 -27.86 0.28 17.30
N LYS D 211 -26.92 -0.26 16.54
CA LYS D 211 -26.83 -1.72 16.43
C LYS D 211 -26.47 -2.36 17.77
N THR D 212 -25.47 -1.78 18.45
CA THR D 212 -25.04 -2.27 19.75
C THR D 212 -26.19 -2.26 20.78
N ILE D 213 -26.90 -1.14 20.81
CA ILE D 213 -28.01 -0.96 21.75
C ILE D 213 -29.13 -1.97 21.45
N ALA D 214 -29.52 -2.08 20.18
CA ALA D 214 -30.59 -3.01 19.78
C ALA D 214 -30.23 -4.46 20.08
N GLU D 215 -28.96 -4.83 19.88
CA GLU D 215 -28.50 -6.18 20.21
C GLU D 215 -28.68 -6.46 21.70
N ALA D 216 -28.40 -5.46 22.52
CA ALA D 216 -28.54 -5.61 23.98
C ALA D 216 -29.98 -5.42 24.45
N GLY D 217 -30.87 -5.06 23.54
CA GLY D 217 -32.26 -4.79 23.87
C GLY D 217 -32.50 -3.59 24.76
N LEU D 218 -31.60 -2.61 24.72
CA LEU D 218 -31.64 -1.53 25.70
C LEU D 218 -32.14 -0.21 25.12
N GLU D 219 -32.99 -0.28 24.10
CA GLU D 219 -33.53 0.91 23.44
C GLU D 219 -34.16 1.91 24.41
N GLU D 220 -34.64 1.41 25.54
CA GLU D 220 -35.33 2.25 26.52
C GLU D 220 -34.33 3.09 27.31
N ARG D 221 -33.40 2.42 27.98
CA ARG D 221 -32.50 3.11 28.90
C ARG D 221 -31.23 3.67 28.26
N VAL D 222 -30.99 3.35 27.00
CA VAL D 222 -29.80 3.90 26.33
C VAL D 222 -30.19 4.56 25.02
N ARG D 223 -30.06 5.87 24.99
CA ARG D 223 -30.44 6.67 23.84
C ARG D 223 -29.22 7.23 23.14
N THR D 224 -29.35 7.56 21.86
CA THR D 224 -28.27 8.21 21.13
C THR D 224 -28.63 9.66 20.86
N HIS D 225 -27.61 10.49 20.69
CA HIS D 225 -27.79 11.91 20.47
C HIS D 225 -26.66 12.45 19.62
N ALA D 226 -26.98 12.85 18.40
CA ALA D 226 -25.97 13.37 17.48
C ALA D 226 -25.56 14.79 17.88
N ALA D 227 -24.26 15.01 18.03
CA ALA D 227 -23.73 16.33 18.37
C ALA D 227 -22.21 16.37 18.20
N ASP D 228 -21.68 17.56 17.99
CA ASP D 228 -20.24 17.77 18.00
C ASP D 228 -19.82 18.09 19.43
N ILE D 229 -18.83 17.38 19.96
CA ILE D 229 -18.45 17.57 21.37
C ILE D 229 -17.91 18.97 21.68
N PHE D 230 -17.48 19.71 20.66
CA PHE D 230 -16.96 21.05 20.87
C PHE D 230 -18.00 22.14 20.55
N THR D 231 -18.67 22.04 19.42
CA THR D 231 -19.45 23.18 18.93
C THR D 231 -20.93 23.13 19.32
N ASP D 232 -21.42 21.96 19.73
CA ASP D 232 -22.80 21.79 20.18
C ASP D 232 -22.87 21.81 21.71
N SER D 233 -24.03 22.17 22.27
CA SER D 233 -24.23 22.12 23.71
C SER D 233 -24.60 20.71 24.14
N TYR D 234 -24.22 20.35 25.36
CA TYR D 234 -24.54 19.03 25.89
C TYR D 234 -25.95 19.02 26.46
N PRO D 235 -26.69 17.92 26.22
CA PRO D 235 -28.06 17.75 26.73
C PRO D 235 -28.14 17.95 28.25
N ALA D 236 -29.08 18.77 28.70
CA ALA D 236 -29.29 18.99 30.12
C ALA D 236 -29.95 17.79 30.78
N GLY D 237 -30.10 17.83 32.10
CA GLY D 237 -30.84 16.81 32.82
C GLY D 237 -30.08 15.53 33.16
N HIS D 238 -28.75 15.53 32.97
CA HIS D 238 -27.92 14.40 33.40
C HIS D 238 -27.19 14.76 34.69
N ASP D 239 -27.06 13.81 35.60
CA ASP D 239 -26.30 14.06 36.84
C ASP D 239 -24.90 13.45 36.77
N CYS D 240 -24.51 12.97 35.60
CA CYS D 240 -23.19 12.37 35.41
C CYS D 240 -22.75 12.54 33.97
N VAL D 241 -21.53 13.05 33.80
CA VAL D 241 -20.93 13.17 32.48
C VAL D 241 -19.67 12.32 32.42
N LEU D 242 -19.65 11.41 31.44
CA LEU D 242 -18.55 10.47 31.25
C LEU D 242 -17.76 10.81 29.98
N PHE D 243 -16.45 10.95 30.13
CA PHE D 243 -15.53 10.97 29.00
C PHE D 243 -14.75 9.66 28.95
N ALA D 244 -15.16 8.73 28.08
CA ALA D 244 -14.49 7.45 27.98
C ALA D 244 -13.59 7.42 26.75
N HIS D 245 -12.29 7.16 26.96
CA HIS D 245 -11.33 7.14 25.87
C HIS D 245 -11.51 8.34 24.97
N GLN D 246 -11.46 9.51 25.58
CA GLN D 246 -11.88 10.72 24.92
C GLN D 246 -10.85 11.81 25.10
N LEU D 247 -10.52 12.13 26.35
CA LEU D 247 -9.62 13.25 26.62
C LEU D 247 -8.19 12.96 26.14
N VAL D 248 -7.87 11.68 25.97
CA VAL D 248 -6.56 11.27 25.43
C VAL D 248 -6.41 11.75 23.98
N ILE D 249 -7.52 12.13 23.35
CA ILE D 249 -7.47 12.59 21.97
C ILE D 249 -7.01 14.04 21.86
N TRP D 250 -7.30 14.84 22.88
CA TRP D 250 -7.21 16.30 22.77
C TRP D 250 -6.08 16.93 23.57
N SER D 251 -5.79 18.19 23.27
CA SER D 251 -4.82 18.97 24.03
C SER D 251 -5.35 19.28 25.44
N PRO D 252 -4.43 19.62 26.38
CA PRO D 252 -4.90 20.09 27.70
C PRO D 252 -5.85 21.29 27.59
N GLU D 253 -5.61 22.20 26.66
CA GLU D 253 -6.54 23.32 26.47
C GLU D 253 -7.94 22.83 26.01
N GLN D 254 -7.97 21.89 25.08
CA GLN D 254 -9.24 21.38 24.58
C GLN D 254 -9.99 20.65 25.68
N ASN D 255 -9.25 19.94 26.51
CA ASN D 255 -9.85 19.15 27.56
C ASN D 255 -10.47 20.04 28.63
N LEU D 256 -9.83 21.20 28.87
CA LEU D 256 -10.37 22.19 29.80
C LEU D 256 -11.67 22.74 29.23
N THR D 257 -11.69 22.98 27.92
CA THR D 257 -12.92 23.37 27.25
C THR D 257 -14.04 22.33 27.39
N LEU D 258 -13.68 21.06 27.20
CA LEU D 258 -14.66 19.97 27.27
C LEU D 258 -15.20 19.78 28.69
N LEU D 259 -14.29 19.90 29.65
CA LEU D 259 -14.63 19.73 31.05
C LEU D 259 -15.52 20.89 31.53
N ARG D 260 -15.27 22.09 31.01
CA ARG D 260 -16.11 23.23 31.37
C ARG D 260 -17.53 23.09 30.79
N LYS D 261 -17.64 22.50 29.60
CA LYS D 261 -18.95 22.23 29.02
C LYS D 261 -19.71 21.17 29.85
N ALA D 262 -18.98 20.18 30.35
CA ALA D 262 -19.55 19.16 31.23
C ALA D 262 -20.03 19.79 32.54
N TYR D 263 -19.21 20.65 33.11
CA TYR D 263 -19.58 21.40 34.30
C TYR D 263 -20.91 22.13 34.09
N ASP D 264 -21.00 22.92 33.01
CA ASP D 264 -22.21 23.67 32.72
C ASP D 264 -23.42 22.76 32.53
N ALA D 265 -23.19 21.61 31.91
CA ALA D 265 -24.31 20.71 31.58
C ALA D 265 -24.74 19.86 32.76
N VAL D 266 -23.84 19.61 33.69
CA VAL D 266 -24.14 18.66 34.74
C VAL D 266 -24.90 19.37 35.87
N GLU D 267 -25.81 18.64 36.50
CA GLU D 267 -26.57 19.21 37.61
C GLU D 267 -25.62 19.42 38.78
N PRO D 268 -25.71 20.58 39.46
CA PRO D 268 -24.91 20.77 40.67
C PRO D 268 -25.09 19.59 41.61
N GLY D 269 -23.99 19.09 42.15
CA GLY D 269 -24.01 17.84 42.89
C GLY D 269 -23.69 16.67 41.98
N GLY D 270 -23.71 16.91 40.67
CA GLY D 270 -23.42 15.83 39.73
C GLY D 270 -21.95 15.48 39.59
N ARG D 271 -21.66 14.34 38.97
CA ARG D 271 -20.28 13.87 38.83
C ARG D 271 -19.71 13.97 37.38
N VAL D 272 -18.41 14.19 37.28
CA VAL D 272 -17.73 13.99 35.99
C VAL D 272 -16.71 12.86 36.16
N LEU D 273 -16.69 11.97 35.17
CA LEU D 273 -15.78 10.83 35.17
C LEU D 273 -14.96 10.84 33.88
N VAL D 274 -13.64 10.71 34.03
CA VAL D 274 -12.72 10.62 32.90
C VAL D 274 -12.08 9.25 32.95
N PHE D 275 -12.47 8.39 32.02
CA PHE D 275 -11.98 7.02 31.95
C PHE D 275 -11.14 6.80 30.70
N ASN D 276 -9.88 6.43 30.90
CA ASN D 276 -8.98 6.10 29.79
C ASN D 276 -7.68 5.54 30.34
N ALA D 277 -6.74 5.22 29.45
CA ALA D 277 -5.38 4.89 29.87
C ALA D 277 -4.75 6.14 30.48
N PHE D 278 -3.93 5.95 31.51
CA PHE D 278 -3.17 7.04 32.12
C PHE D 278 -1.67 6.76 32.17
N THR D 279 -0.88 7.82 32.03
CA THR D 279 0.57 7.76 32.21
C THR D 279 0.89 8.04 33.68
N ASP D 280 1.84 7.31 34.27
CA ASP D 280 2.24 7.57 35.66
C ASP D 280 2.81 8.97 35.83
N ASP D 281 2.52 9.59 36.97
CA ASP D 281 2.95 10.95 37.22
C ASP D 281 4.47 11.09 37.22
N ASP D 282 5.20 10.02 37.55
CA ASP D 282 6.68 10.11 37.53
C ASP D 282 7.26 9.95 36.12
N ARG D 283 6.38 9.77 35.13
CA ARG D 283 6.75 9.66 33.73
C ARG D 283 7.73 8.53 33.44
N THR D 284 7.56 7.39 34.11
CA THR D 284 8.44 6.24 33.91
C THR D 284 7.73 5.12 33.17
N GLY D 285 6.43 5.29 32.94
CA GLY D 285 5.60 4.26 32.34
C GLY D 285 4.15 4.57 32.66
N PRO D 286 3.28 3.55 32.66
CA PRO D 286 3.61 2.14 32.37
C PRO D 286 3.93 1.87 30.89
N LEU D 287 4.57 0.74 30.61
CA LEU D 287 5.01 0.38 29.27
C LEU D 287 3.85 0.43 28.27
N TYR D 288 2.72 -0.18 28.64
CA TYR D 288 1.49 -0.17 27.83
C TYR D 288 1.16 1.24 27.32
N ALA D 289 1.16 2.22 28.21
CA ALA D 289 0.88 3.61 27.85
C ALA D 289 2.02 4.24 27.03
N ALA D 290 3.26 3.94 27.42
CA ALA D 290 4.42 4.48 26.71
C ALA D 290 4.45 4.02 25.25
N LEU D 291 3.92 2.84 25.00
CA LEU D 291 3.88 2.26 23.66
C LEU D 291 2.60 2.61 22.90
N ASP D 292 1.47 2.63 23.60
CA ASP D 292 0.20 2.97 22.98
C ASP D 292 0.28 4.40 22.45
N ASN D 293 1.14 5.22 23.06
CA ASN D 293 1.34 6.59 22.60
C ASN D 293 1.75 6.71 21.14
N VAL D 294 2.33 5.66 20.57
CA VAL D 294 2.73 5.73 19.17
C VAL D 294 1.47 5.89 18.29
N TYR D 295 0.43 5.11 18.60
CA TYR D 295 -0.88 5.28 17.97
C TYR D 295 -1.39 6.72 18.11
N PHE D 296 -1.40 7.22 19.34
CA PHE D 296 -1.96 8.55 19.60
C PHE D 296 -1.14 9.67 18.92
N THR D 297 0.18 9.50 18.87
CA THR D 297 1.03 10.49 18.22
C THR D 297 0.80 10.51 16.70
N THR D 298 0.55 9.34 16.12
CA THR D 298 0.48 9.21 14.67
C THR D 298 -0.90 9.40 14.05
N LEU D 299 -1.99 9.11 14.77
CA LEU D 299 -3.29 8.99 14.09
C LEU D 299 -4.45 9.96 14.46
N PRO D 300 -4.95 9.89 15.71
CA PRO D 300 -6.28 10.52 15.92
C PRO D 300 -6.31 12.03 15.68
N PHE D 301 -5.38 12.75 16.30
CA PHE D 301 -5.36 14.19 16.24
C PHE D 301 -3.94 14.65 16.57
N ARG D 302 -3.60 15.87 16.18
CA ARG D 302 -2.23 16.37 16.34
C ARG D 302 -1.83 16.60 17.80
N HIS D 303 -2.80 16.56 18.73
CA HIS D 303 -2.44 16.75 20.14
C HIS D 303 -2.56 15.48 20.99
N SER D 304 -3.11 14.41 20.41
CA SER D 304 -3.45 13.20 21.17
C SER D 304 -2.25 12.64 21.94
N THR D 305 -2.50 12.25 23.18
CA THR D 305 -1.47 11.60 23.99
C THR D 305 -2.14 11.03 25.24
N ILE D 306 -1.53 10.00 25.82
CA ILE D 306 -2.02 9.50 27.10
C ILE D 306 -1.50 10.42 28.20
N HIS D 307 -2.40 11.25 28.71
CA HIS D 307 -2.03 12.25 29.69
C HIS D 307 -1.76 11.59 31.05
N ARG D 308 -1.00 12.29 31.89
CA ARG D 308 -0.74 11.90 33.28
C ARG D 308 -1.95 12.10 34.18
N TRP D 309 -2.07 11.27 35.23
CA TRP D 309 -3.16 11.37 36.19
C TRP D 309 -3.28 12.79 36.74
N ALA D 310 -2.14 13.35 37.14
CA ALA D 310 -2.11 14.64 37.82
C ALA D 310 -2.51 15.79 36.91
N ASP D 311 -2.14 15.73 35.64
CA ASP D 311 -2.52 16.79 34.71
C ASP D 311 -4.03 16.76 34.51
N CYS D 312 -4.60 15.57 34.39
CA CYS D 312 -6.05 15.40 34.22
C CYS D 312 -6.82 15.92 35.44
N GLU D 313 -6.38 15.51 36.65
CA GLU D 313 -6.98 16.02 37.89
C GLU D 313 -6.94 17.54 37.92
N SER D 314 -5.83 18.10 37.48
CA SER D 314 -5.62 19.54 37.48
C SER D 314 -6.62 20.28 36.59
N TRP D 315 -6.96 19.72 35.43
CA TRP D 315 -7.96 20.33 34.56
C TRP D 315 -9.36 20.29 35.19
N LEU D 316 -9.68 19.19 35.88
CA LEU D 316 -10.98 19.10 36.52
C LEU D 316 -11.12 20.26 37.50
N ARG D 317 -10.11 20.44 38.34
CA ARG D 317 -10.12 21.52 39.33
C ARG D 317 -10.25 22.87 38.66
N GLU D 318 -9.48 23.10 37.61
CA GLU D 318 -9.54 24.38 36.88
C GLU D 318 -10.90 24.61 36.21
N ALA D 319 -11.57 23.52 35.82
CA ALA D 319 -12.91 23.63 35.21
C ALA D 319 -13.97 23.89 36.27
N GLY D 320 -13.59 23.74 37.54
CA GLY D 320 -14.45 24.08 38.65
C GLY D 320 -14.92 22.93 39.51
N PHE D 321 -14.59 21.69 39.14
CA PHE D 321 -15.04 20.54 39.92
C PHE D 321 -14.25 20.43 41.21
N THR D 322 -14.87 19.84 42.22
CA THR D 322 -14.23 19.64 43.51
C THR D 322 -14.29 18.17 43.88
N ASP D 323 -13.65 17.82 44.99
CA ASP D 323 -13.55 16.44 45.43
C ASP D 323 -12.94 15.61 44.30
N VAL D 324 -11.88 16.16 43.70
CA VAL D 324 -11.23 15.54 42.54
C VAL D 324 -10.23 14.48 43.00
N GLY D 325 -10.29 13.31 42.38
CA GLY D 325 -9.42 12.21 42.78
C GLY D 325 -9.34 11.16 41.70
N ARG D 326 -8.64 10.07 42.02
CA ARG D 326 -8.37 9.02 41.03
C ARG D 326 -8.63 7.62 41.58
N THR D 327 -8.93 6.69 40.68
CA THR D 327 -9.04 5.27 41.01
C THR D 327 -7.94 4.51 40.27
N ALA D 328 -6.97 3.97 41.02
CA ALA D 328 -5.79 3.26 40.47
C ALA D 328 -6.15 2.03 39.63
N PRO D 329 -5.23 1.62 38.74
CA PRO D 329 -5.47 0.41 37.94
C PRO D 329 -5.57 -0.84 38.81
N PRO D 330 -6.65 -1.62 38.63
CA PRO D 330 -6.82 -2.92 39.29
C PRO D 330 -6.23 -4.09 38.51
N GLY D 331 -5.50 -3.81 37.42
CA GLY D 331 -4.94 -4.87 36.60
C GLY D 331 -3.63 -4.54 35.90
N TRP D 332 -3.37 -5.28 34.82
CA TRP D 332 -2.13 -5.16 34.05
C TRP D 332 -2.20 -4.03 33.01
N THR D 333 -3.42 -3.55 32.72
CA THR D 333 -3.60 -2.43 31.82
C THR D 333 -3.60 -1.12 32.63
N PRO D 334 -3.19 -0.01 31.99
CA PRO D 334 -2.99 1.24 32.74
C PRO D 334 -4.24 2.13 32.82
N HIS D 335 -5.41 1.52 32.75
CA HIS D 335 -6.66 2.28 32.75
C HIS D 335 -7.19 2.57 34.16
N GLY D 336 -7.72 3.78 34.32
CA GLY D 336 -8.34 4.18 35.58
C GLY D 336 -9.40 5.23 35.34
N VAL D 337 -9.89 5.82 36.43
CA VAL D 337 -10.89 6.88 36.37
C VAL D 337 -10.43 8.07 37.21
N VAL D 338 -10.46 9.26 36.60
CA VAL D 338 -10.29 10.49 37.37
C VAL D 338 -11.71 11.09 37.50
N SER D 339 -12.07 11.47 38.71
CA SER D 339 -13.46 11.88 39.00
C SER D 339 -13.55 13.18 39.82
N GLY D 340 -14.67 13.89 39.68
CA GLY D 340 -14.91 15.11 40.42
C GLY D 340 -16.39 15.39 40.55
N SER D 341 -16.73 16.40 41.35
CA SER D 341 -18.13 16.80 41.54
C SER D 341 -18.35 18.25 41.19
N ARG D 342 -19.51 18.57 40.63
CA ARG D 342 -19.88 19.97 40.51
C ARG D 342 -20.43 20.40 41.86
N PRO D 343 -19.77 21.36 42.53
CA PRO D 343 -20.11 21.73 43.91
C PRO D 343 -21.46 22.42 44.04
N ARG D 344 -22.10 22.22 45.19
CA ARG D 344 -23.31 22.92 45.58
C ARG D 344 -23.00 24.10 46.51
#